data_6GB1
# 
_entry.id   6GB1 
# 
_audit_conform.dict_name       mmcif_pdbx.dic 
_audit_conform.dict_version    5.383 
_audit_conform.dict_location   http://mmcif.pdb.org/dictionaries/ascii/mmcif_pdbx.dic 
# 
loop_
_database_2.database_id 
_database_2.database_code 
_database_2.pdbx_database_accession 
_database_2.pdbx_DOI 
PDB   6GB1         pdb_00006gb1 10.2210/pdb6gb1/pdb 
WWPDB D_1200009677 ?            ?                   
# 
loop_
_pdbx_audit_revision_history.ordinal 
_pdbx_audit_revision_history.data_content_type 
_pdbx_audit_revision_history.major_revision 
_pdbx_audit_revision_history.minor_revision 
_pdbx_audit_revision_history.revision_date 
1 'Structure model' 1 0 2018-06-20 
2 'Structure model' 1 1 2018-07-25 
3 'Structure model' 1 2 2024-01-17 
# 
_pdbx_audit_revision_details.ordinal             1 
_pdbx_audit_revision_details.revision_ordinal    1 
_pdbx_audit_revision_details.data_content_type   'Structure model' 
_pdbx_audit_revision_details.provider            repository 
_pdbx_audit_revision_details.type                'Initial release' 
_pdbx_audit_revision_details.description         ? 
_pdbx_audit_revision_details.details             ? 
# 
loop_
_pdbx_audit_revision_group.ordinal 
_pdbx_audit_revision_group.revision_ordinal 
_pdbx_audit_revision_group.data_content_type 
_pdbx_audit_revision_group.group 
1 2 'Structure model' 'Data collection'        
2 2 'Structure model' 'Database references'    
3 3 'Structure model' 'Data collection'        
4 3 'Structure model' 'Database references'    
5 3 'Structure model' 'Refinement description' 
# 
loop_
_pdbx_audit_revision_category.ordinal 
_pdbx_audit_revision_category.revision_ordinal 
_pdbx_audit_revision_category.data_content_type 
_pdbx_audit_revision_category.category 
1 2 'Structure model' citation                      
2 2 'Structure model' citation_author               
3 3 'Structure model' chem_comp_atom                
4 3 'Structure model' chem_comp_bond                
5 3 'Structure model' database_2                    
6 3 'Structure model' pdbx_initial_refinement_model 
7 3 'Structure model' software                      
# 
loop_
_pdbx_audit_revision_item.ordinal 
_pdbx_audit_revision_item.revision_ordinal 
_pdbx_audit_revision_item.data_content_type 
_pdbx_audit_revision_item.item 
1 2 'Structure model' '_citation.journal_volume'            
2 2 'Structure model' '_citation.page_first'                
3 2 'Structure model' '_citation.page_last'                 
4 2 'Structure model' '_citation.title'                     
5 2 'Structure model' '_citation_author.name'               
6 3 'Structure model' '_database_2.pdbx_DOI'                
7 3 'Structure model' '_database_2.pdbx_database_accession' 
8 3 'Structure model' '_software.name'                      
# 
_pdbx_database_status.status_code                     REL 
_pdbx_database_status.status_code_sf                  REL 
_pdbx_database_status.status_code_mr                  ? 
_pdbx_database_status.entry_id                        6GB1 
_pdbx_database_status.recvd_initial_deposition_date   2018-04-13 
_pdbx_database_status.SG_entry                        N 
_pdbx_database_status.deposit_site                    PDBE 
_pdbx_database_status.process_site                    PDBE 
_pdbx_database_status.status_code_cs                  ? 
_pdbx_database_status.methods_development_category    ? 
_pdbx_database_status.pdb_format_compatible           Y 
_pdbx_database_status.status_code_nmr_data            ? 
# 
loop_
_audit_author.name 
_audit_author.pdbx_ordinal 
_audit_author.identifier_ORCID 
'Schreuder, H.A.' 1 0000-0003-2249-2782 
'Liesum, A.'      2 ?                   
# 
_citation.abstract                  ? 
_citation.abstract_id_CAS           ? 
_citation.book_id_ISBN              ? 
_citation.book_publisher            ? 
_citation.book_publisher_city       ? 
_citation.book_title                ? 
_citation.coordinate_linkage        ? 
_citation.country                   US 
_citation.database_id_Medline       ? 
_citation.details                   ? 
_citation.id                        primary 
_citation.journal_abbrev            'J. Med. Chem.' 
_citation.journal_id_ASTM           JMCMAR 
_citation.journal_id_CSD            0151 
_citation.journal_id_ISSN           1520-4804 
_citation.journal_full              ? 
_citation.journal_issue             ? 
_citation.journal_volume            61 
_citation.language                  ? 
_citation.page_first                5580 
_citation.page_last                 5593 
_citation.title                     
'Dual Glucagon-like Peptide 1 (GLP-1)/Glucagon Receptor Agonists Specifically Optimized for Multidose Formulations.' 
_citation.year                      2018 
_citation.database_id_CSD           ? 
_citation.pdbx_database_id_DOI      10.1021/acs.jmedchem.8b00292 
_citation.pdbx_database_id_PubMed   29879354 
_citation.unpublished_flag          ? 
# 
loop_
_citation_author.citation_id 
_citation_author.name 
_citation_author.ordinal 
_citation_author.identifier_ORCID 
primary 'Evers, A.'          1  ? 
primary 'Bossart, M.'        2  ? 
primary 'Pfeiffer-Marek, S.' 3  ? 
primary 'Elvert, R.'         4  ? 
primary 'Schreuder, H.'      5  ? 
primary 'Kurz, M.'           6  ? 
primary 'Stengelin, S.'      7  ? 
primary 'Lorenz, M.'         8  ? 
primary 'Herling, A.'        9  ? 
primary 'Konkar, A.'         10 ? 
primary 'Lukasczyk, U.'      11 ? 
primary 'Pfenninger, A.'     12 ? 
primary 'Lorenz, K.'         13 ? 
primary 'Haack, T.'          14 ? 
primary 'Kadereit, D.'       15 ? 
primary 'Wagner, M.'         16 ? 
# 
loop_
_entity.id 
_entity.type 
_entity.src_method 
_entity.pdbx_description 
_entity.formula_weight 
_entity.pdbx_number_of_molecules 
_entity.pdbx_ec 
_entity.pdbx_mutation 
_entity.pdbx_fragment 
_entity.details 
1 polymer     man 'Glucagon-like peptide 1 receptor' 14833.366 1  ? ? ? ? 
2 polymer     syn 'Peptide 11'                       3243.687  1  ? ? ? 
'N-terminally truncated Dual Glucagon-like Peptide 1 (GLP-1)/Glucagon Receptor Agonist' 
3 non-polymer syn 'SULFATE ION'                      96.063    2  ? ? ? ? 
4 non-polymer syn HEXANE-1,6-DIOL                    118.174   2  ? ? ? ? 
5 water       nat water                              18.015    42 ? ? ? ? 
# 
_entity_name_com.entity_id   1 
_entity_name_com.name        GLP-1R 
# 
loop_
_entity_poly.entity_id 
_entity_poly.type 
_entity_poly.nstd_linkage 
_entity_poly.nstd_monomer 
_entity_poly.pdbx_seq_one_letter_code 
_entity_poly.pdbx_seq_one_letter_code_can 
_entity_poly.pdbx_strand_id 
_entity_poly.pdbx_target_identifier 
1 'polypeptide(L)' no no  
;GSHAGPRPQGATVSLWETVQKWREYRRQCQRSLTEDPPPATDLFCNRTFDEYACWPDGEPGSFVNVSCPWYLPWASSVPQ
GHVYRFCTAEGLWLQKDNSSLPWRDLSECEESKRGERSSPEEQLLFLY
;
;GSHAGPRPQGATVSLWETVQKWREYRRQCQRSLTEDPPPATDLFCNRTFDEYACWPDGEPGSFVNVSCPWYLPWASSVPQ
GHVYRFCTAEGLWLQKDNSSLPWRDLSECEESKRGERSSPEEQLLFLY
;
A ? 
2 'polypeptide(L)' no yes 'DLSKQLDEQCAKLFIEWL(AIB)AGGPSSGAPPPC(NH2)' DLSKQLDEQCAKLFIEWLAAGGPSSGAPPPCX B ? 
# 
loop_
_pdbx_entity_nonpoly.entity_id 
_pdbx_entity_nonpoly.name 
_pdbx_entity_nonpoly.comp_id 
3 'SULFATE ION'   SO4 
4 HEXANE-1,6-DIOL HEZ 
5 water           HOH 
# 
loop_
_entity_poly_seq.entity_id 
_entity_poly_seq.num 
_entity_poly_seq.mon_id 
_entity_poly_seq.hetero 
1 1   GLY n 
1 2   SER n 
1 3   HIS n 
1 4   ALA n 
1 5   GLY n 
1 6   PRO n 
1 7   ARG n 
1 8   PRO n 
1 9   GLN n 
1 10  GLY n 
1 11  ALA n 
1 12  THR n 
1 13  VAL n 
1 14  SER n 
1 15  LEU n 
1 16  TRP n 
1 17  GLU n 
1 18  THR n 
1 19  VAL n 
1 20  GLN n 
1 21  LYS n 
1 22  TRP n 
1 23  ARG n 
1 24  GLU n 
1 25  TYR n 
1 26  ARG n 
1 27  ARG n 
1 28  GLN n 
1 29  CYS n 
1 30  GLN n 
1 31  ARG n 
1 32  SER n 
1 33  LEU n 
1 34  THR n 
1 35  GLU n 
1 36  ASP n 
1 37  PRO n 
1 38  PRO n 
1 39  PRO n 
1 40  ALA n 
1 41  THR n 
1 42  ASP n 
1 43  LEU n 
1 44  PHE n 
1 45  CYS n 
1 46  ASN n 
1 47  ARG n 
1 48  THR n 
1 49  PHE n 
1 50  ASP n 
1 51  GLU n 
1 52  TYR n 
1 53  ALA n 
1 54  CYS n 
1 55  TRP n 
1 56  PRO n 
1 57  ASP n 
1 58  GLY n 
1 59  GLU n 
1 60  PRO n 
1 61  GLY n 
1 62  SER n 
1 63  PHE n 
1 64  VAL n 
1 65  ASN n 
1 66  VAL n 
1 67  SER n 
1 68  CYS n 
1 69  PRO n 
1 70  TRP n 
1 71  TYR n 
1 72  LEU n 
1 73  PRO n 
1 74  TRP n 
1 75  ALA n 
1 76  SER n 
1 77  SER n 
1 78  VAL n 
1 79  PRO n 
1 80  GLN n 
1 81  GLY n 
1 82  HIS n 
1 83  VAL n 
1 84  TYR n 
1 85  ARG n 
1 86  PHE n 
1 87  CYS n 
1 88  THR n 
1 89  ALA n 
1 90  GLU n 
1 91  GLY n 
1 92  LEU n 
1 93  TRP n 
1 94  LEU n 
1 95  GLN n 
1 96  LYS n 
1 97  ASP n 
1 98  ASN n 
1 99  SER n 
1 100 SER n 
1 101 LEU n 
1 102 PRO n 
1 103 TRP n 
1 104 ARG n 
1 105 ASP n 
1 106 LEU n 
1 107 SER n 
1 108 GLU n 
1 109 CYS n 
1 110 GLU n 
1 111 GLU n 
1 112 SER n 
1 113 LYS n 
1 114 ARG n 
1 115 GLY n 
1 116 GLU n 
1 117 ARG n 
1 118 SER n 
1 119 SER n 
1 120 PRO n 
1 121 GLU n 
1 122 GLU n 
1 123 GLN n 
1 124 LEU n 
1 125 LEU n 
1 126 PHE n 
1 127 LEU n 
1 128 TYR n 
2 1   ASP n 
2 2   LEU n 
2 3   SER n 
2 4   LYS n 
2 5   GLN n 
2 6   LEU n 
2 7   ASP n 
2 8   GLU n 
2 9   GLN n 
2 10  CYS n 
2 11  ALA n 
2 12  LYS n 
2 13  LEU n 
2 14  PHE n 
2 15  ILE n 
2 16  GLU n 
2 17  TRP n 
2 18  LEU n 
2 19  AIB n 
2 20  ALA n 
2 21  GLY n 
2 22  GLY n 
2 23  PRO n 
2 24  SER n 
2 25  SER n 
2 26  GLY n 
2 27  ALA n 
2 28  PRO n 
2 29  PRO n 
2 30  PRO n 
2 31  CYS n 
2 32  NH2 n 
# 
_entity_src_gen.entity_id                          1 
_entity_src_gen.pdbx_src_id                        1 
_entity_src_gen.pdbx_alt_source_flag               sample 
_entity_src_gen.pdbx_seq_type                      'Biological sequence' 
_entity_src_gen.pdbx_beg_seq_num                   1 
_entity_src_gen.pdbx_end_seq_num                   128 
_entity_src_gen.gene_src_common_name               Human 
_entity_src_gen.gene_src_genus                     ? 
_entity_src_gen.pdbx_gene_src_gene                 GLP1R 
_entity_src_gen.gene_src_species                   ? 
_entity_src_gen.gene_src_strain                    ? 
_entity_src_gen.gene_src_tissue                    ? 
_entity_src_gen.gene_src_tissue_fraction           ? 
_entity_src_gen.gene_src_details                   ? 
_entity_src_gen.pdbx_gene_src_fragment             ? 
_entity_src_gen.pdbx_gene_src_scientific_name      'Homo sapiens' 
_entity_src_gen.pdbx_gene_src_ncbi_taxonomy_id     9606 
_entity_src_gen.pdbx_gene_src_variant              ? 
_entity_src_gen.pdbx_gene_src_cell_line            ? 
_entity_src_gen.pdbx_gene_src_atcc                 ? 
_entity_src_gen.pdbx_gene_src_organ                ? 
_entity_src_gen.pdbx_gene_src_organelle            ? 
_entity_src_gen.pdbx_gene_src_cell                 ? 
_entity_src_gen.pdbx_gene_src_cellular_location    ? 
_entity_src_gen.host_org_common_name               ? 
_entity_src_gen.pdbx_host_org_scientific_name      'Escherichia coli' 
_entity_src_gen.pdbx_host_org_ncbi_taxonomy_id     562 
_entity_src_gen.host_org_genus                     ? 
_entity_src_gen.pdbx_host_org_gene                 ? 
_entity_src_gen.pdbx_host_org_organ                ? 
_entity_src_gen.host_org_species                   ? 
_entity_src_gen.pdbx_host_org_tissue               ? 
_entity_src_gen.pdbx_host_org_tissue_fraction      ? 
_entity_src_gen.pdbx_host_org_strain               ? 
_entity_src_gen.pdbx_host_org_variant              ? 
_entity_src_gen.pdbx_host_org_cell_line            ? 
_entity_src_gen.pdbx_host_org_atcc                 ? 
_entity_src_gen.pdbx_host_org_culture_collection   ? 
_entity_src_gen.pdbx_host_org_cell                 ? 
_entity_src_gen.pdbx_host_org_organelle            ? 
_entity_src_gen.pdbx_host_org_cellular_location    ? 
_entity_src_gen.pdbx_host_org_vector_type          ? 
_entity_src_gen.pdbx_host_org_vector               ? 
_entity_src_gen.host_org_details                   ? 
_entity_src_gen.expression_system_id               ? 
_entity_src_gen.plasmid_name                       pD14 
_entity_src_gen.plasmid_details                    ? 
_entity_src_gen.pdbx_description                   ? 
# 
_pdbx_entity_src_syn.entity_id              2 
_pdbx_entity_src_syn.pdbx_src_id            1 
_pdbx_entity_src_syn.pdbx_alt_source_flag   sample 
_pdbx_entity_src_syn.pdbx_beg_seq_num       1 
_pdbx_entity_src_syn.pdbx_end_seq_num       32 
_pdbx_entity_src_syn.organism_scientific    'synthetic construct' 
_pdbx_entity_src_syn.organism_common_name   ? 
_pdbx_entity_src_syn.ncbi_taxonomy_id       32630 
_pdbx_entity_src_syn.details                ? 
# 
loop_
_chem_comp.id 
_chem_comp.type 
_chem_comp.mon_nstd_flag 
_chem_comp.name 
_chem_comp.pdbx_synonyms 
_chem_comp.formula 
_chem_comp.formula_weight 
AIB 'L-peptide linking' n 'ALPHA-AMINOISOBUTYRIC ACID' ? 'C4 H9 N O2'     103.120 
ALA 'L-peptide linking' y ALANINE                      ? 'C3 H7 N O2'     89.093  
ARG 'L-peptide linking' y ARGININE                     ? 'C6 H15 N4 O2 1' 175.209 
ASN 'L-peptide linking' y ASPARAGINE                   ? 'C4 H8 N2 O3'    132.118 
ASP 'L-peptide linking' y 'ASPARTIC ACID'              ? 'C4 H7 N O4'     133.103 
CYS 'L-peptide linking' y CYSTEINE                     ? 'C3 H7 N O2 S'   121.158 
GLN 'L-peptide linking' y GLUTAMINE                    ? 'C5 H10 N2 O3'   146.144 
GLU 'L-peptide linking' y 'GLUTAMIC ACID'              ? 'C5 H9 N O4'     147.129 
GLY 'peptide linking'   y GLYCINE                      ? 'C2 H5 N O2'     75.067  
HEZ non-polymer         . HEXANE-1,6-DIOL              ? 'C6 H14 O2'      118.174 
HIS 'L-peptide linking' y HISTIDINE                    ? 'C6 H10 N3 O2 1' 156.162 
HOH non-polymer         . WATER                        ? 'H2 O'           18.015  
ILE 'L-peptide linking' y ISOLEUCINE                   ? 'C6 H13 N O2'    131.173 
LEU 'L-peptide linking' y LEUCINE                      ? 'C6 H13 N O2'    131.173 
LYS 'L-peptide linking' y LYSINE                       ? 'C6 H15 N2 O2 1' 147.195 
NH2 non-polymer         . 'AMINO GROUP'                ? 'H2 N'           16.023  
PHE 'L-peptide linking' y PHENYLALANINE                ? 'C9 H11 N O2'    165.189 
PRO 'L-peptide linking' y PROLINE                      ? 'C5 H9 N O2'     115.130 
SER 'L-peptide linking' y SERINE                       ? 'C3 H7 N O3'     105.093 
SO4 non-polymer         . 'SULFATE ION'                ? 'O4 S -2'        96.063  
THR 'L-peptide linking' y THREONINE                    ? 'C4 H9 N O3'     119.119 
TRP 'L-peptide linking' y TRYPTOPHAN                   ? 'C11 H12 N2 O2'  204.225 
TYR 'L-peptide linking' y TYROSINE                     ? 'C9 H11 N O3'    181.189 
VAL 'L-peptide linking' y VALINE                       ? 'C5 H11 N O2'    117.146 
# 
loop_
_pdbx_poly_seq_scheme.asym_id 
_pdbx_poly_seq_scheme.entity_id 
_pdbx_poly_seq_scheme.seq_id 
_pdbx_poly_seq_scheme.mon_id 
_pdbx_poly_seq_scheme.ndb_seq_num 
_pdbx_poly_seq_scheme.pdb_seq_num 
_pdbx_poly_seq_scheme.auth_seq_num 
_pdbx_poly_seq_scheme.pdb_mon_id 
_pdbx_poly_seq_scheme.auth_mon_id 
_pdbx_poly_seq_scheme.pdb_strand_id 
_pdbx_poly_seq_scheme.pdb_ins_code 
_pdbx_poly_seq_scheme.hetero 
A 1 1   GLY 1   18  ?   ?   ?   A . n 
A 1 2   SER 2   19  ?   ?   ?   A . n 
A 1 3   HIS 3   20  ?   ?   ?   A . n 
A 1 4   ALA 4   21  ?   ?   ?   A . n 
A 1 5   GLY 5   22  ?   ?   ?   A . n 
A 1 6   PRO 6   23  ?   ?   ?   A . n 
A 1 7   ARG 7   24  ?   ?   ?   A . n 
A 1 8   PRO 8   25  ?   ?   ?   A . n 
A 1 9   GLN 9   26  ?   ?   ?   A . n 
A 1 10  GLY 10  27  27  GLY GLY A . n 
A 1 11  ALA 11  28  28  ALA ALA A . n 
A 1 12  THR 12  29  29  THR THR A . n 
A 1 13  VAL 13  30  30  VAL VAL A . n 
A 1 14  SER 14  31  31  SER SER A . n 
A 1 15  LEU 15  32  32  LEU LEU A . n 
A 1 16  TRP 16  33  33  TRP TRP A . n 
A 1 17  GLU 17  34  34  GLU GLU A . n 
A 1 18  THR 18  35  35  THR THR A . n 
A 1 19  VAL 19  36  36  VAL VAL A . n 
A 1 20  GLN 20  37  37  GLN GLN A . n 
A 1 21  LYS 21  38  38  LYS LYS A . n 
A 1 22  TRP 22  39  39  TRP TRP A . n 
A 1 23  ARG 23  40  40  ARG ARG A . n 
A 1 24  GLU 24  41  41  GLU GLU A . n 
A 1 25  TYR 25  42  42  TYR TYR A . n 
A 1 26  ARG 26  43  43  ARG ARG A . n 
A 1 27  ARG 27  44  44  ARG ARG A . n 
A 1 28  GLN 28  45  45  GLN GLN A . n 
A 1 29  CYS 29  46  46  CYS CYS A . n 
A 1 30  GLN 30  47  47  GLN GLN A . n 
A 1 31  ARG 31  48  48  ARG ARG A . n 
A 1 32  SER 32  49  49  SER SER A . n 
A 1 33  LEU 33  50  50  LEU LEU A . n 
A 1 34  THR 34  51  51  THR THR A . n 
A 1 35  GLU 35  52  52  GLU GLU A . n 
A 1 36  ASP 36  53  53  ASP ASP A . n 
A 1 37  PRO 37  54  54  PRO PRO A . n 
A 1 38  PRO 38  55  55  PRO PRO A . n 
A 1 39  PRO 39  56  56  PRO PRO A . n 
A 1 40  ALA 40  57  57  ALA ALA A . n 
A 1 41  THR 41  58  58  THR THR A . n 
A 1 42  ASP 42  59  59  ASP ASP A . n 
A 1 43  LEU 43  60  60  LEU LEU A . n 
A 1 44  PHE 44  61  61  PHE PHE A . n 
A 1 45  CYS 45  62  62  CYS CYS A . n 
A 1 46  ASN 46  63  63  ASN ASN A . n 
A 1 47  ARG 47  64  64  ARG ARG A . n 
A 1 48  THR 48  65  65  THR THR A . n 
A 1 49  PHE 49  66  66  PHE PHE A . n 
A 1 50  ASP 50  67  67  ASP ASP A . n 
A 1 51  GLU 51  68  68  GLU GLU A . n 
A 1 52  TYR 52  69  69  TYR TYR A . n 
A 1 53  ALA 53  70  70  ALA ALA A . n 
A 1 54  CYS 54  71  71  CYS CYS A . n 
A 1 55  TRP 55  72  72  TRP TRP A . n 
A 1 56  PRO 56  73  73  PRO PRO A . n 
A 1 57  ASP 57  74  74  ASP ASP A . n 
A 1 58  GLY 58  75  75  GLY GLY A . n 
A 1 59  GLU 59  76  76  GLU GLU A . n 
A 1 60  PRO 60  77  77  PRO PRO A . n 
A 1 61  GLY 61  78  78  GLY GLY A . n 
A 1 62  SER 62  79  79  SER SER A . n 
A 1 63  PHE 63  80  80  PHE PHE A . n 
A 1 64  VAL 64  81  81  VAL VAL A . n 
A 1 65  ASN 65  82  82  ASN ASN A . n 
A 1 66  VAL 66  83  83  VAL VAL A . n 
A 1 67  SER 67  84  84  SER SER A . n 
A 1 68  CYS 68  85  85  CYS CYS A . n 
A 1 69  PRO 69  86  86  PRO PRO A . n 
A 1 70  TRP 70  87  87  TRP TRP A . n 
A 1 71  TYR 71  88  88  TYR TYR A . n 
A 1 72  LEU 72  89  89  LEU LEU A . n 
A 1 73  PRO 73  90  90  PRO PRO A . n 
A 1 74  TRP 74  91  91  TRP TRP A . n 
A 1 75  ALA 75  92  92  ALA ALA A . n 
A 1 76  SER 76  93  93  SER SER A . n 
A 1 77  SER 77  94  94  SER SER A . n 
A 1 78  VAL 78  95  95  VAL VAL A . n 
A 1 79  PRO 79  96  96  PRO PRO A . n 
A 1 80  GLN 80  97  97  GLN GLN A . n 
A 1 81  GLY 81  98  98  GLY GLY A . n 
A 1 82  HIS 82  99  99  HIS HIS A . n 
A 1 83  VAL 83  100 100 VAL VAL A . n 
A 1 84  TYR 84  101 101 TYR TYR A . n 
A 1 85  ARG 85  102 102 ARG ARG A . n 
A 1 86  PHE 86  103 103 PHE PHE A . n 
A 1 87  CYS 87  104 104 CYS CYS A . n 
A 1 88  THR 88  105 105 THR THR A . n 
A 1 89  ALA 89  106 106 ALA ALA A . n 
A 1 90  GLU 90  107 107 GLU GLU A . n 
A 1 91  GLY 91  108 108 GLY GLY A . n 
A 1 92  LEU 92  109 109 LEU LEU A . n 
A 1 93  TRP 93  110 110 TRP TRP A . n 
A 1 94  LEU 94  111 111 LEU LEU A . n 
A 1 95  GLN 95  112 112 GLN GLN A . n 
A 1 96  LYS 96  113 113 LYS LYS A . n 
A 1 97  ASP 97  114 114 ASP ASP A . n 
A 1 98  ASN 98  115 115 ASN ASN A . n 
A 1 99  SER 99  116 116 SER SER A . n 
A 1 100 SER 100 117 117 SER SER A . n 
A 1 101 LEU 101 118 118 LEU LEU A . n 
A 1 102 PRO 102 119 119 PRO PRO A . n 
A 1 103 TRP 103 120 120 TRP TRP A . n 
A 1 104 ARG 104 121 121 ARG ARG A . n 
A 1 105 ASP 105 122 122 ASP ASP A . n 
A 1 106 LEU 106 123 123 LEU LEU A . n 
A 1 107 SER 107 124 124 SER SER A . n 
A 1 108 GLU 108 125 125 GLU GLU A . n 
A 1 109 CYS 109 126 126 CYS CYS A . n 
A 1 110 GLU 110 127 127 GLU GLU A . n 
A 1 111 GLU 111 128 128 GLU GLU A . n 
A 1 112 SER 112 129 129 SER SER A . n 
A 1 113 LYS 113 130 130 LYS LYS A . n 
A 1 114 ARG 114 131 131 ARG ARG A . n 
A 1 115 GLY 115 132 132 GLY GLY A . n 
A 1 116 GLU 116 133 133 GLU GLU A . n 
A 1 117 ARG 117 134 ?   ?   ?   A . n 
A 1 118 SER 118 135 ?   ?   ?   A . n 
A 1 119 SER 119 136 ?   ?   ?   A . n 
A 1 120 PRO 120 137 ?   ?   ?   A . n 
A 1 121 GLU 121 138 ?   ?   ?   A . n 
A 1 122 GLU 122 139 ?   ?   ?   A . n 
A 1 123 GLN 123 140 ?   ?   ?   A . n 
A 1 124 LEU 124 141 ?   ?   ?   A . n 
A 1 125 LEU 125 142 ?   ?   ?   A . n 
A 1 126 PHE 126 143 ?   ?   ?   A . n 
A 1 127 LEU 127 144 ?   ?   ?   A . n 
A 1 128 TYR 128 145 ?   ?   ?   A . n 
B 2 1   ASP 1   9   9   ASP ASP B . n 
B 2 2   LEU 2   10  10  LEU LEU B . n 
B 2 3   SER 3   11  11  SER SER B . n 
B 2 4   LYS 4   12  12  LYS LYS B . n 
B 2 5   GLN 5   13  13  GLN GLN B . n 
B 2 6   LEU 6   14  14  LEU LEU B . n 
B 2 7   ASP 7   15  15  ASP ASP B . n 
B 2 8   GLU 8   16  16  GLU GLU B . n 
B 2 9   GLN 9   17  17  GLN GLN B . n 
B 2 10  CYS 10  18  18  CYS CYS B . n 
B 2 11  ALA 11  19  19  ALA ALA B . n 
B 2 12  LYS 12  20  20  LYS LYS B . n 
B 2 13  LEU 13  21  21  LEU LEU B . n 
B 2 14  PHE 14  22  22  PHE PHE B . n 
B 2 15  ILE 15  23  23  ILE ILE B . n 
B 2 16  GLU 16  24  24  GLU GLU B . n 
B 2 17  TRP 17  25  25  TRP TRP B . n 
B 2 18  LEU 18  26  26  LEU LEU B . n 
B 2 19  AIB 19  27  27  AIB AIB B . n 
B 2 20  ALA 20  28  28  ALA ALA B . n 
B 2 21  GLY 21  29  29  GLY GLY B . n 
B 2 22  GLY 22  30  30  GLY GLY B . n 
B 2 23  PRO 23  31  31  PRO PRO B . n 
B 2 24  SER 24  32  32  SER SER B . n 
B 2 25  SER 25  33  33  SER SER B . n 
B 2 26  GLY 26  34  34  GLY GLY B . n 
B 2 27  ALA 27  35  35  ALA ALA B . n 
B 2 28  PRO 28  36  36  PRO PRO B . n 
B 2 29  PRO 29  37  37  PRO PRO B . n 
B 2 30  PRO 30  38  38  PRO PRO B . n 
B 2 31  CYS 31  39  39  CYS CYS B . n 
B 2 32  NH2 32  40  40  NH2 NH2 B . n 
# 
loop_
_pdbx_nonpoly_scheme.asym_id 
_pdbx_nonpoly_scheme.entity_id 
_pdbx_nonpoly_scheme.mon_id 
_pdbx_nonpoly_scheme.ndb_seq_num 
_pdbx_nonpoly_scheme.pdb_seq_num 
_pdbx_nonpoly_scheme.auth_seq_num 
_pdbx_nonpoly_scheme.pdb_mon_id 
_pdbx_nonpoly_scheme.auth_mon_id 
_pdbx_nonpoly_scheme.pdb_strand_id 
_pdbx_nonpoly_scheme.pdb_ins_code 
C 3 SO4 1  201 3  SO4 SO4 A . 
D 3 SO4 1  202 4  SO4 SO4 A . 
E 4 HEZ 1  203 2  HEZ HEZ A . 
F 4 HEZ 1  101 1  HEZ HEZ B . 
G 5 HOH 1  301 12 HOH HOH A . 
G 5 HOH 2  302 15 HOH HOH A . 
G 5 HOH 3  303 6  HOH HOH A . 
G 5 HOH 4  304 14 HOH HOH A . 
G 5 HOH 5  305 29 HOH HOH A . 
G 5 HOH 6  306 16 HOH HOH A . 
G 5 HOH 7  307 13 HOH HOH A . 
G 5 HOH 8  308 11 HOH HOH A . 
G 5 HOH 9  309 34 HOH HOH A . 
G 5 HOH 10 310 2  HOH HOH A . 
G 5 HOH 11 311 1  HOH HOH A . 
G 5 HOH 12 312 18 HOH HOH A . 
G 5 HOH 13 313 4  HOH HOH A . 
G 5 HOH 14 314 32 HOH HOH A . 
G 5 HOH 15 315 24 HOH HOH A . 
G 5 HOH 16 316 8  HOH HOH A . 
G 5 HOH 17 317 19 HOH HOH A . 
G 5 HOH 18 318 35 HOH HOH A . 
G 5 HOH 19 319 38 HOH HOH A . 
G 5 HOH 20 320 42 HOH HOH A . 
G 5 HOH 21 321 22 HOH HOH A . 
G 5 HOH 22 322 25 HOH HOH A . 
G 5 HOH 23 323 26 HOH HOH A . 
G 5 HOH 24 324 40 HOH HOH A . 
G 5 HOH 25 325 17 HOH HOH A . 
G 5 HOH 26 326 37 HOH HOH A . 
G 5 HOH 27 327 23 HOH HOH A . 
G 5 HOH 28 328 27 HOH HOH A . 
G 5 HOH 29 329 5  HOH HOH A . 
G 5 HOH 30 330 20 HOH HOH A . 
G 5 HOH 31 331 33 HOH HOH A . 
G 5 HOH 32 332 36 HOH HOH A . 
G 5 HOH 33 333 30 HOH HOH A . 
G 5 HOH 34 334 31 HOH HOH A . 
G 5 HOH 35 335 21 HOH HOH A . 
G 5 HOH 36 336 10 HOH HOH A . 
G 5 HOH 37 337 7  HOH HOH A . 
G 5 HOH 38 338 41 HOH HOH A . 
G 5 HOH 39 339 39 HOH HOH A . 
H 5 HOH 1  201 28 HOH HOH B . 
H 5 HOH 2  202 3  HOH HOH B . 
H 5 HOH 3  203 9  HOH HOH B . 
# 
loop_
_pdbx_unobs_or_zero_occ_atoms.id 
_pdbx_unobs_or_zero_occ_atoms.PDB_model_num 
_pdbx_unobs_or_zero_occ_atoms.polymer_flag 
_pdbx_unobs_or_zero_occ_atoms.occupancy_flag 
_pdbx_unobs_or_zero_occ_atoms.auth_asym_id 
_pdbx_unobs_or_zero_occ_atoms.auth_comp_id 
_pdbx_unobs_or_zero_occ_atoms.auth_seq_id 
_pdbx_unobs_or_zero_occ_atoms.PDB_ins_code 
_pdbx_unobs_or_zero_occ_atoms.auth_atom_id 
_pdbx_unobs_or_zero_occ_atoms.label_alt_id 
_pdbx_unobs_or_zero_occ_atoms.label_asym_id 
_pdbx_unobs_or_zero_occ_atoms.label_comp_id 
_pdbx_unobs_or_zero_occ_atoms.label_seq_id 
_pdbx_unobs_or_zero_occ_atoms.label_atom_id 
1  1 Y 1 A ARG 131 ? NE  ? A ARG 114 NE  
2  1 Y 1 A ARG 131 ? CZ  ? A ARG 114 CZ  
3  1 Y 1 A ARG 131 ? NH1 ? A ARG 114 NH1 
4  1 Y 1 A ARG 131 ? NH2 ? A ARG 114 NH2 
5  1 Y 1 A GLU 133 ? CG  ? A GLU 116 CG  
6  1 Y 1 A GLU 133 ? CD  ? A GLU 116 CD  
7  1 Y 1 A GLU 133 ? OE1 ? A GLU 116 OE1 
8  1 Y 1 A GLU 133 ? OE2 ? A GLU 116 OE2 
9  1 Y 1 B ASP 9   ? CG  ? B ASP 1   CG  
10 1 Y 1 B ASP 9   ? OD1 ? B ASP 1   OD1 
11 1 Y 1 B ASP 9   ? OD2 ? B ASP 1   OD2 
12 1 Y 1 B LEU 10  ? CG  ? B LEU 2   CG  
13 1 Y 1 B LEU 10  ? CD1 ? B LEU 2   CD1 
14 1 Y 1 B LEU 10  ? CD2 ? B LEU 2   CD2 
15 1 Y 1 B SER 11  ? OG  ? B SER 3   OG  
16 1 Y 1 B LYS 12  ? CG  ? B LYS 4   CG  
17 1 Y 1 B LYS 12  ? CD  ? B LYS 4   CD  
18 1 Y 1 B LYS 12  ? CE  ? B LYS 4   CE  
19 1 Y 1 B LYS 12  ? NZ  ? B LYS 4   NZ  
20 1 Y 1 B GLN 13  ? CG  ? B GLN 5   CG  
21 1 Y 1 B GLN 13  ? CD  ? B GLN 5   CD  
22 1 Y 1 B GLN 13  ? OE1 ? B GLN 5   OE1 
23 1 Y 1 B GLN 13  ? NE2 ? B GLN 5   NE2 
# 
loop_
_software.citation_id 
_software.classification 
_software.compiler_name 
_software.compiler_version 
_software.contact_author 
_software.contact_author_email 
_software.date 
_software.description 
_software.dependencies 
_software.hardware 
_software.language 
_software.location 
_software.mods 
_software.name 
_software.os 
_software.os_version 
_software.type 
_software.version 
_software.pdbx_ordinal 
? refinement       ? ? ? ? ? ? ? ? ? ? ? BUSTER   ? ? ? 2.11.7                1 
? 'data reduction' ? ? ? ? ? ? ? ? ? ? ? XDS      ? ? ? '(VERSION November 3' 2 
? 'data scaling'   ? ? ? ? ? ? ? ? ? ? ? autoPROC ? ? ? '(Version 1.1.6)'     3 
? 'data scaling'   ? ? ? ? ? ? ? ? ? ? ? SCALA    ? ? ? .                     4 
? phasing          ? ? ? ? ? ? ? ? ? ? ? PHASER   ? ? ? .                     5 
# 
_cell.entry_id           6GB1 
_cell.length_a           55.550 
_cell.length_b           55.550 
_cell.length_c           138.830 
_cell.angle_alpha        90.00 
_cell.angle_beta         90.00 
_cell.angle_gamma        90.00 
_cell.Z_PDB              8 
_cell.pdbx_unique_axis   ? 
# 
_symmetry.entry_id                         6GB1 
_symmetry.space_group_name_H-M             'P 43 21 2' 
_symmetry.pdbx_full_space_group_name_H-M   ? 
_symmetry.cell_setting                     ? 
_symmetry.Int_Tables_number                96 
# 
_exptl.absorpt_coefficient_mu     ? 
_exptl.absorpt_correction_T_max   ? 
_exptl.absorpt_correction_T_min   ? 
_exptl.absorpt_correction_type    ? 
_exptl.absorpt_process_details    ? 
_exptl.entry_id                   6GB1 
_exptl.crystals_number            1 
_exptl.details                    ? 
_exptl.method                     'X-RAY DIFFRACTION' 
_exptl.method_details             ? 
# 
_exptl_crystal.colour                      ? 
_exptl_crystal.density_diffrn              ? 
_exptl_crystal.density_Matthews            3.42 
_exptl_crystal.density_method              ? 
_exptl_crystal.density_percent_sol         64.02 
_exptl_crystal.description                 ? 
_exptl_crystal.F_000                       ? 
_exptl_crystal.id                          1 
_exptl_crystal.preparation                 ? 
_exptl_crystal.size_max                    ? 
_exptl_crystal.size_mid                    ? 
_exptl_crystal.size_min                    ? 
_exptl_crystal.size_rad                    ? 
_exptl_crystal.colour_lustre               ? 
_exptl_crystal.colour_modifier             ? 
_exptl_crystal.colour_primary              ? 
_exptl_crystal.density_meas                ? 
_exptl_crystal.density_meas_esd            ? 
_exptl_crystal.density_meas_gt             ? 
_exptl_crystal.density_meas_lt             ? 
_exptl_crystal.density_meas_temp           ? 
_exptl_crystal.density_meas_temp_esd       ? 
_exptl_crystal.density_meas_temp_gt        ? 
_exptl_crystal.density_meas_temp_lt        ? 
_exptl_crystal.pdbx_crystal_image_url      ? 
_exptl_crystal.pdbx_crystal_image_format   ? 
_exptl_crystal.pdbx_mosaicity              ? 
_exptl_crystal.pdbx_mosaicity_esd          ? 
# 
_exptl_crystal_grow.apparatus       ? 
_exptl_crystal_grow.atmosphere      ? 
_exptl_crystal_grow.crystal_id      1 
_exptl_crystal_grow.details         ? 
_exptl_crystal_grow.method          'VAPOR DIFFUSION, HANGING DROP' 
_exptl_crystal_grow.method_ref      ? 
_exptl_crystal_grow.pH              7.5 
_exptl_crystal_grow.pressure        ? 
_exptl_crystal_grow.pressure_esd    ? 
_exptl_crystal_grow.seeding         ? 
_exptl_crystal_grow.seeding_ref     ? 
_exptl_crystal_grow.temp            292 
_exptl_crystal_grow.temp_details    ? 
_exptl_crystal_grow.temp_esd        ? 
_exptl_crystal_grow.time            ? 
_exptl_crystal_grow.pdbx_details    
;A 6-fold excess of peptide 11 was dissolved in a solution of 12 mg/ml GLP1R-ECD in 10 mM Tris buffer pH 7.5, 100 mM NaSulfate and 2% glycerol. 100 nl of this protein solution plus 100 nl reservoir solution were equilibrated against reservoir solution consisting of 10 mM CoCl2, 9.4 % (v/v) 1,6-hexanediol and 100 mM NaAcetate, pH 4.8. Crystals appeared after about one week.
;
_exptl_crystal_grow.pdbx_pH_range   ? 
# 
_diffrn.ambient_environment    ? 
_diffrn.ambient_temp           100 
_diffrn.ambient_temp_details   ? 
_diffrn.ambient_temp_esd       ? 
_diffrn.crystal_id             1 
_diffrn.crystal_support        ? 
_diffrn.crystal_treatment      ? 
_diffrn.details                ? 
_diffrn.id                     1 
_diffrn.ambient_pressure       ? 
_diffrn.ambient_pressure_esd   ? 
_diffrn.ambient_pressure_gt    ? 
_diffrn.ambient_pressure_lt    ? 
_diffrn.ambient_temp_gt        ? 
_diffrn.ambient_temp_lt        ? 
# 
_diffrn_detector.details                      ? 
_diffrn_detector.detector                     PIXEL 
_diffrn_detector.diffrn_id                    1 
_diffrn_detector.type                         'DECTRIS PILATUS 6M' 
_diffrn_detector.area_resol_mean              ? 
_diffrn_detector.dtime                        ? 
_diffrn_detector.pdbx_frames_total            ? 
_diffrn_detector.pdbx_collection_time_total   ? 
_diffrn_detector.pdbx_collection_date         2017-04-09 
# 
_diffrn_radiation.collimation                      ? 
_diffrn_radiation.diffrn_id                        1 
_diffrn_radiation.filter_edge                      ? 
_diffrn_radiation.inhomogeneity                    ? 
_diffrn_radiation.monochromator                    ? 
_diffrn_radiation.polarisn_norm                    ? 
_diffrn_radiation.polarisn_ratio                   ? 
_diffrn_radiation.probe                            ? 
_diffrn_radiation.type                             ? 
_diffrn_radiation.xray_symbol                      ? 
_diffrn_radiation.wavelength_id                    1 
_diffrn_radiation.pdbx_monochromatic_or_laue_m_l   M 
_diffrn_radiation.pdbx_wavelength_list             ? 
_diffrn_radiation.pdbx_wavelength                  ? 
_diffrn_radiation.pdbx_diffrn_protocol             'SINGLE WAVELENGTH' 
_diffrn_radiation.pdbx_analyzer                    ? 
_diffrn_radiation.pdbx_scattering_type             x-ray 
# 
_diffrn_radiation_wavelength.id           1 
_diffrn_radiation_wavelength.wavelength   0.999920 
_diffrn_radiation_wavelength.wt           1.0 
# 
_diffrn_source.current                     ? 
_diffrn_source.details                     ? 
_diffrn_source.diffrn_id                   1 
_diffrn_source.power                       ? 
_diffrn_source.size                        ? 
_diffrn_source.source                      SYNCHROTRON 
_diffrn_source.target                      ? 
_diffrn_source.type                        'SLS BEAMLINE X10SA' 
_diffrn_source.voltage                     ? 
_diffrn_source.take-off_angle              ? 
_diffrn_source.pdbx_wavelength_list        0.999920 
_diffrn_source.pdbx_wavelength             ? 
_diffrn_source.pdbx_synchrotron_beamline   X10SA 
_diffrn_source.pdbx_synchrotron_site       SLS 
# 
_reflns.pdbx_diffrn_id               1 
_reflns.pdbx_ordinal                 1 
_reflns.entry_id                     6GB1 
_reflns.observed_criterion_sigma_I   ? 
_reflns.observed_criterion_sigma_F   ? 
_reflns.d_resolution_low             51.57 
_reflns.d_resolution_high            2.73 
_reflns.number_obs                   6336 
_reflns.number_all                   ? 
_reflns.percent_possible_obs         100.0 
_reflns.pdbx_Rmerge_I_obs            0.075 
_reflns.pdbx_Rsym_value              0.075 
_reflns.pdbx_netI_over_sigmaI        22.0 
_reflns.B_iso_Wilson_estimate        95.53 
_reflns.pdbx_redundancy              12.0 
_reflns.pdbx_CC_half                 ? 
_reflns.pdbx_Rpim_I_all              ? 
_reflns.pdbx_Rrim_I_all              ? 
# 
_reflns_shell.pdbx_diffrn_id         1 
_reflns_shell.pdbx_ordinal           1 
_reflns_shell.d_res_high             2.73 
_reflns_shell.d_res_low              2.87 
_reflns_shell.percent_possible_all   100.0 
_reflns_shell.Rmerge_I_obs           1.096 
_reflns_shell.pdbx_Rsym_value        1.096 
_reflns_shell.meanI_over_sigI_obs    2.3 
_reflns_shell.pdbx_redundancy        12.8 
_reflns_shell.number_measured_obs    ? 
_reflns_shell.number_unique_all      ? 
_reflns_shell.number_unique_obs      ? 
_reflns_shell.pdbx_CC_half           ? 
_reflns_shell.pdbx_Rpim_I_all        ? 
_reflns_shell.pdbx_Rrim_I_all        ? 
# 
_refine.pdbx_refine_id                           'X-RAY DIFFRACTION' 
_refine.entry_id                                 6GB1 
_refine.pdbx_diffrn_id                           1 
_refine.pdbx_TLS_residual_ADP_flag               ? 
_refine.ls_number_reflns_obs                     6273 
_refine.ls_number_reflns_all                     ? 
_refine.pdbx_ls_sigma_I                          ? 
_refine.pdbx_ls_sigma_F                          0.000 
_refine.pdbx_data_cutoff_high_absF               ? 
_refine.pdbx_data_cutoff_low_absF                ? 
_refine.pdbx_data_cutoff_high_rms_absF           ? 
_refine.ls_d_res_low                             51.57 
_refine.ls_d_res_high                            2.73 
_refine.ls_percent_reflns_obs                    100.0 
_refine.ls_R_factor_obs                          0.208 
_refine.ls_R_factor_all                          ? 
_refine.ls_R_factor_R_work                       0.205 
_refine.ls_R_factor_R_free                       0.262 
_refine.ls_R_factor_R_free_error                 ? 
_refine.ls_R_factor_R_free_error_details         ? 
_refine.ls_percent_reflns_R_free                 4.910 
_refine.ls_number_reflns_R_free                  308 
_refine.ls_number_parameters                     ? 
_refine.ls_number_restraints                     ? 
_refine.occupancy_min                            ? 
_refine.occupancy_max                            ? 
_refine.correlation_coeff_Fo_to_Fc               0.925 
_refine.correlation_coeff_Fo_to_Fc_free          0.907 
_refine.B_iso_mean                               83.65 
_refine.aniso_B[1][1]                            9.75690 
_refine.aniso_B[2][2]                            9.75690 
_refine.aniso_B[3][3]                            -19.51390 
_refine.aniso_B[1][2]                            0.00000 
_refine.aniso_B[1][3]                            0.00000 
_refine.aniso_B[2][3]                            0.00000 
_refine.solvent_model_details                    ? 
_refine.solvent_model_param_ksol                 ? 
_refine.solvent_model_param_bsol                 ? 
_refine.pdbx_solvent_vdw_probe_radii             ? 
_refine.pdbx_solvent_ion_probe_radii             ? 
_refine.pdbx_solvent_shrinkage_radii             ? 
_refine.pdbx_ls_cross_valid_method               THROUGHOUT 
_refine.details                                  ? 
_refine.pdbx_starting_model                      3c59 
_refine.pdbx_method_to_determine_struct          'MOLECULAR REPLACEMENT' 
_refine.pdbx_isotropic_thermal_model             ? 
_refine.pdbx_stereochemistry_target_values       ? 
_refine.pdbx_stereochem_target_val_spec_case     ? 
_refine.pdbx_R_Free_selection_details            RANDOM 
_refine.pdbx_overall_ESU_R                       ? 
_refine.pdbx_overall_ESU_R_Free                  ? 
_refine.overall_SU_ML                            ? 
_refine.pdbx_overall_phase_error                 ? 
_refine.overall_SU_B                             ? 
_refine.overall_SU_R_Cruickshank_DPI             0.478 
_refine.pdbx_overall_SU_R_free_Cruickshank_DPI   0.308 
_refine.pdbx_overall_SU_R_Blow_DPI               0.615 
_refine.pdbx_overall_SU_R_free_Blow_DPI          0.320 
# 
_refine_analyze.pdbx_refine_id                  'X-RAY DIFFRACTION' 
_refine_analyze.entry_id                        6GB1 
_refine_analyze.Luzzati_coordinate_error_obs    0.35 
_refine_analyze.Luzzati_sigma_a_obs             ? 
_refine_analyze.Luzzati_d_res_low_obs           ? 
_refine_analyze.Luzzati_coordinate_error_free   ? 
_refine_analyze.Luzzati_sigma_a_free            ? 
_refine_analyze.Luzzati_d_res_low_free          ? 
_refine_analyze.number_disordered_residues      ? 
_refine_analyze.occupancy_sum_hydrogen          ? 
_refine_analyze.occupancy_sum_non_hydrogen      ? 
# 
_refine_hist.pdbx_refine_id                   'X-RAY DIFFRACTION' 
_refine_hist.cycle_id                         LAST 
_refine_hist.pdbx_number_atoms_protein        1075 
_refine_hist.pdbx_number_atoms_nucleic_acid   0 
_refine_hist.pdbx_number_atoms_ligand         33 
_refine_hist.number_atoms_solvent             42 
_refine_hist.number_atoms_total               1150 
_refine_hist.d_res_high                       2.73 
_refine_hist.d_res_low                        51.57 
# 
loop_
_refine_ls_restr.type 
_refine_ls_restr.dev_ideal 
_refine_ls_restr.dev_ideal_target 
_refine_ls_restr.weight 
_refine_ls_restr.number 
_refine_ls_restr.pdbx_refine_id 
_refine_ls_restr.pdbx_restraint_function 
t_bond_d                  0.010 ? 2.00  1167 'X-RAY DIFFRACTION' HARMONIC     
t_angle_deg               1.18  ? 2.00  1597 'X-RAY DIFFRACTION' HARMONIC     
t_dihedral_angle_d        ?     ? 2.00  374  'X-RAY DIFFRACTION' SINUSOIDAL   
t_incorr_chiral_ct        ?     ? ?     ?    'X-RAY DIFFRACTION' ?            
t_pseud_angle             ?     ? ?     ?    'X-RAY DIFFRACTION' ?            
t_trig_c_planes           ?     ? 2.00  28   'X-RAY DIFFRACTION' HARMONIC     
t_gen_planes              ?     ? 5.00  166  'X-RAY DIFFRACTION' HARMONIC     
t_it                      ?     ? 20.00 1167 'X-RAY DIFFRACTION' HARMONIC     
t_nbd                     ?     ? ?     ?    'X-RAY DIFFRACTION' ?            
t_omega_torsion           3.36  ? ?     ?    'X-RAY DIFFRACTION' ?            
t_other_torsion           22.38 ? ?     ?    'X-RAY DIFFRACTION' ?            
t_improper_torsion        ?     ? ?     ?    'X-RAY DIFFRACTION' ?            
t_chiral_improper_torsion ?     ? 5.00  137  'X-RAY DIFFRACTION' SEMIHARMONIC 
t_sum_occupancies         ?     ? 1.00  2    'X-RAY DIFFRACTION' HARMONIC     
t_utility_distance        ?     ? ?     ?    'X-RAY DIFFRACTION' ?            
t_utility_angle           ?     ? ?     ?    'X-RAY DIFFRACTION' ?            
t_utility_torsion         ?     ? ?     ?    'X-RAY DIFFRACTION' ?            
t_ideal_dist_contact      ?     ? 4.00  1275 'X-RAY DIFFRACTION' SEMIHARMONIC 
# 
_refine_ls_shell.pdbx_refine_id                   'X-RAY DIFFRACTION' 
_refine_ls_shell.pdbx_total_number_of_bins_used   5 
_refine_ls_shell.d_res_high                       2.73 
_refine_ls_shell.d_res_low                        3.05 
_refine_ls_shell.number_reflns_R_work             1636 
_refine_ls_shell.R_factor_R_work                  0.2439 
_refine_ls_shell.percent_reflns_obs               100.00 
_refine_ls_shell.R_factor_R_free                  0.3134 
_refine_ls_shell.R_factor_R_free_error            ? 
_refine_ls_shell.percent_reflns_R_free            5.49 
_refine_ls_shell.number_reflns_R_free             ? 
_refine_ls_shell.number_reflns_all                1731 
_refine_ls_shell.R_factor_all                     0.2477 
_refine_ls_shell.R_factor_obs                     ? 
_refine_ls_shell.number_reflns_obs                ? 
# 
_struct.entry_id                     6GB1 
_struct.title                        'Crystal structure of the GLP1 receptor ECD with Peptide 11' 
_struct.pdbx_model_details           ? 
_struct.pdbx_formula_weight          ? 
_struct.pdbx_formula_weight_method   ? 
_struct.pdbx_model_type_details      ? 
_struct.pdbx_CASP_flag               N 
# 
_struct_keywords.entry_id        6GB1 
_struct_keywords.text            
'Glucagon-like Peptide 1 Protein-Peptide complex Incretins Diabetes drug discovery, PEPTIDE BINDING PROTEIN' 
_struct_keywords.pdbx_keywords   'PEPTIDE BINDING PROTEIN' 
# 
loop_
_struct_asym.id 
_struct_asym.pdbx_blank_PDB_chainid_flag 
_struct_asym.pdbx_modified 
_struct_asym.entity_id 
_struct_asym.details 
A N N 1 ? 
B N N 2 ? 
C N N 3 ? 
D N N 3 ? 
E N N 4 ? 
F N N 4 ? 
G N N 5 ? 
H N N 5 ? 
# 
loop_
_struct_ref.id 
_struct_ref.db_name 
_struct_ref.db_code 
_struct_ref.pdbx_db_accession 
_struct_ref.pdbx_db_isoform 
_struct_ref.entity_id 
_struct_ref.pdbx_seq_one_letter_code 
_struct_ref.pdbx_align_begin 
1 UNP GLP1R_HUMAN P43220 ? 1 
;AGPRPQGATVSLWETVQKWREYRRQCQRSLTEDPPPATDLFCNRTFDEYACWPDGEPGSFVNVSCPWYLPWASSVPQGHV
YRFCTAEGLWLQKDNSSLPWRDLSECEESKRGERSSPEEQLLFLY
;
21 
2 PDB 6GB1        6GB1   ? 2 ? 1  
# 
loop_
_struct_ref_seq.align_id 
_struct_ref_seq.ref_id 
_struct_ref_seq.pdbx_PDB_id_code 
_struct_ref_seq.pdbx_strand_id 
_struct_ref_seq.seq_align_beg 
_struct_ref_seq.pdbx_seq_align_beg_ins_code 
_struct_ref_seq.seq_align_end 
_struct_ref_seq.pdbx_seq_align_end_ins_code 
_struct_ref_seq.pdbx_db_accession 
_struct_ref_seq.db_align_beg 
_struct_ref_seq.pdbx_db_align_beg_ins_code 
_struct_ref_seq.db_align_end 
_struct_ref_seq.pdbx_db_align_end_ins_code 
_struct_ref_seq.pdbx_auth_seq_align_beg 
_struct_ref_seq.pdbx_auth_seq_align_end 
1 1 6GB1 A 4 ? 128 ? P43220 21 ? 145 ? 21 145 
2 2 6GB1 B 1 ? 32  ? 6GB1   9  ? 40  ? 9  40  
# 
loop_
_struct_ref_seq_dif.align_id 
_struct_ref_seq_dif.pdbx_pdb_id_code 
_struct_ref_seq_dif.mon_id 
_struct_ref_seq_dif.pdbx_pdb_strand_id 
_struct_ref_seq_dif.seq_num 
_struct_ref_seq_dif.pdbx_pdb_ins_code 
_struct_ref_seq_dif.pdbx_seq_db_name 
_struct_ref_seq_dif.pdbx_seq_db_accession_code 
_struct_ref_seq_dif.db_mon_id 
_struct_ref_seq_dif.pdbx_seq_db_seq_num 
_struct_ref_seq_dif.details 
_struct_ref_seq_dif.pdbx_auth_seq_num 
_struct_ref_seq_dif.pdbx_ordinal 
1 6GB1 GLY A 1 ? UNP P43220 ? ? 'expression tag' 18 1 
1 6GB1 SER A 2 ? UNP P43220 ? ? 'expression tag' 19 2 
1 6GB1 HIS A 3 ? UNP P43220 ? ? 'expression tag' 20 3 
# 
_pdbx_struct_assembly.id                   1 
_pdbx_struct_assembly.details              author_and_software_defined_assembly 
_pdbx_struct_assembly.method_details       PISA 
_pdbx_struct_assembly.oligomeric_details   dimeric 
_pdbx_struct_assembly.oligomeric_count     2 
# 
loop_
_pdbx_struct_assembly_prop.biol_id 
_pdbx_struct_assembly_prop.type 
_pdbx_struct_assembly_prop.value 
_pdbx_struct_assembly_prop.details 
1 'ABSA (A^2)' 2500 ? 
1 MORE         -32  ? 
1 'SSA (A^2)'  8540 ? 
# 
_pdbx_struct_assembly_gen.assembly_id       1 
_pdbx_struct_assembly_gen.oper_expression   1 
_pdbx_struct_assembly_gen.asym_id_list      A,B,C,D,E,F,G,H 
# 
_pdbx_struct_assembly_auth_evidence.id                     1 
_pdbx_struct_assembly_auth_evidence.assembly_id            1 
_pdbx_struct_assembly_auth_evidence.experimental_support   none 
_pdbx_struct_assembly_auth_evidence.details                ? 
# 
_pdbx_struct_oper_list.id                   1 
_pdbx_struct_oper_list.type                 'identity operation' 
_pdbx_struct_oper_list.name                 1_555 
_pdbx_struct_oper_list.symmetry_operation   x,y,z 
_pdbx_struct_oper_list.matrix[1][1]         1.0000000000 
_pdbx_struct_oper_list.matrix[1][2]         0.0000000000 
_pdbx_struct_oper_list.matrix[1][3]         0.0000000000 
_pdbx_struct_oper_list.vector[1]            0.0000000000 
_pdbx_struct_oper_list.matrix[2][1]         0.0000000000 
_pdbx_struct_oper_list.matrix[2][2]         1.0000000000 
_pdbx_struct_oper_list.matrix[2][3]         0.0000000000 
_pdbx_struct_oper_list.vector[2]            0.0000000000 
_pdbx_struct_oper_list.matrix[3][1]         0.0000000000 
_pdbx_struct_oper_list.matrix[3][2]         0.0000000000 
_pdbx_struct_oper_list.matrix[3][3]         1.0000000000 
_pdbx_struct_oper_list.vector[3]            0.0000000000 
# 
loop_
_struct_conf.conf_type_id 
_struct_conf.id 
_struct_conf.pdbx_PDB_helix_id 
_struct_conf.beg_label_comp_id 
_struct_conf.beg_label_asym_id 
_struct_conf.beg_label_seq_id 
_struct_conf.pdbx_beg_PDB_ins_code 
_struct_conf.end_label_comp_id 
_struct_conf.end_label_asym_id 
_struct_conf.end_label_seq_id 
_struct_conf.pdbx_end_PDB_ins_code 
_struct_conf.beg_auth_comp_id 
_struct_conf.beg_auth_asym_id 
_struct_conf.beg_auth_seq_id 
_struct_conf.end_auth_comp_id 
_struct_conf.end_auth_asym_id 
_struct_conf.end_auth_seq_id 
_struct_conf.pdbx_PDB_helix_class 
_struct_conf.details 
_struct_conf.pdbx_PDB_helix_length 
HELX_P HELX_P1 AA1 SER A 14  ? ASP A 36  ? SER A 31  ASP A 53  1 ? 23 
HELX_P HELX_P2 AA2 LEU A 72  ? VAL A 78  ? LEU A 89  VAL A 95  5 ? 7  
HELX_P HELX_P3 AA3 LEU A 106 ? GLU A 110 ? LEU A 123 GLU A 127 5 ? 5  
HELX_P HELX_P4 AA4 SER B 3   ? ALA B 20  ? SER B 11  ALA B 28  1 ? 18 
HELX_P HELX_P5 AA5 GLY B 21  ? GLY B 26  ? GLY B 29  GLY B 34  5 ? 6  
# 
_struct_conf_type.id          HELX_P 
_struct_conf_type.criteria    ? 
_struct_conf_type.reference   ? 
# 
loop_
_struct_conn.id 
_struct_conn.conn_type_id 
_struct_conn.pdbx_leaving_atom_flag 
_struct_conn.pdbx_PDB_id 
_struct_conn.ptnr1_label_asym_id 
_struct_conn.ptnr1_label_comp_id 
_struct_conn.ptnr1_label_seq_id 
_struct_conn.ptnr1_label_atom_id 
_struct_conn.pdbx_ptnr1_label_alt_id 
_struct_conn.pdbx_ptnr1_PDB_ins_code 
_struct_conn.pdbx_ptnr1_standard_comp_id 
_struct_conn.ptnr1_symmetry 
_struct_conn.ptnr2_label_asym_id 
_struct_conn.ptnr2_label_comp_id 
_struct_conn.ptnr2_label_seq_id 
_struct_conn.ptnr2_label_atom_id 
_struct_conn.pdbx_ptnr2_label_alt_id 
_struct_conn.pdbx_ptnr2_PDB_ins_code 
_struct_conn.ptnr1_auth_asym_id 
_struct_conn.ptnr1_auth_comp_id 
_struct_conn.ptnr1_auth_seq_id 
_struct_conn.ptnr2_auth_asym_id 
_struct_conn.ptnr2_auth_comp_id 
_struct_conn.ptnr2_auth_seq_id 
_struct_conn.ptnr2_symmetry 
_struct_conn.pdbx_ptnr3_label_atom_id 
_struct_conn.pdbx_ptnr3_label_seq_id 
_struct_conn.pdbx_ptnr3_label_comp_id 
_struct_conn.pdbx_ptnr3_label_asym_id 
_struct_conn.pdbx_ptnr3_label_alt_id 
_struct_conn.pdbx_ptnr3_PDB_ins_code 
_struct_conn.details 
_struct_conn.pdbx_dist_value 
_struct_conn.pdbx_value_order 
_struct_conn.pdbx_role 
disulf1 disulf ?    ? A CYS 29 SG ? ? ? 1_555 A CYS 54  SG ? ? A CYS 46 A CYS 71  1_555 ? ? ? ? ? ? ? 2.066 ? ? 
disulf2 disulf ?    ? A CYS 45 SG ? ? ? 1_555 A CYS 87  SG ? ? A CYS 62 A CYS 104 1_555 ? ? ? ? ? ? ? 2.045 ? ? 
disulf3 disulf ?    ? A CYS 68 SG ? ? ? 1_555 A CYS 109 SG ? ? A CYS 85 A CYS 126 1_555 ? ? ? ? ? ? ? 2.032 ? ? 
disulf4 disulf ?    ? B CYS 10 SG ? ? ? 1_555 B CYS 31  SG ? ? B CYS 18 B CYS 39  1_555 ? ? ? ? ? ? ? 2.045 ? ? 
covale1 covale both ? B LEU 18 C  ? ? ? 1_555 B AIB 19  N  ? ? B LEU 26 B AIB 27  1_555 ? ? ? ? ? ? ? 1.373 ? ? 
covale2 covale both ? B AIB 19 C  ? ? ? 1_555 B ALA 20  N  ? ? B AIB 27 B ALA 28  1_555 ? ? ? ? ? ? ? 1.352 ? ? 
covale3 covale both ? B CYS 31 C  ? ? ? 1_555 B NH2 32  N  ? ? B CYS 39 B NH2 40  1_555 ? ? ? ? ? ? ? 1.325 ? ? 
# 
loop_
_struct_conn_type.id 
_struct_conn_type.criteria 
_struct_conn_type.reference 
disulf ? ? 
covale ? ? 
# 
loop_
_struct_sheet.id 
_struct_sheet.type 
_struct_sheet.number_strands 
_struct_sheet.details 
AA1 ? 2 ? 
AA2 ? 2 ? 
# 
loop_
_struct_sheet_order.sheet_id 
_struct_sheet_order.range_id_1 
_struct_sheet_order.range_id_2 
_struct_sheet_order.offset 
_struct_sheet_order.sense 
AA1 1 2 ? anti-parallel 
AA2 1 2 ? anti-parallel 
# 
loop_
_struct_sheet_range.sheet_id 
_struct_sheet_range.id 
_struct_sheet_range.beg_label_comp_id 
_struct_sheet_range.beg_label_asym_id 
_struct_sheet_range.beg_label_seq_id 
_struct_sheet_range.pdbx_beg_PDB_ins_code 
_struct_sheet_range.end_label_comp_id 
_struct_sheet_range.end_label_asym_id 
_struct_sheet_range.end_label_seq_id 
_struct_sheet_range.pdbx_end_PDB_ins_code 
_struct_sheet_range.beg_auth_comp_id 
_struct_sheet_range.beg_auth_asym_id 
_struct_sheet_range.beg_auth_seq_id 
_struct_sheet_range.end_auth_comp_id 
_struct_sheet_range.end_auth_asym_id 
_struct_sheet_range.end_auth_seq_id 
AA1 1 THR A 48 ? PHE A 49 ? THR A 65 PHE A 66  
AA1 2 CYS A 54 ? TRP A 55 ? CYS A 71 TRP A 72  
AA2 1 SER A 62 ? SER A 67 ? SER A 79 SER A 84  
AA2 2 HIS A 82 ? CYS A 87 ? HIS A 99 CYS A 104 
# 
loop_
_pdbx_struct_sheet_hbond.sheet_id 
_pdbx_struct_sheet_hbond.range_id_1 
_pdbx_struct_sheet_hbond.range_id_2 
_pdbx_struct_sheet_hbond.range_1_label_atom_id 
_pdbx_struct_sheet_hbond.range_1_label_comp_id 
_pdbx_struct_sheet_hbond.range_1_label_asym_id 
_pdbx_struct_sheet_hbond.range_1_label_seq_id 
_pdbx_struct_sheet_hbond.range_1_PDB_ins_code 
_pdbx_struct_sheet_hbond.range_1_auth_atom_id 
_pdbx_struct_sheet_hbond.range_1_auth_comp_id 
_pdbx_struct_sheet_hbond.range_1_auth_asym_id 
_pdbx_struct_sheet_hbond.range_1_auth_seq_id 
_pdbx_struct_sheet_hbond.range_2_label_atom_id 
_pdbx_struct_sheet_hbond.range_2_label_comp_id 
_pdbx_struct_sheet_hbond.range_2_label_asym_id 
_pdbx_struct_sheet_hbond.range_2_label_seq_id 
_pdbx_struct_sheet_hbond.range_2_PDB_ins_code 
_pdbx_struct_sheet_hbond.range_2_auth_atom_id 
_pdbx_struct_sheet_hbond.range_2_auth_comp_id 
_pdbx_struct_sheet_hbond.range_2_auth_asym_id 
_pdbx_struct_sheet_hbond.range_2_auth_seq_id 
AA1 1 2 N THR A 48 ? N THR A 65 O TRP A 55 ? O TRP A 72  
AA2 1 2 N VAL A 66 ? N VAL A 83 O VAL A 83 ? O VAL A 100 
# 
loop_
_struct_site.id 
_struct_site.pdbx_evidence_code 
_struct_site.pdbx_auth_asym_id 
_struct_site.pdbx_auth_comp_id 
_struct_site.pdbx_auth_seq_id 
_struct_site.pdbx_auth_ins_code 
_struct_site.pdbx_num_residues 
_struct_site.details 
AC1 Software A SO4 201 ? 3 'binding site for residue SO4 A 201' 
AC2 Software A SO4 202 ? 4 'binding site for residue SO4 A 202' 
AC3 Software A HEZ 203 ? 4 'binding site for residue HEZ A 203' 
AC4 Software B HEZ 101 ? 6 'binding site for residue HEZ B 101' 
# 
loop_
_struct_site_gen.id 
_struct_site_gen.site_id 
_struct_site_gen.pdbx_num_res 
_struct_site_gen.label_comp_id 
_struct_site_gen.label_asym_id 
_struct_site_gen.label_seq_id 
_struct_site_gen.pdbx_auth_ins_code 
_struct_site_gen.auth_comp_id 
_struct_site_gen.auth_asym_id 
_struct_site_gen.auth_seq_id 
_struct_site_gen.label_atom_id 
_struct_site_gen.label_alt_id 
_struct_site_gen.symmetry 
_struct_site_gen.details 
1  AC1 3 ARG A 23  ? ARG A 40  . ? 1_555 ? 
2  AC1 3 ARG A 27  ? ARG A 44  . ? 1_555 ? 
3  AC1 3 LYS A 96  ? LYS A 113 . ? 5_444 ? 
4  AC2 4 TYR A 25  ? TYR A 42  . ? 1_555 ? 
5  AC2 4 GLN A 28  ? GLN A 45  . ? 1_555 ? 
6  AC2 4 CYS A 29  ? CYS A 46  . ? 1_555 ? 
7  AC2 4 CYS A 54  ? CYS A 71  . ? 1_555 ? 
8  AC3 4 TYR A 52  ? TYR A 69  . ? 1_555 ? 
9  AC3 4 CYS A 109 ? CYS A 126 . ? 1_555 ? 
10 AC3 4 GLU A 110 ? GLU A 127 . ? 1_555 ? 
11 AC3 4 GLU A 111 ? GLU A 128 . ? 1_555 ? 
12 AC4 6 VAL A 19  ? VAL A 36  . ? 1_555 ? 
13 AC4 6 PHE A 63  ? PHE A 80  . ? 5_444 ? 
14 AC4 6 ASP A 105 ? ASP A 122 . ? 5_444 ? 
15 AC4 6 PRO B 29  ? PRO B 37  . ? 1_555 ? 
16 AC4 6 PRO B 30  ? PRO B 38  . ? 1_555 ? 
17 AC4 6 CYS B 31  ? CYS B 39  . ? 1_555 ? 
# 
loop_
_pdbx_validate_torsion.id 
_pdbx_validate_torsion.PDB_model_num 
_pdbx_validate_torsion.auth_comp_id 
_pdbx_validate_torsion.auth_asym_id 
_pdbx_validate_torsion.auth_seq_id 
_pdbx_validate_torsion.PDB_ins_code 
_pdbx_validate_torsion.label_alt_id 
_pdbx_validate_torsion.phi 
_pdbx_validate_torsion.psi 
1 1 SER A 31  ? ? 82.67   143.69  
2 1 THR A 58  ? ? -146.33 21.47   
3 1 ASP A 59  ? ? 62.66   -75.59  
4 1 GLU A 68  ? ? 95.20   -31.21  
5 1 GLU A 128 ? ? -65.85  -72.55  
6 1 SER A 129 ? ? 83.59   136.09  
7 1 LYS A 130 ? ? -69.47  -164.24 
# 
_pdbx_struct_special_symmetry.id              1 
_pdbx_struct_special_symmetry.PDB_model_num   1 
_pdbx_struct_special_symmetry.auth_asym_id    A 
_pdbx_struct_special_symmetry.auth_comp_id    HOH 
_pdbx_struct_special_symmetry.auth_seq_id     331 
_pdbx_struct_special_symmetry.PDB_ins_code    ? 
_pdbx_struct_special_symmetry.label_asym_id   G 
_pdbx_struct_special_symmetry.label_comp_id   HOH 
_pdbx_struct_special_symmetry.label_seq_id    . 
# 
loop_
_pdbx_unobs_or_zero_occ_residues.id 
_pdbx_unobs_or_zero_occ_residues.PDB_model_num 
_pdbx_unobs_or_zero_occ_residues.polymer_flag 
_pdbx_unobs_or_zero_occ_residues.occupancy_flag 
_pdbx_unobs_or_zero_occ_residues.auth_asym_id 
_pdbx_unobs_or_zero_occ_residues.auth_comp_id 
_pdbx_unobs_or_zero_occ_residues.auth_seq_id 
_pdbx_unobs_or_zero_occ_residues.PDB_ins_code 
_pdbx_unobs_or_zero_occ_residues.label_asym_id 
_pdbx_unobs_or_zero_occ_residues.label_comp_id 
_pdbx_unobs_or_zero_occ_residues.label_seq_id 
1  1 Y 1 A GLY 18  ? A GLY 1   
2  1 Y 1 A SER 19  ? A SER 2   
3  1 Y 1 A HIS 20  ? A HIS 3   
4  1 Y 1 A ALA 21  ? A ALA 4   
5  1 Y 1 A GLY 22  ? A GLY 5   
6  1 Y 1 A PRO 23  ? A PRO 6   
7  1 Y 1 A ARG 24  ? A ARG 7   
8  1 Y 1 A PRO 25  ? A PRO 8   
9  1 Y 1 A GLN 26  ? A GLN 9   
10 1 Y 1 A ARG 134 ? A ARG 117 
11 1 Y 1 A SER 135 ? A SER 118 
12 1 Y 1 A SER 136 ? A SER 119 
13 1 Y 1 A PRO 137 ? A PRO 120 
14 1 Y 1 A GLU 138 ? A GLU 121 
15 1 Y 1 A GLU 139 ? A GLU 122 
16 1 Y 1 A GLN 140 ? A GLN 123 
17 1 Y 1 A LEU 141 ? A LEU 124 
18 1 Y 1 A LEU 142 ? A LEU 125 
19 1 Y 1 A PHE 143 ? A PHE 126 
20 1 Y 1 A LEU 144 ? A LEU 127 
21 1 Y 1 A TYR 145 ? A TYR 128 
# 
loop_
_chem_comp_atom.comp_id 
_chem_comp_atom.atom_id 
_chem_comp_atom.type_symbol 
_chem_comp_atom.pdbx_aromatic_flag 
_chem_comp_atom.pdbx_stereo_config 
_chem_comp_atom.pdbx_ordinal 
AIB N    N N N 1   
AIB CA   C N N 2   
AIB C    C N N 3   
AIB O    O N N 4   
AIB OXT  O N N 5   
AIB CB1  C N N 6   
AIB CB2  C N N 7   
AIB H    H N N 8   
AIB H2   H N N 9   
AIB HXT  H N N 10  
AIB HB11 H N N 11  
AIB HB12 H N N 12  
AIB HB13 H N N 13  
AIB HB21 H N N 14  
AIB HB22 H N N 15  
AIB HB23 H N N 16  
ALA N    N N N 17  
ALA CA   C N S 18  
ALA C    C N N 19  
ALA O    O N N 20  
ALA CB   C N N 21  
ALA OXT  O N N 22  
ALA H    H N N 23  
ALA H2   H N N 24  
ALA HA   H N N 25  
ALA HB1  H N N 26  
ALA HB2  H N N 27  
ALA HB3  H N N 28  
ALA HXT  H N N 29  
ARG N    N N N 30  
ARG CA   C N S 31  
ARG C    C N N 32  
ARG O    O N N 33  
ARG CB   C N N 34  
ARG CG   C N N 35  
ARG CD   C N N 36  
ARG NE   N N N 37  
ARG CZ   C N N 38  
ARG NH1  N N N 39  
ARG NH2  N N N 40  
ARG OXT  O N N 41  
ARG H    H N N 42  
ARG H2   H N N 43  
ARG HA   H N N 44  
ARG HB2  H N N 45  
ARG HB3  H N N 46  
ARG HG2  H N N 47  
ARG HG3  H N N 48  
ARG HD2  H N N 49  
ARG HD3  H N N 50  
ARG HE   H N N 51  
ARG HH11 H N N 52  
ARG HH12 H N N 53  
ARG HH21 H N N 54  
ARG HH22 H N N 55  
ARG HXT  H N N 56  
ASN N    N N N 57  
ASN CA   C N S 58  
ASN C    C N N 59  
ASN O    O N N 60  
ASN CB   C N N 61  
ASN CG   C N N 62  
ASN OD1  O N N 63  
ASN ND2  N N N 64  
ASN OXT  O N N 65  
ASN H    H N N 66  
ASN H2   H N N 67  
ASN HA   H N N 68  
ASN HB2  H N N 69  
ASN HB3  H N N 70  
ASN HD21 H N N 71  
ASN HD22 H N N 72  
ASN HXT  H N N 73  
ASP N    N N N 74  
ASP CA   C N S 75  
ASP C    C N N 76  
ASP O    O N N 77  
ASP CB   C N N 78  
ASP CG   C N N 79  
ASP OD1  O N N 80  
ASP OD2  O N N 81  
ASP OXT  O N N 82  
ASP H    H N N 83  
ASP H2   H N N 84  
ASP HA   H N N 85  
ASP HB2  H N N 86  
ASP HB3  H N N 87  
ASP HD2  H N N 88  
ASP HXT  H N N 89  
CYS N    N N N 90  
CYS CA   C N R 91  
CYS C    C N N 92  
CYS O    O N N 93  
CYS CB   C N N 94  
CYS SG   S N N 95  
CYS OXT  O N N 96  
CYS H    H N N 97  
CYS H2   H N N 98  
CYS HA   H N N 99  
CYS HB2  H N N 100 
CYS HB3  H N N 101 
CYS HG   H N N 102 
CYS HXT  H N N 103 
GLN N    N N N 104 
GLN CA   C N S 105 
GLN C    C N N 106 
GLN O    O N N 107 
GLN CB   C N N 108 
GLN CG   C N N 109 
GLN CD   C N N 110 
GLN OE1  O N N 111 
GLN NE2  N N N 112 
GLN OXT  O N N 113 
GLN H    H N N 114 
GLN H2   H N N 115 
GLN HA   H N N 116 
GLN HB2  H N N 117 
GLN HB3  H N N 118 
GLN HG2  H N N 119 
GLN HG3  H N N 120 
GLN HE21 H N N 121 
GLN HE22 H N N 122 
GLN HXT  H N N 123 
GLU N    N N N 124 
GLU CA   C N S 125 
GLU C    C N N 126 
GLU O    O N N 127 
GLU CB   C N N 128 
GLU CG   C N N 129 
GLU CD   C N N 130 
GLU OE1  O N N 131 
GLU OE2  O N N 132 
GLU OXT  O N N 133 
GLU H    H N N 134 
GLU H2   H N N 135 
GLU HA   H N N 136 
GLU HB2  H N N 137 
GLU HB3  H N N 138 
GLU HG2  H N N 139 
GLU HG3  H N N 140 
GLU HE2  H N N 141 
GLU HXT  H N N 142 
GLY N    N N N 143 
GLY CA   C N N 144 
GLY C    C N N 145 
GLY O    O N N 146 
GLY OXT  O N N 147 
GLY H    H N N 148 
GLY H2   H N N 149 
GLY HA2  H N N 150 
GLY HA3  H N N 151 
GLY HXT  H N N 152 
HEZ O1   O N N 153 
HEZ C1   C N N 154 
HEZ C2   C N N 155 
HEZ C3   C N N 156 
HEZ C4   C N N 157 
HEZ C5   C N N 158 
HEZ C6   C N N 159 
HEZ O6   O N N 160 
HEZ HO1  H N N 161 
HEZ H11  H N N 162 
HEZ H12  H N N 163 
HEZ H21  H N N 164 
HEZ H22  H N N 165 
HEZ H31  H N N 166 
HEZ H32  H N N 167 
HEZ H41  H N N 168 
HEZ H42  H N N 169 
HEZ H51  H N N 170 
HEZ H52  H N N 171 
HEZ H61  H N N 172 
HEZ H62  H N N 173 
HEZ HO6  H N N 174 
HIS N    N N N 175 
HIS CA   C N S 176 
HIS C    C N N 177 
HIS O    O N N 178 
HIS CB   C N N 179 
HIS CG   C Y N 180 
HIS ND1  N Y N 181 
HIS CD2  C Y N 182 
HIS CE1  C Y N 183 
HIS NE2  N Y N 184 
HIS OXT  O N N 185 
HIS H    H N N 186 
HIS H2   H N N 187 
HIS HA   H N N 188 
HIS HB2  H N N 189 
HIS HB3  H N N 190 
HIS HD1  H N N 191 
HIS HD2  H N N 192 
HIS HE1  H N N 193 
HIS HE2  H N N 194 
HIS HXT  H N N 195 
HOH O    O N N 196 
HOH H1   H N N 197 
HOH H2   H N N 198 
ILE N    N N N 199 
ILE CA   C N S 200 
ILE C    C N N 201 
ILE O    O N N 202 
ILE CB   C N S 203 
ILE CG1  C N N 204 
ILE CG2  C N N 205 
ILE CD1  C N N 206 
ILE OXT  O N N 207 
ILE H    H N N 208 
ILE H2   H N N 209 
ILE HA   H N N 210 
ILE HB   H N N 211 
ILE HG12 H N N 212 
ILE HG13 H N N 213 
ILE HG21 H N N 214 
ILE HG22 H N N 215 
ILE HG23 H N N 216 
ILE HD11 H N N 217 
ILE HD12 H N N 218 
ILE HD13 H N N 219 
ILE HXT  H N N 220 
LEU N    N N N 221 
LEU CA   C N S 222 
LEU C    C N N 223 
LEU O    O N N 224 
LEU CB   C N N 225 
LEU CG   C N N 226 
LEU CD1  C N N 227 
LEU CD2  C N N 228 
LEU OXT  O N N 229 
LEU H    H N N 230 
LEU H2   H N N 231 
LEU HA   H N N 232 
LEU HB2  H N N 233 
LEU HB3  H N N 234 
LEU HG   H N N 235 
LEU HD11 H N N 236 
LEU HD12 H N N 237 
LEU HD13 H N N 238 
LEU HD21 H N N 239 
LEU HD22 H N N 240 
LEU HD23 H N N 241 
LEU HXT  H N N 242 
LYS N    N N N 243 
LYS CA   C N S 244 
LYS C    C N N 245 
LYS O    O N N 246 
LYS CB   C N N 247 
LYS CG   C N N 248 
LYS CD   C N N 249 
LYS CE   C N N 250 
LYS NZ   N N N 251 
LYS OXT  O N N 252 
LYS H    H N N 253 
LYS H2   H N N 254 
LYS HA   H N N 255 
LYS HB2  H N N 256 
LYS HB3  H N N 257 
LYS HG2  H N N 258 
LYS HG3  H N N 259 
LYS HD2  H N N 260 
LYS HD3  H N N 261 
LYS HE2  H N N 262 
LYS HE3  H N N 263 
LYS HZ1  H N N 264 
LYS HZ2  H N N 265 
LYS HZ3  H N N 266 
LYS HXT  H N N 267 
NH2 N    N N N 268 
NH2 HN1  H N N 269 
NH2 HN2  H N N 270 
PHE N    N N N 271 
PHE CA   C N S 272 
PHE C    C N N 273 
PHE O    O N N 274 
PHE CB   C N N 275 
PHE CG   C Y N 276 
PHE CD1  C Y N 277 
PHE CD2  C Y N 278 
PHE CE1  C Y N 279 
PHE CE2  C Y N 280 
PHE CZ   C Y N 281 
PHE OXT  O N N 282 
PHE H    H N N 283 
PHE H2   H N N 284 
PHE HA   H N N 285 
PHE HB2  H N N 286 
PHE HB3  H N N 287 
PHE HD1  H N N 288 
PHE HD2  H N N 289 
PHE HE1  H N N 290 
PHE HE2  H N N 291 
PHE HZ   H N N 292 
PHE HXT  H N N 293 
PRO N    N N N 294 
PRO CA   C N S 295 
PRO C    C N N 296 
PRO O    O N N 297 
PRO CB   C N N 298 
PRO CG   C N N 299 
PRO CD   C N N 300 
PRO OXT  O N N 301 
PRO H    H N N 302 
PRO HA   H N N 303 
PRO HB2  H N N 304 
PRO HB3  H N N 305 
PRO HG2  H N N 306 
PRO HG3  H N N 307 
PRO HD2  H N N 308 
PRO HD3  H N N 309 
PRO HXT  H N N 310 
SER N    N N N 311 
SER CA   C N S 312 
SER C    C N N 313 
SER O    O N N 314 
SER CB   C N N 315 
SER OG   O N N 316 
SER OXT  O N N 317 
SER H    H N N 318 
SER H2   H N N 319 
SER HA   H N N 320 
SER HB2  H N N 321 
SER HB3  H N N 322 
SER HG   H N N 323 
SER HXT  H N N 324 
SO4 S    S N N 325 
SO4 O1   O N N 326 
SO4 O2   O N N 327 
SO4 O3   O N N 328 
SO4 O4   O N N 329 
THR N    N N N 330 
THR CA   C N S 331 
THR C    C N N 332 
THR O    O N N 333 
THR CB   C N R 334 
THR OG1  O N N 335 
THR CG2  C N N 336 
THR OXT  O N N 337 
THR H    H N N 338 
THR H2   H N N 339 
THR HA   H N N 340 
THR HB   H N N 341 
THR HG1  H N N 342 
THR HG21 H N N 343 
THR HG22 H N N 344 
THR HG23 H N N 345 
THR HXT  H N N 346 
TRP N    N N N 347 
TRP CA   C N S 348 
TRP C    C N N 349 
TRP O    O N N 350 
TRP CB   C N N 351 
TRP CG   C Y N 352 
TRP CD1  C Y N 353 
TRP CD2  C Y N 354 
TRP NE1  N Y N 355 
TRP CE2  C Y N 356 
TRP CE3  C Y N 357 
TRP CZ2  C Y N 358 
TRP CZ3  C Y N 359 
TRP CH2  C Y N 360 
TRP OXT  O N N 361 
TRP H    H N N 362 
TRP H2   H N N 363 
TRP HA   H N N 364 
TRP HB2  H N N 365 
TRP HB3  H N N 366 
TRP HD1  H N N 367 
TRP HE1  H N N 368 
TRP HE3  H N N 369 
TRP HZ2  H N N 370 
TRP HZ3  H N N 371 
TRP HH2  H N N 372 
TRP HXT  H N N 373 
TYR N    N N N 374 
TYR CA   C N S 375 
TYR C    C N N 376 
TYR O    O N N 377 
TYR CB   C N N 378 
TYR CG   C Y N 379 
TYR CD1  C Y N 380 
TYR CD2  C Y N 381 
TYR CE1  C Y N 382 
TYR CE2  C Y N 383 
TYR CZ   C Y N 384 
TYR OH   O N N 385 
TYR OXT  O N N 386 
TYR H    H N N 387 
TYR H2   H N N 388 
TYR HA   H N N 389 
TYR HB2  H N N 390 
TYR HB3  H N N 391 
TYR HD1  H N N 392 
TYR HD2  H N N 393 
TYR HE1  H N N 394 
TYR HE2  H N N 395 
TYR HH   H N N 396 
TYR HXT  H N N 397 
VAL N    N N N 398 
VAL CA   C N S 399 
VAL C    C N N 400 
VAL O    O N N 401 
VAL CB   C N N 402 
VAL CG1  C N N 403 
VAL CG2  C N N 404 
VAL OXT  O N N 405 
VAL H    H N N 406 
VAL H2   H N N 407 
VAL HA   H N N 408 
VAL HB   H N N 409 
VAL HG11 H N N 410 
VAL HG12 H N N 411 
VAL HG13 H N N 412 
VAL HG21 H N N 413 
VAL HG22 H N N 414 
VAL HG23 H N N 415 
VAL HXT  H N N 416 
# 
loop_
_chem_comp_bond.comp_id 
_chem_comp_bond.atom_id_1 
_chem_comp_bond.atom_id_2 
_chem_comp_bond.value_order 
_chem_comp_bond.pdbx_aromatic_flag 
_chem_comp_bond.pdbx_stereo_config 
_chem_comp_bond.pdbx_ordinal 
AIB N   CA   sing N N 1   
AIB N   H    sing N N 2   
AIB N   H2   sing N N 3   
AIB CA  C    sing N N 4   
AIB CA  CB1  sing N N 5   
AIB CA  CB2  sing N N 6   
AIB C   O    doub N N 7   
AIB C   OXT  sing N N 8   
AIB OXT HXT  sing N N 9   
AIB CB1 HB11 sing N N 10  
AIB CB1 HB12 sing N N 11  
AIB CB1 HB13 sing N N 12  
AIB CB2 HB21 sing N N 13  
AIB CB2 HB22 sing N N 14  
AIB CB2 HB23 sing N N 15  
ALA N   CA   sing N N 16  
ALA N   H    sing N N 17  
ALA N   H2   sing N N 18  
ALA CA  C    sing N N 19  
ALA CA  CB   sing N N 20  
ALA CA  HA   sing N N 21  
ALA C   O    doub N N 22  
ALA C   OXT  sing N N 23  
ALA CB  HB1  sing N N 24  
ALA CB  HB2  sing N N 25  
ALA CB  HB3  sing N N 26  
ALA OXT HXT  sing N N 27  
ARG N   CA   sing N N 28  
ARG N   H    sing N N 29  
ARG N   H2   sing N N 30  
ARG CA  C    sing N N 31  
ARG CA  CB   sing N N 32  
ARG CA  HA   sing N N 33  
ARG C   O    doub N N 34  
ARG C   OXT  sing N N 35  
ARG CB  CG   sing N N 36  
ARG CB  HB2  sing N N 37  
ARG CB  HB3  sing N N 38  
ARG CG  CD   sing N N 39  
ARG CG  HG2  sing N N 40  
ARG CG  HG3  sing N N 41  
ARG CD  NE   sing N N 42  
ARG CD  HD2  sing N N 43  
ARG CD  HD3  sing N N 44  
ARG NE  CZ   sing N N 45  
ARG NE  HE   sing N N 46  
ARG CZ  NH1  sing N N 47  
ARG CZ  NH2  doub N N 48  
ARG NH1 HH11 sing N N 49  
ARG NH1 HH12 sing N N 50  
ARG NH2 HH21 sing N N 51  
ARG NH2 HH22 sing N N 52  
ARG OXT HXT  sing N N 53  
ASN N   CA   sing N N 54  
ASN N   H    sing N N 55  
ASN N   H2   sing N N 56  
ASN CA  C    sing N N 57  
ASN CA  CB   sing N N 58  
ASN CA  HA   sing N N 59  
ASN C   O    doub N N 60  
ASN C   OXT  sing N N 61  
ASN CB  CG   sing N N 62  
ASN CB  HB2  sing N N 63  
ASN CB  HB3  sing N N 64  
ASN CG  OD1  doub N N 65  
ASN CG  ND2  sing N N 66  
ASN ND2 HD21 sing N N 67  
ASN ND2 HD22 sing N N 68  
ASN OXT HXT  sing N N 69  
ASP N   CA   sing N N 70  
ASP N   H    sing N N 71  
ASP N   H2   sing N N 72  
ASP CA  C    sing N N 73  
ASP CA  CB   sing N N 74  
ASP CA  HA   sing N N 75  
ASP C   O    doub N N 76  
ASP C   OXT  sing N N 77  
ASP CB  CG   sing N N 78  
ASP CB  HB2  sing N N 79  
ASP CB  HB3  sing N N 80  
ASP CG  OD1  doub N N 81  
ASP CG  OD2  sing N N 82  
ASP OD2 HD2  sing N N 83  
ASP OXT HXT  sing N N 84  
CYS N   CA   sing N N 85  
CYS N   H    sing N N 86  
CYS N   H2   sing N N 87  
CYS CA  C    sing N N 88  
CYS CA  CB   sing N N 89  
CYS CA  HA   sing N N 90  
CYS C   O    doub N N 91  
CYS C   OXT  sing N N 92  
CYS CB  SG   sing N N 93  
CYS CB  HB2  sing N N 94  
CYS CB  HB3  sing N N 95  
CYS SG  HG   sing N N 96  
CYS OXT HXT  sing N N 97  
GLN N   CA   sing N N 98  
GLN N   H    sing N N 99  
GLN N   H2   sing N N 100 
GLN CA  C    sing N N 101 
GLN CA  CB   sing N N 102 
GLN CA  HA   sing N N 103 
GLN C   O    doub N N 104 
GLN C   OXT  sing N N 105 
GLN CB  CG   sing N N 106 
GLN CB  HB2  sing N N 107 
GLN CB  HB3  sing N N 108 
GLN CG  CD   sing N N 109 
GLN CG  HG2  sing N N 110 
GLN CG  HG3  sing N N 111 
GLN CD  OE1  doub N N 112 
GLN CD  NE2  sing N N 113 
GLN NE2 HE21 sing N N 114 
GLN NE2 HE22 sing N N 115 
GLN OXT HXT  sing N N 116 
GLU N   CA   sing N N 117 
GLU N   H    sing N N 118 
GLU N   H2   sing N N 119 
GLU CA  C    sing N N 120 
GLU CA  CB   sing N N 121 
GLU CA  HA   sing N N 122 
GLU C   O    doub N N 123 
GLU C   OXT  sing N N 124 
GLU CB  CG   sing N N 125 
GLU CB  HB2  sing N N 126 
GLU CB  HB3  sing N N 127 
GLU CG  CD   sing N N 128 
GLU CG  HG2  sing N N 129 
GLU CG  HG3  sing N N 130 
GLU CD  OE1  doub N N 131 
GLU CD  OE2  sing N N 132 
GLU OE2 HE2  sing N N 133 
GLU OXT HXT  sing N N 134 
GLY N   CA   sing N N 135 
GLY N   H    sing N N 136 
GLY N   H2   sing N N 137 
GLY CA  C    sing N N 138 
GLY CA  HA2  sing N N 139 
GLY CA  HA3  sing N N 140 
GLY C   O    doub N N 141 
GLY C   OXT  sing N N 142 
GLY OXT HXT  sing N N 143 
HEZ O1  C1   sing N N 144 
HEZ O1  HO1  sing N N 145 
HEZ C1  C2   sing N N 146 
HEZ C1  H11  sing N N 147 
HEZ C1  H12  sing N N 148 
HEZ C2  C3   sing N N 149 
HEZ C2  H21  sing N N 150 
HEZ C2  H22  sing N N 151 
HEZ C3  C4   sing N N 152 
HEZ C3  H31  sing N N 153 
HEZ C3  H32  sing N N 154 
HEZ C4  C5   sing N N 155 
HEZ C4  H41  sing N N 156 
HEZ C4  H42  sing N N 157 
HEZ C5  C6   sing N N 158 
HEZ C5  H51  sing N N 159 
HEZ C5  H52  sing N N 160 
HEZ C6  O6   sing N N 161 
HEZ C6  H61  sing N N 162 
HEZ C6  H62  sing N N 163 
HEZ O6  HO6  sing N N 164 
HIS N   CA   sing N N 165 
HIS N   H    sing N N 166 
HIS N   H2   sing N N 167 
HIS CA  C    sing N N 168 
HIS CA  CB   sing N N 169 
HIS CA  HA   sing N N 170 
HIS C   O    doub N N 171 
HIS C   OXT  sing N N 172 
HIS CB  CG   sing N N 173 
HIS CB  HB2  sing N N 174 
HIS CB  HB3  sing N N 175 
HIS CG  ND1  sing Y N 176 
HIS CG  CD2  doub Y N 177 
HIS ND1 CE1  doub Y N 178 
HIS ND1 HD1  sing N N 179 
HIS CD2 NE2  sing Y N 180 
HIS CD2 HD2  sing N N 181 
HIS CE1 NE2  sing Y N 182 
HIS CE1 HE1  sing N N 183 
HIS NE2 HE2  sing N N 184 
HIS OXT HXT  sing N N 185 
HOH O   H1   sing N N 186 
HOH O   H2   sing N N 187 
ILE N   CA   sing N N 188 
ILE N   H    sing N N 189 
ILE N   H2   sing N N 190 
ILE CA  C    sing N N 191 
ILE CA  CB   sing N N 192 
ILE CA  HA   sing N N 193 
ILE C   O    doub N N 194 
ILE C   OXT  sing N N 195 
ILE CB  CG1  sing N N 196 
ILE CB  CG2  sing N N 197 
ILE CB  HB   sing N N 198 
ILE CG1 CD1  sing N N 199 
ILE CG1 HG12 sing N N 200 
ILE CG1 HG13 sing N N 201 
ILE CG2 HG21 sing N N 202 
ILE CG2 HG22 sing N N 203 
ILE CG2 HG23 sing N N 204 
ILE CD1 HD11 sing N N 205 
ILE CD1 HD12 sing N N 206 
ILE CD1 HD13 sing N N 207 
ILE OXT HXT  sing N N 208 
LEU N   CA   sing N N 209 
LEU N   H    sing N N 210 
LEU N   H2   sing N N 211 
LEU CA  C    sing N N 212 
LEU CA  CB   sing N N 213 
LEU CA  HA   sing N N 214 
LEU C   O    doub N N 215 
LEU C   OXT  sing N N 216 
LEU CB  CG   sing N N 217 
LEU CB  HB2  sing N N 218 
LEU CB  HB3  sing N N 219 
LEU CG  CD1  sing N N 220 
LEU CG  CD2  sing N N 221 
LEU CG  HG   sing N N 222 
LEU CD1 HD11 sing N N 223 
LEU CD1 HD12 sing N N 224 
LEU CD1 HD13 sing N N 225 
LEU CD2 HD21 sing N N 226 
LEU CD2 HD22 sing N N 227 
LEU CD2 HD23 sing N N 228 
LEU OXT HXT  sing N N 229 
LYS N   CA   sing N N 230 
LYS N   H    sing N N 231 
LYS N   H2   sing N N 232 
LYS CA  C    sing N N 233 
LYS CA  CB   sing N N 234 
LYS CA  HA   sing N N 235 
LYS C   O    doub N N 236 
LYS C   OXT  sing N N 237 
LYS CB  CG   sing N N 238 
LYS CB  HB2  sing N N 239 
LYS CB  HB3  sing N N 240 
LYS CG  CD   sing N N 241 
LYS CG  HG2  sing N N 242 
LYS CG  HG3  sing N N 243 
LYS CD  CE   sing N N 244 
LYS CD  HD2  sing N N 245 
LYS CD  HD3  sing N N 246 
LYS CE  NZ   sing N N 247 
LYS CE  HE2  sing N N 248 
LYS CE  HE3  sing N N 249 
LYS NZ  HZ1  sing N N 250 
LYS NZ  HZ2  sing N N 251 
LYS NZ  HZ3  sing N N 252 
LYS OXT HXT  sing N N 253 
NH2 N   HN1  sing N N 254 
NH2 N   HN2  sing N N 255 
PHE N   CA   sing N N 256 
PHE N   H    sing N N 257 
PHE N   H2   sing N N 258 
PHE CA  C    sing N N 259 
PHE CA  CB   sing N N 260 
PHE CA  HA   sing N N 261 
PHE C   O    doub N N 262 
PHE C   OXT  sing N N 263 
PHE CB  CG   sing N N 264 
PHE CB  HB2  sing N N 265 
PHE CB  HB3  sing N N 266 
PHE CG  CD1  doub Y N 267 
PHE CG  CD2  sing Y N 268 
PHE CD1 CE1  sing Y N 269 
PHE CD1 HD1  sing N N 270 
PHE CD2 CE2  doub Y N 271 
PHE CD2 HD2  sing N N 272 
PHE CE1 CZ   doub Y N 273 
PHE CE1 HE1  sing N N 274 
PHE CE2 CZ   sing Y N 275 
PHE CE2 HE2  sing N N 276 
PHE CZ  HZ   sing N N 277 
PHE OXT HXT  sing N N 278 
PRO N   CA   sing N N 279 
PRO N   CD   sing N N 280 
PRO N   H    sing N N 281 
PRO CA  C    sing N N 282 
PRO CA  CB   sing N N 283 
PRO CA  HA   sing N N 284 
PRO C   O    doub N N 285 
PRO C   OXT  sing N N 286 
PRO CB  CG   sing N N 287 
PRO CB  HB2  sing N N 288 
PRO CB  HB3  sing N N 289 
PRO CG  CD   sing N N 290 
PRO CG  HG2  sing N N 291 
PRO CG  HG3  sing N N 292 
PRO CD  HD2  sing N N 293 
PRO CD  HD3  sing N N 294 
PRO OXT HXT  sing N N 295 
SER N   CA   sing N N 296 
SER N   H    sing N N 297 
SER N   H2   sing N N 298 
SER CA  C    sing N N 299 
SER CA  CB   sing N N 300 
SER CA  HA   sing N N 301 
SER C   O    doub N N 302 
SER C   OXT  sing N N 303 
SER CB  OG   sing N N 304 
SER CB  HB2  sing N N 305 
SER CB  HB3  sing N N 306 
SER OG  HG   sing N N 307 
SER OXT HXT  sing N N 308 
SO4 S   O1   doub N N 309 
SO4 S   O2   doub N N 310 
SO4 S   O3   sing N N 311 
SO4 S   O4   sing N N 312 
THR N   CA   sing N N 313 
THR N   H    sing N N 314 
THR N   H2   sing N N 315 
THR CA  C    sing N N 316 
THR CA  CB   sing N N 317 
THR CA  HA   sing N N 318 
THR C   O    doub N N 319 
THR C   OXT  sing N N 320 
THR CB  OG1  sing N N 321 
THR CB  CG2  sing N N 322 
THR CB  HB   sing N N 323 
THR OG1 HG1  sing N N 324 
THR CG2 HG21 sing N N 325 
THR CG2 HG22 sing N N 326 
THR CG2 HG23 sing N N 327 
THR OXT HXT  sing N N 328 
TRP N   CA   sing N N 329 
TRP N   H    sing N N 330 
TRP N   H2   sing N N 331 
TRP CA  C    sing N N 332 
TRP CA  CB   sing N N 333 
TRP CA  HA   sing N N 334 
TRP C   O    doub N N 335 
TRP C   OXT  sing N N 336 
TRP CB  CG   sing N N 337 
TRP CB  HB2  sing N N 338 
TRP CB  HB3  sing N N 339 
TRP CG  CD1  doub Y N 340 
TRP CG  CD2  sing Y N 341 
TRP CD1 NE1  sing Y N 342 
TRP CD1 HD1  sing N N 343 
TRP CD2 CE2  doub Y N 344 
TRP CD2 CE3  sing Y N 345 
TRP NE1 CE2  sing Y N 346 
TRP NE1 HE1  sing N N 347 
TRP CE2 CZ2  sing Y N 348 
TRP CE3 CZ3  doub Y N 349 
TRP CE3 HE3  sing N N 350 
TRP CZ2 CH2  doub Y N 351 
TRP CZ2 HZ2  sing N N 352 
TRP CZ3 CH2  sing Y N 353 
TRP CZ3 HZ3  sing N N 354 
TRP CH2 HH2  sing N N 355 
TRP OXT HXT  sing N N 356 
TYR N   CA   sing N N 357 
TYR N   H    sing N N 358 
TYR N   H2   sing N N 359 
TYR CA  C    sing N N 360 
TYR CA  CB   sing N N 361 
TYR CA  HA   sing N N 362 
TYR C   O    doub N N 363 
TYR C   OXT  sing N N 364 
TYR CB  CG   sing N N 365 
TYR CB  HB2  sing N N 366 
TYR CB  HB3  sing N N 367 
TYR CG  CD1  doub Y N 368 
TYR CG  CD2  sing Y N 369 
TYR CD1 CE1  sing Y N 370 
TYR CD1 HD1  sing N N 371 
TYR CD2 CE2  doub Y N 372 
TYR CD2 HD2  sing N N 373 
TYR CE1 CZ   doub Y N 374 
TYR CE1 HE1  sing N N 375 
TYR CE2 CZ   sing Y N 376 
TYR CE2 HE2  sing N N 377 
TYR CZ  OH   sing N N 378 
TYR OH  HH   sing N N 379 
TYR OXT HXT  sing N N 380 
VAL N   CA   sing N N 381 
VAL N   H    sing N N 382 
VAL N   H2   sing N N 383 
VAL CA  C    sing N N 384 
VAL CA  CB   sing N N 385 
VAL CA  HA   sing N N 386 
VAL C   O    doub N N 387 
VAL C   OXT  sing N N 388 
VAL CB  CG1  sing N N 389 
VAL CB  CG2  sing N N 390 
VAL CB  HB   sing N N 391 
VAL CG1 HG11 sing N N 392 
VAL CG1 HG12 sing N N 393 
VAL CG1 HG13 sing N N 394 
VAL CG2 HG21 sing N N 395 
VAL CG2 HG22 sing N N 396 
VAL CG2 HG23 sing N N 397 
VAL OXT HXT  sing N N 398 
# 
_pdbx_initial_refinement_model.id               1 
_pdbx_initial_refinement_model.entity_id_list   ? 
_pdbx_initial_refinement_model.type             'experimental model' 
_pdbx_initial_refinement_model.source_name      PDB 
_pdbx_initial_refinement_model.accession_code   3C59 
_pdbx_initial_refinement_model.details          ? 
# 
_atom_sites.entry_id                    6GB1 
_atom_sites.fract_transf_matrix[1][1]   -0.00844005 
_atom_sites.fract_transf_matrix[1][2]   -0.01590086 
_atom_sites.fract_transf_matrix[1][3]   -0.00001152 
_atom_sites.fract_transf_matrix[2][1]   -0.01390375 
_atom_sites.fract_transf_matrix[2][2]   0.00738632 
_atom_sites.fract_transf_matrix[2][3]   -0.00872925 
_atom_sites.fract_transf_matrix[3][1]   0.00308699 
_atom_sites.fract_transf_matrix[3][2]   -0.00163399 
_atom_sites.fract_transf_matrix[3][3]   -0.00629951 
_atom_sites.fract_transf_vector[1]      -0.224123 
_atom_sites.fract_transf_vector[2]      -0.217185 
_atom_sites.fract_transf_vector[3]      -0.132007 
# 
loop_
_atom_type.symbol 
C 
N 
O 
S 
# 
loop_
_atom_site.group_PDB 
_atom_site.id 
_atom_site.type_symbol 
_atom_site.label_atom_id 
_atom_site.label_alt_id 
_atom_site.label_comp_id 
_atom_site.label_asym_id 
_atom_site.label_entity_id 
_atom_site.label_seq_id 
_atom_site.pdbx_PDB_ins_code 
_atom_site.Cartn_x 
_atom_site.Cartn_y 
_atom_site.Cartn_z 
_atom_site.occupancy 
_atom_site.B_iso_or_equiv 
_atom_site.pdbx_formal_charge 
_atom_site.auth_seq_id 
_atom_site.auth_comp_id 
_atom_site.auth_asym_id 
_atom_site.auth_atom_id 
_atom_site.pdbx_PDB_model_num 
ATOM   1    N N   . GLY A 1 10  ? 2.018   14.471  19.590  1.00 129.38 ? 27  GLY A N   1 
ATOM   2    C CA  . GLY A 1 10  ? 0.784   15.138  19.990  1.00 129.22 ? 27  GLY A CA  1 
ATOM   3    C C   . GLY A 1 10  ? -0.181  15.414  18.847  1.00 132.77 ? 27  GLY A C   1 
ATOM   4    O O   . GLY A 1 10  ? -1.376  15.119  18.964  1.00 132.59 ? 27  GLY A O   1 
ATOM   5    N N   . ALA A 1 11  ? 0.333   16.012  17.738  1.00 128.21 ? 28  ALA A N   1 
ATOM   6    C CA  . ALA A 1 11  ? -0.419  16.369  16.517  1.00 127.13 ? 28  ALA A CA  1 
ATOM   7    C C   . ALA A 1 11  ? -0.040  15.424  15.370  1.00 128.78 ? 28  ALA A C   1 
ATOM   8    O O   . ALA A 1 11  ? -0.915  14.949  14.629  1.00 128.40 ? 28  ALA A O   1 
ATOM   9    C CB  . ALA A 1 11  ? -0.136  17.817  16.125  1.00 127.76 ? 28  ALA A CB  1 
ATOM   10   N N   . THR A 1 12  ? 1.282   15.167  15.231  1.00 122.71 ? 29  THR A N   1 
ATOM   11   C CA  . THR A 1 12  ? 1.874   14.241  14.261  1.00 120.60 ? 29  THR A CA  1 
ATOM   12   C C   . THR A 1 12  ? 1.620   12.818  14.782  1.00 117.82 ? 29  THR A C   1 
ATOM   13   O O   . THR A 1 12  ? 1.488   12.629  16.003  1.00 118.04 ? 29  THR A O   1 
ATOM   14   C CB  . THR A 1 12  ? 3.401   14.540  14.051  1.00 130.41 ? 29  THR A CB  1 
ATOM   15   O OG1 . THR A 1 12  ? 3.985   13.540  13.201  1.00 130.97 ? 29  THR A OG1 1 
ATOM   16   C CG2 . THR A 1 12  ? 4.200   14.635  15.374  1.00 127.51 ? 29  THR A CG2 1 
ATOM   17   N N   . VAL A 1 13  ? 1.548   11.821  13.871  1.00 107.19 ? 30  VAL A N   1 
ATOM   18   C CA  . VAL A 1 13  ? 1.379   10.433  14.306  1.00 103.28 ? 30  VAL A CA  1 
ATOM   19   C C   . VAL A 1 13  ? 2.786   9.944   14.702  1.00 98.48  ? 30  VAL A C   1 
ATOM   20   O O   . VAL A 1 13  ? 2.916   9.108   15.598  1.00 99.67  ? 30  VAL A O   1 
ATOM   21   C CB  . VAL A 1 13  ? 0.658   9.499   13.291  1.00 107.01 ? 30  VAL A CB  1 
ATOM   22   C CG1 . VAL A 1 13  ? 0.147   8.230   13.983  1.00 106.68 ? 30  VAL A CG1 1 
ATOM   23   C CG2 . VAL A 1 13  ? -0.500  10.218  12.588  1.00 106.74 ? 30  VAL A CG2 1 
ATOM   24   N N   . SER A 1 14  ? 3.832   10.584  14.117  1.00 85.62  ? 31  SER A N   1 
ATOM   25   C CA  . SER A 1 14  ? 5.277   10.358  14.304  1.00 81.10  ? 31  SER A CA  1 
ATOM   26   C C   . SER A 1 14  ? 5.778   9.230   13.470  1.00 74.46  ? 31  SER A C   1 
ATOM   27   O O   . SER A 1 14  ? 5.093   8.226   13.303  1.00 74.18  ? 31  SER A O   1 
ATOM   28   C CB  . SER A 1 14  ? 5.685   10.190  15.771  1.00 84.89  ? 31  SER A CB  1 
ATOM   29   O OG  . SER A 1 14  ? 5.783   8.839   16.199  1.00 93.82  ? 31  SER A OG  1 
ATOM   30   N N   . LEU A 1 15  ? 6.992   9.375   12.970  1.00 64.64  ? 32  LEU A N   1 
ATOM   31   C CA  . LEU A 1 15  ? 7.626   8.357   12.164  1.00 62.51  ? 32  LEU A CA  1 
ATOM   32   C C   . LEU A 1 15  ? 7.609   6.979   12.822  1.00 64.54  ? 32  LEU A C   1 
ATOM   33   O O   . LEU A 1 15  ? 7.202   6.026   12.163  1.00 65.95  ? 32  LEU A O   1 
ATOM   34   C CB  . LEU A 1 15  ? 9.031   8.778   11.748  1.00 62.51  ? 32  LEU A CB  1 
ATOM   35   C CG  . LEU A 1 15  ? 9.743   7.825   10.796  1.00 68.28  ? 32  LEU A CG  1 
ATOM   36   C CD1 . LEU A 1 15  ? 8.944   7.588   9.520   1.00 68.13  ? 32  LEU A CD1 1 
ATOM   37   C CD2 . LEU A 1 15  ? 11.145  8.301   10.501  1.00 72.80  ? 32  LEU A CD2 1 
ATOM   38   N N   . TRP A 1 16  ? 7.946   6.885   14.131  1.00 58.86  ? 33  TRP A N   1 
ATOM   39   C CA  . TRP A 1 16  ? 7.948   5.629   14.882  1.00 56.99  ? 33  TRP A CA  1 
ATOM   40   C C   . TRP A 1 16  ? 6.579   4.978   14.857  1.00 62.51  ? 33  TRP A C   1 
ATOM   41   O O   . TRP A 1 16  ? 6.476   3.817   14.483  1.00 62.67  ? 33  TRP A O   1 
ATOM   42   C CB  . TRP A 1 16  ? 8.499   5.802   16.322  1.00 55.12  ? 33  TRP A CB  1 
ATOM   43   C CG  . TRP A 1 16  ? 8.359   4.556   17.148  1.00 55.60  ? 33  TRP A CG  1 
ATOM   44   C CD1 . TRP A 1 16  ? 7.315   4.225   17.967  1.00 58.11  ? 33  TRP A CD1 1 
ATOM   45   C CD2 . TRP A 1 16  ? 9.194   3.387   17.072  1.00 55.16  ? 33  TRP A CD2 1 
ATOM   46   N NE1 . TRP A 1 16  ? 7.442   2.919   18.396  1.00 57.07  ? 33  TRP A NE1 1 
ATOM   47   C CE2 . TRP A 1 16  ? 8.588   2.383   17.866  1.00 58.09  ? 33  TRP A CE2 1 
ATOM   48   C CE3 . TRP A 1 16  ? 10.373  3.076   16.367  1.00 55.96  ? 33  TRP A CE3 1 
ATOM   49   C CZ2 . TRP A 1 16  ? 9.135   1.109   18.002  1.00 56.92  ? 33  TRP A CZ2 1 
ATOM   50   C CZ3 . TRP A 1 16  ? 10.918  1.817   16.511  1.00 56.96  ? 33  TRP A CZ3 1 
ATOM   51   C CH2 . TRP A 1 16  ? 10.306  0.852   17.328  1.00 57.66  ? 33  TRP A CH2 1 
ATOM   52   N N   . GLU A 1 17  ? 5.522   5.717   15.208  1.00 61.14  ? 34  GLU A N   1 
ATOM   53   C CA  . GLU A 1 17  ? 4.170   5.141   15.226  1.00 61.55  ? 34  GLU A CA  1 
ATOM   54   C C   . GLU A 1 17  ? 3.672   4.763   13.821  1.00 66.26  ? 34  GLU A C   1 
ATOM   55   O O   . GLU A 1 17  ? 2.976   3.754   13.689  1.00 65.04  ? 34  GLU A O   1 
ATOM   56   C CB  . GLU A 1 17  ? 3.191   6.068   15.952  1.00 63.03  ? 34  GLU A CB  1 
ATOM   57   C CG  . GLU A 1 17  ? 2.069   5.370   16.706  1.00 79.34  ? 34  GLU A CG  1 
ATOM   58   C CD  . GLU A 1 17  ? 0.889   6.233   17.146  1.00 112.21 ? 34  GLU A CD  1 
ATOM   59   O OE1 . GLU A 1 17  ? -0.229  5.670   17.230  1.00 115.74 ? 34  GLU A OE1 1 
ATOM   60   O OE2 . GLU A 1 17  ? 1.071   7.448   17.415  1.00 95.42  ? 34  GLU A OE2 1 
ATOM   61   N N   . THR A 1 18  ? 4.047   5.547   12.770  1.00 63.86  ? 35  THR A N   1 
ATOM   62   C CA  . THR A 1 18  ? 3.634   5.234   11.396  1.00 64.10  ? 35  THR A CA  1 
ATOM   63   C C   . THR A 1 18  ? 4.304   3.933   10.925  1.00 66.46  ? 35  THR A C   1 
ATOM   64   O O   . THR A 1 18  ? 3.589   3.009   10.539  1.00 63.95  ? 35  THR A O   1 
ATOM   65   C CB  . THR A 1 18  ? 3.823   6.427   10.452  1.00 76.62  ? 35  THR A CB  1 
ATOM   66   O OG1 . THR A 1 18  ? 2.856   7.426   10.799  1.00 82.95  ? 35  THR A OG1 1 
ATOM   67   C CG2 . THR A 1 18  ? 3.628   6.042   8.980   1.00 71.80  ? 35  THR A CG2 1 
ATOM   68   N N   . VAL A 1 19  ? 5.671   3.837   11.052  1.00 63.09  ? 36  VAL A N   1 
ATOM   69   C CA  . VAL A 1 19  ? 6.452   2.638   10.696  1.00 61.40  ? 36  VAL A CA  1 
ATOM   70   C C   . VAL A 1 19  ? 6.012   1.431   11.540  1.00 64.61  ? 36  VAL A C   1 
ATOM   71   O O   . VAL A 1 19  ? 5.886   0.323   11.005  1.00 63.00  ? 36  VAL A O   1 
ATOM   72   C CB  . VAL A 1 19  ? 7.972   2.846   10.736  1.00 64.10  ? 36  VAL A CB  1 
ATOM   73   C CG1 . VAL A 1 19  ? 8.691   1.597   10.257  1.00 64.12  ? 36  VAL A CG1 1 
ATOM   74   C CG2 . VAL A 1 19  ? 8.397   4.048   9.903   1.00 63.61  ? 36  VAL A CG2 1 
ATOM   75   N N   . GLN A 1 20  ? 5.712   1.664   12.836  1.00 62.17  ? 37  GLN A N   1 
ATOM   76   C CA  . GLN A 1 20  ? 5.243   0.593   13.707  1.00 62.41  ? 37  GLN A CA  1 
ATOM   77   C C   . GLN A 1 20  ? 3.887   0.070   13.264  1.00 65.80  ? 37  GLN A C   1 
ATOM   78   O O   . GLN A 1 20  ? 3.703   -1.146  13.237  1.00 64.96  ? 37  GLN A O   1 
ATOM   79   C CB  . GLN A 1 20  ? 5.277   0.973   15.184  1.00 63.86  ? 37  GLN A CB  1 
ATOM   80   C CG  . GLN A 1 20  ? 5.114   -0.235  16.099  1.00 84.48  ? 37  GLN A CG  1 
ATOM   81   C CD  . GLN A 1 20  ? 4.380   0.074   17.374  1.00 108.91 ? 37  GLN A CD  1 
ATOM   82   O OE1 . GLN A 1 20  ? 3.459   0.915   17.428  1.00 103.18 ? 37  GLN A OE1 1 
ATOM   83   N NE2 . GLN A 1 20  ? 4.765   -0.629  18.428  1.00 100.85 ? 37  GLN A NE2 1 
ATOM   84   N N   . LYS A 1 21  ? 2.978   0.974   12.842  1.00 63.40  ? 38  LYS A N   1 
ATOM   85   C CA  . LYS A 1 21  ? 1.651   0.615   12.317  1.00 63.09  ? 38  LYS A CA  1 
ATOM   86   C C   . LYS A 1 21  ? 1.802   -0.121  10.949  1.00 66.77  ? 38  LYS A C   1 
ATOM   87   O O   . LYS A 1 21  ? 1.039   -1.035  10.663  1.00 67.50  ? 38  LYS A O   1 
ATOM   88   C CB  . LYS A 1 21  ? 0.768   1.864   12.174  1.00 65.40  ? 38  LYS A CB  1 
ATOM   89   C CG  . LYS A 1 21  ? 0.176   2.382   13.475  1.00 73.87  ? 38  LYS A CG  1 
ATOM   90   C CD  . LYS A 1 21  ? -0.729  3.597   13.244  1.00 78.99  ? 38  LYS A CD  1 
ATOM   91   C CE  . LYS A 1 21  ? -1.574  3.922   14.463  1.00 90.15  ? 38  LYS A CE  1 
ATOM   92   N NZ  . LYS A 1 21  ? -2.499  5.074   14.243  1.00 98.79  ? 38  LYS A NZ  1 
ATOM   93   N N   . TRP A 1 22  ? 2.806   0.250   10.141  1.00 62.84  ? 39  TRP A N   1 
ATOM   94   C CA  . TRP A 1 22  ? 3.112   -0.407  8.876   1.00 63.74  ? 39  TRP A CA  1 
ATOM   95   C C   . TRP A 1 22  ? 3.568   -1.853  9.099   1.00 71.01  ? 39  TRP A C   1 
ATOM   96   O O   . TRP A 1 22  ? 3.116   -2.732  8.376   1.00 72.29  ? 39  TRP A O   1 
ATOM   97   C CB  . TRP A 1 22  ? 4.180   0.369   8.104   1.00 62.94  ? 39  TRP A CB  1 
ATOM   98   C CG  . TRP A 1 22  ? 4.647   -0.333  6.865   1.00 64.78  ? 39  TRP A CG  1 
ATOM   99   C CD1 . TRP A 1 22  ? 3.974   -0.452  5.685   1.00 67.68  ? 39  TRP A CD1 1 
ATOM   100  C CD2 . TRP A 1 22  ? 5.894   -1.014  6.687   1.00 65.17  ? 39  TRP A CD2 1 
ATOM   101  N NE1 . TRP A 1 22  ? 4.725   -1.162  4.779   1.00 67.08  ? 39  TRP A NE1 1 
ATOM   102  C CE2 . TRP A 1 22  ? 5.922   -1.494  5.357   1.00 69.08  ? 39  TRP A CE2 1 
ATOM   103  C CE3 . TRP A 1 22  ? 7.022   -1.226  7.510   1.00 66.51  ? 39  TRP A CE3 1 
ATOM   104  C CZ2 . TRP A 1 22  ? 7.028   -2.178  4.832   1.00 68.54  ? 39  TRP A CZ2 1 
ATOM   105  C CZ3 . TRP A 1 22  ? 8.115   -1.902  6.988   1.00 67.64  ? 39  TRP A CZ3 1 
ATOM   106  C CH2 . TRP A 1 22  ? 8.119   -2.354  5.662   1.00 68.30  ? 39  TRP A CH2 1 
ATOM   107  N N   . ARG A 1 23  ? 4.447   -2.094  10.111  1.00 68.14  ? 40  ARG A N   1 
ATOM   108  C CA  . ARG A 1 23  ? 4.963   -3.407  10.529  1.00 66.95  ? 40  ARG A CA  1 
ATOM   109  C C   . ARG A 1 23  ? 3.815   -4.355  10.896  1.00 71.47  ? 40  ARG A C   1 
ATOM   110  O O   . ARG A 1 23  ? 3.893   -5.534  10.568  1.00 72.06  ? 40  ARG A O   1 
ATOM   111  C CB  . ARG A 1 23  ? 5.946   -3.250  11.717  1.00 65.66  ? 40  ARG A CB  1 
ATOM   112  C CG  . ARG A 1 23  ? 7.437   -3.369  11.371  1.00 67.80  ? 40  ARG A CG  1 
ATOM   113  C CD  . ARG A 1 23  ? 8.342   -3.094  12.576  1.00 67.30  ? 40  ARG A CD  1 
ATOM   114  N NE  . ARG A 1 23  ? 8.774   -1.689  12.633  1.00 69.48  ? 40  ARG A NE  1 
ATOM   115  C CZ  . ARG A 1 23  ? 8.578   -0.870  13.666  1.00 86.10  ? 40  ARG A CZ  1 
ATOM   116  N NH1 . ARG A 1 23  ? 7.989   -1.312  14.773  1.00 60.03  ? 40  ARG A NH1 1 
ATOM   117  N NH2 . ARG A 1 23  ? 8.976   0.396   13.602  1.00 88.16  ? 40  ARG A NH2 1 
ATOM   118  N N   A GLU A 1 24  ? 2.762   -3.830  11.565  0.49 68.47  ? 41  GLU A N   1 
ATOM   119  N N   B GLU A 1 24  ? 2.757   -3.841  11.570  0.51 68.44  ? 41  GLU A N   1 
ATOM   120  C CA  A GLU A 1 24  ? 1.563   -4.574  11.984  0.49 68.45  ? 41  GLU A CA  1 
ATOM   121  C CA  B GLU A 1 24  ? 1.561   -4.603  11.984  0.51 68.39  ? 41  GLU A CA  1 
ATOM   122  C C   A GLU A 1 24  ? 0.696   -4.903  10.772  0.49 73.46  ? 41  GLU A C   1 
ATOM   123  C C   B GLU A 1 24  ? 0.695   -4.915  10.757  0.51 73.47  ? 41  GLU A C   1 
ATOM   124  O O   A GLU A 1 24  ? 0.152   -6.008  10.691  0.49 73.58  ? 41  GLU A O   1 
ATOM   125  O O   B GLU A 1 24  ? 0.152   -6.019  10.657  0.51 73.60  ? 41  GLU A O   1 
ATOM   126  C CB  A GLU A 1 24  ? 0.753   -3.771  13.021  0.49 69.58  ? 41  GLU A CB  1 
ATOM   127  C CB  B GLU A 1 24  ? 0.760   -3.821  13.052  0.51 69.49  ? 41  GLU A CB  1 
ATOM   128  C CG  A GLU A 1 24  ? 1.407   -3.695  14.390  0.49 77.65  ? 41  GLU A CG  1 
ATOM   129  C CG  B GLU A 1 24  ? -0.501  -4.501  13.579  0.51 77.18  ? 41  GLU A CG  1 
ATOM   130  C CD  A GLU A 1 24  ? 1.034   -2.472  15.201  0.49 85.11  ? 41  GLU A CD  1 
ATOM   131  C CD  B GLU A 1 24  ? -0.369  -5.704  14.496  0.51 99.54  ? 41  GLU A CD  1 
ATOM   132  O OE1 A GLU A 1 24  ? -0.012  -2.498  15.887  0.49 75.37  ? 41  GLU A OE1 1 
ATOM   133  O OE1 B GLU A 1 24  ? 0.723   -5.914  15.075  0.51 101.85 ? 41  GLU A OE1 1 
ATOM   134  O OE2 A GLU A 1 24  ? 1.795   -1.483  15.153  0.49 73.21  ? 41  GLU A OE2 1 
ATOM   135  O OE2 B GLU A 1 24  ? -1.383  -6.419  14.666  0.51 90.18  ? 41  GLU A OE2 1 
ATOM   136  N N   . TYR A 1 25  ? 0.574   -3.942  9.822   1.00 69.22  ? 42  TYR A N   1 
ATOM   137  C CA  . TYR A 1 25  ? -0.174  -4.121  8.584   1.00 67.65  ? 42  TYR A CA  1 
ATOM   138  C C   . TYR A 1 25  ? 0.554   -5.188  7.777   1.00 71.27  ? 42  TYR A C   1 
ATOM   139  O O   . TYR A 1 25  ? -0.111  -6.059  7.231   1.00 72.77  ? 42  TYR A O   1 
ATOM   140  C CB  . TYR A 1 25  ? -0.281  -2.807  7.795   1.00 68.32  ? 42  TYR A CB  1 
ATOM   141  C CG  . TYR A 1 25  ? -1.005  -2.929  6.466   1.00 69.05  ? 42  TYR A CG  1 
ATOM   142  C CD1 . TYR A 1 25  ? -0.343  -3.391  5.328   1.00 70.84  ? 42  TYR A CD1 1 
ATOM   143  C CD2 . TYR A 1 25  ? -2.335  -2.538  6.334   1.00 68.82  ? 42  TYR A CD2 1 
ATOM   144  C CE1 . TYR A 1 25  ? -1.004  -3.512  4.108   1.00 71.07  ? 42  TYR A CE1 1 
ATOM   145  C CE2 . TYR A 1 25  ? -3.000  -2.638  5.112   1.00 68.94  ? 42  TYR A CE2 1 
ATOM   146  C CZ  . TYR A 1 25  ? -2.326  -3.118  4.002   1.00 74.93  ? 42  TYR A CZ  1 
ATOM   147  O OH  . TYR A 1 25  ? -2.963  -3.233  2.799   1.00 75.01  ? 42  TYR A OH  1 
ATOM   148  N N   . ARG A 1 26  ? 1.905   -5.176  7.749   1.00 65.91  ? 43  ARG A N   1 
ATOM   149  C CA  . ARG A 1 26  ? 2.667   -6.223  7.046   1.00 65.73  ? 43  ARG A CA  1 
ATOM   150  C C   . ARG A 1 26  ? 2.471   -7.586  7.704   1.00 74.27  ? 43  ARG A C   1 
ATOM   151  O O   . ARG A 1 26  ? 2.302   -8.574  6.992   1.00 74.83  ? 43  ARG A O   1 
ATOM   152  C CB  . ARG A 1 26  ? 4.145   -5.888  6.990   1.00 60.87  ? 43  ARG A CB  1 
ATOM   153  C CG  . ARG A 1 26  ? 4.961   -6.874  6.183   1.00 63.18  ? 43  ARG A CG  1 
ATOM   154  C CD  . ARG A 1 26  ? 6.429   -6.502  6.190   1.00 64.01  ? 43  ARG A CD  1 
ATOM   155  N NE  . ARG A 1 26  ? 6.944   -6.539  7.551   1.00 67.88  ? 43  ARG A NE  1 
ATOM   156  C CZ  . ARG A 1 26  ? 8.066   -5.960  7.956   1.00 77.85  ? 43  ARG A CZ  1 
ATOM   157  N NH1 . ARG A 1 26  ? 8.832   -5.298  7.093   1.00 53.90  ? 43  ARG A NH1 1 
ATOM   158  N NH2 . ARG A 1 26  ? 8.433   -6.037  9.227   1.00 68.17  ? 43  ARG A NH2 1 
ATOM   159  N N   A ARG A 1 27  ? 2.474   -7.626  9.053   0.47 71.97  ? 44  ARG A N   1 
ATOM   160  N N   B ARG A 1 27  ? 2.477   -7.620  9.058   0.53 72.57  ? 44  ARG A N   1 
ATOM   161  C CA  A ARG A 1 27  ? 2.298   -8.832  9.866   0.47 72.35  ? 44  ARG A CA  1 
ATOM   162  C CA  B ARG A 1 27  ? 2.296   -8.803  9.912   0.53 73.25  ? 44  ARG A CA  1 
ATOM   163  C C   A ARG A 1 27  ? 0.947   -9.510  9.616   0.47 77.79  ? 44  ARG A C   1 
ATOM   164  C C   B ARG A 1 27  ? 0.950   -9.500  9.647   0.53 78.16  ? 44  ARG A C   1 
ATOM   165  O O   A ARG A 1 27  ? 0.903   -10.729 9.472   0.47 77.65  ? 44  ARG A O   1 
ATOM   166  O O   B ARG A 1 27  ? 0.913   -10.721 9.527   0.53 78.04  ? 44  ARG A O   1 
ATOM   167  C CB  A ARG A 1 27  ? 2.470   -8.496  11.355  0.47 71.46  ? 44  ARG A CB  1 
ATOM   168  C CB  B ARG A 1 27  ? 2.426   -8.390  11.398  0.53 73.87  ? 44  ARG A CB  1 
ATOM   169  C CG  A ARG A 1 27  ? 2.930   -9.666  12.209  0.47 70.92  ? 44  ARG A CG  1 
ATOM   170  C CG  B ARG A 1 27  ? 2.414   -9.520  12.425  0.53 77.99  ? 44  ARG A CG  1 
ATOM   171  C CD  A ARG A 1 27  ? 3.505   -9.214  13.537  0.47 64.35  ? 44  ARG A CD  1 
ATOM   172  C CD  B ARG A 1 27  ? 2.564   -8.979  13.838  0.53 81.39  ? 44  ARG A CD  1 
ATOM   173  N NE  A ARG A 1 27  ? 4.720   -8.415  13.362  0.47 52.40  ? 44  ARG A NE  1 
ATOM   174  N NE  B ARG A 1 27  ? 1.282   -8.569  14.414  0.53 87.14  ? 44  ARG A NE  1 
ATOM   175  C CZ  A ARG A 1 27  ? 4.863   -7.173  13.808  0.47 44.63  ? 44  ARG A CZ  1 
ATOM   176  C CZ  B ARG A 1 27  ? 0.596   -9.283  15.303  0.53 100.71 ? 44  ARG A CZ  1 
ATOM   177  N NH1 A ARG A 1 27  ? 3.877   -6.579  14.469  0.47 28.68  ? 44  ARG A NH1 1 
ATOM   178  N NH1 B ARG A 1 27  ? 1.062   -10.450 15.732  0.53 86.91  ? 44  ARG A NH1 1 
ATOM   179  N NH2 A ARG A 1 27  ? 5.995   -6.518  13.602  0.47 16.97  ? 44  ARG A NH2 1 
ATOM   180  N NH2 B ARG A 1 27  ? -0.559  -8.832  15.773  0.53 83.93  ? 44  ARG A NH2 1 
ATOM   181  N N   . GLN A 1 28  ? -0.141  -8.723  9.554   1.00 75.91  ? 45  GLN A N   1 
ATOM   182  C CA  . GLN A 1 28  ? -1.501  -9.228  9.286   1.00 76.43  ? 45  GLN A CA  1 
ATOM   183  C C   . GLN A 1 28  ? -1.590  -9.662  7.815   1.00 80.71  ? 45  GLN A C   1 
ATOM   184  O O   . GLN A 1 28  ? -2.207  -10.683 7.485   1.00 81.24  ? 45  GLN A O   1 
ATOM   185  C CB  . GLN A 1 28  ? -2.553  -8.148  9.602   1.00 77.78  ? 45  GLN A CB  1 
ATOM   186  C CG  . GLN A 1 28  ? -2.678  -7.800  11.092  1.00 94.90  ? 45  GLN A CG  1 
ATOM   187  C CD  . GLN A 1 28  ? -3.598  -6.628  11.369  1.00 123.71 ? 45  GLN A CD  1 
ATOM   188  O OE1 . GLN A 1 28  ? -4.375  -6.178  10.509  1.00 120.73 ? 45  GLN A OE1 1 
ATOM   189  N NE2 . GLN A 1 28  ? -3.540  -6.112  12.597  1.00 117.06 ? 45  GLN A NE2 1 
ATOM   190  N N   . CYS A 1 29  ? -0.915  -8.918  6.946   1.00 77.11  ? 46  CYS A N   1 
ATOM   191  C CA  . CYS A 1 29  ? -0.913  -9.233  5.544   1.00 77.35  ? 46  CYS A CA  1 
ATOM   192  C C   . CYS A 1 29  ? -0.263  -10.579 5.292   1.00 84.93  ? 46  CYS A C   1 
ATOM   193  O O   . CYS A 1 29  ? -0.945  -11.474 4.795   1.00 84.51  ? 46  CYS A O   1 
ATOM   194  C CB  . CYS A 1 29  ? -0.258  -8.136  4.724   1.00 77.15  ? 46  CYS A CB  1 
ATOM   195  S SG  . CYS A 1 29  ? -0.306  -8.463  2.949   1.00 81.51  ? 46  CYS A SG  1 
ATOM   196  N N   . GLN A 1 30  ? 1.037   -10.735 5.684   1.00 83.21  ? 47  GLN A N   1 
ATOM   197  C CA  . GLN A 1 30  ? 1.824   -11.953 5.498   1.00 83.01  ? 47  GLN A CA  1 
ATOM   198  C C   . GLN A 1 30  ? 1.242   -13.164 6.252   1.00 86.81  ? 47  GLN A C   1 
ATOM   199  O O   . GLN A 1 30  ? 1.574   -14.297 5.907   1.00 87.08  ? 47  GLN A O   1 
ATOM   200  C CB  . GLN A 1 30  ? 3.306   -11.723 5.809   1.00 84.50  ? 47  GLN A CB  1 
ATOM   201  C CG  . GLN A 1 30  ? 4.218   -12.015 4.601   1.00 99.78  ? 47  GLN A CG  1 
ATOM   202  C CD  . GLN A 1 30  ? 4.851   -10.787 3.957   1.00 114.53 ? 47  GLN A CD  1 
ATOM   203  O OE1 . GLN A 1 30  ? 5.352   -9.877  4.630   1.00 110.24 ? 47  GLN A OE1 1 
ATOM   204  N NE2 . GLN A 1 30  ? 4.947   -10.785 2.631   1.00 100.38 ? 47  GLN A NE2 1 
ATOM   205  N N   . ARG A 1 31  ? 0.307   -12.927 7.196   1.00 83.30  ? 48  ARG A N   1 
ATOM   206  C CA  . ARG A 1 31  ? -0.451  -13.963 7.898   1.00 83.58  ? 48  ARG A CA  1 
ATOM   207  C C   . ARG A 1 31  ? -1.447  -14.486 6.870   1.00 90.04  ? 48  ARG A C   1 
ATOM   208  O O   . ARG A 1 31  ? -1.269  -15.604 6.390   1.00 88.46  ? 48  ARG A O   1 
ATOM   209  C CB  . ARG A 1 31  ? -1.194  -13.377 9.113   1.00 83.75  ? 48  ARG A CB  1 
ATOM   210  C CG  . ARG A 1 31  ? -1.863  -14.421 10.012  1.00 96.15  ? 48  ARG A CG  1 
ATOM   211  C CD  . ARG A 1 31  ? -2.577  -13.826 11.229  1.00 113.72 ? 48  ARG A CD  1 
ATOM   212  N NE  . ARG A 1 31  ? -1.885  -12.678 11.846  1.00 132.36 ? 48  ARG A NE  1 
ATOM   213  C CZ  . ARG A 1 31  ? -0.842  -12.759 12.676  1.00 151.07 ? 48  ARG A CZ  1 
ATOM   214  N NH1 . ARG A 1 31  ? -0.317  -13.940 12.986  1.00 143.61 ? 48  ARG A NH1 1 
ATOM   215  N NH2 . ARG A 1 31  ? -0.307  -11.659 13.189  1.00 133.43 ? 48  ARG A NH2 1 
ATOM   216  N N   . SER A 1 32  ? -2.426  -13.624 6.455   1.00 89.75  ? 49  SER A N   1 
ATOM   217  C CA  . SER A 1 32  ? -3.452  -13.899 5.430   1.00 90.51  ? 49  SER A CA  1 
ATOM   218  C C   . SER A 1 32  ? -2.868  -14.546 4.167   1.00 95.68  ? 49  SER A C   1 
ATOM   219  O O   . SER A 1 32  ? -3.387  -15.558 3.715   1.00 97.56  ? 49  SER A O   1 
ATOM   220  C CB  . SER A 1 32  ? -4.200  -12.620 5.053   1.00 94.19  ? 49  SER A CB  1 
ATOM   221  O OG  . SER A 1 32  ? -4.934  -12.108 6.154   1.00 104.52 ? 49  SER A OG  1 
ATOM   222  N N   . LEU A 1 33  ? -1.762  -14.002 3.640   1.00 90.85  ? 50  LEU A N   1 
ATOM   223  C CA  . LEU A 1 33  ? -1.069  -14.501 2.455   1.00 90.86  ? 50  LEU A CA  1 
ATOM   224  C C   . LEU A 1 33  ? -0.693  -15.988 2.515   1.00 100.26 ? 50  LEU A C   1 
ATOM   225  O O   . LEU A 1 33  ? -0.616  -16.652 1.478   1.00 100.43 ? 50  LEU A O   1 
ATOM   226  C CB  . LEU A 1 33  ? 0.228   -13.693 2.244   1.00 89.98  ? 50  LEU A CB  1 
ATOM   227  C CG  . LEU A 1 33  ? 0.145   -12.286 1.656   1.00 93.15  ? 50  LEU A CG  1 
ATOM   228  C CD1 . LEU A 1 33  ? 1.531   -11.718 1.454   1.00 92.86  ? 50  LEU A CD1 1 
ATOM   229  C CD2 . LEU A 1 33  ? -0.552  -12.274 0.309   1.00 94.07  ? 50  LEU A CD2 1 
ATOM   230  N N   . THR A 1 34  ? -0.403  -16.490 3.719   1.00 100.14 ? 51  THR A N   1 
ATOM   231  C CA  . THR A 1 34  ? 0.104   -17.839 3.912   1.00 100.95 ? 51  THR A CA  1 
ATOM   232  C C   . THR A 1 34  ? -0.909  -18.772 4.598   1.00 107.84 ? 51  THR A C   1 
ATOM   233  O O   . THR A 1 34  ? -0.723  -19.989 4.547   1.00 109.54 ? 51  THR A O   1 
ATOM   234  C CB  . THR A 1 34  ? 1.473   -17.744 4.633   1.00 108.01 ? 51  THR A CB  1 
ATOM   235  O OG1 . THR A 1 34  ? 2.336   -18.781 4.175   1.00 112.29 ? 51  THR A OG1 1 
ATOM   236  C CG2 . THR A 1 34  ? 1.376   -17.713 6.162   1.00 102.91 ? 51  THR A CG2 1 
ATOM   237  N N   . GLU A 1 35  ? -1.963  -18.231 5.217   1.00 104.30 ? 52  GLU A N   1 
ATOM   238  C CA  . GLU A 1 35  ? -2.954  -19.075 5.881   1.00 104.37 ? 52  GLU A CA  1 
ATOM   239  C C   . GLU A 1 35  ? -4.322  -19.058 5.188   1.00 110.20 ? 52  GLU A C   1 
ATOM   240  O O   . GLU A 1 35  ? -5.150  -19.916 5.494   1.00 110.08 ? 52  GLU A O   1 
ATOM   241  C CB  . GLU A 1 35  ? -3.069  -18.752 7.386   1.00 105.63 ? 52  GLU A CB  1 
ATOM   242  C CG  . GLU A 1 35  ? -3.717  -17.415 7.701   1.00 115.97 ? 52  GLU A CG  1 
ATOM   243  C CD  . GLU A 1 35  ? -4.612  -17.424 8.919   1.00 135.69 ? 52  GLU A CD  1 
ATOM   244  O OE1 . GLU A 1 35  ? -5.842  -17.584 8.743   1.00 126.63 ? 52  GLU A OE1 1 
ATOM   245  O OE2 . GLU A 1 35  ? -4.089  -17.260 10.045  1.00 133.86 ? 52  GLU A OE2 1 
ATOM   246  N N   . ASP A 1 36  ? -4.576  -18.083 4.284   1.00 108.98 ? 53  ASP A N   1 
ATOM   247  C CA  . ASP A 1 36  ? -5.858  -18.002 3.563   1.00 109.77 ? 53  ASP A CA  1 
ATOM   248  C C   . ASP A 1 36  ? -6.020  -19.148 2.533   1.00 114.10 ? 53  ASP A C   1 
ATOM   249  O O   . ASP A 1 36  ? -5.076  -19.430 1.782   1.00 113.15 ? 53  ASP A O   1 
ATOM   250  C CB  . ASP A 1 36  ? -6.113  -16.614 2.930   1.00 111.60 ? 53  ASP A CB  1 
ATOM   251  C CG  . ASP A 1 36  ? -6.706  -15.559 3.854   1.00 119.05 ? 53  ASP A CG  1 
ATOM   252  O OD1 . ASP A 1 36  ? -7.351  -15.941 4.864   1.00 119.37 ? 53  ASP A OD1 1 
ATOM   253  O OD2 . ASP A 1 36  ? -6.582  -14.355 3.534   1.00 123.01 ? 53  ASP A OD2 1 
ATOM   254  N N   . PRO A 1 37  ? -7.193  -19.841 2.531   1.00 110.77 ? 54  PRO A N   1 
ATOM   255  C CA  . PRO A 1 37  ? -7.375  -20.994 1.628   1.00 110.46 ? 54  PRO A CA  1 
ATOM   256  C C   . PRO A 1 37  ? -7.227  -20.688 0.140   1.00 113.66 ? 54  PRO A C   1 
ATOM   257  O O   . PRO A 1 37  ? -7.750  -19.665 -0.312  1.00 113.05 ? 54  PRO A O   1 
ATOM   258  C CB  . PRO A 1 37  ? -8.777  -21.510 1.979   1.00 112.29 ? 54  PRO A CB  1 
ATOM   259  C CG  . PRO A 1 37  ? -9.457  -20.362 2.650   1.00 116.85 ? 54  PRO A CG  1 
ATOM   260  C CD  . PRO A 1 37  ? -8.380  -19.644 3.389   1.00 112.43 ? 54  PRO A CD  1 
ATOM   261  N N   . PRO A 1 38  ? -6.517  -21.558 -0.632  1.00 110.09 ? 55  PRO A N   1 
ATOM   262  C CA  . PRO A 1 38  ? -6.345  -21.304 -2.074  1.00 109.89 ? 55  PRO A CA  1 
ATOM   263  C C   . PRO A 1 38  ? -7.675  -21.121 -2.803  1.00 113.45 ? 55  PRO A C   1 
ATOM   264  O O   . PRO A 1 38  ? -8.702  -21.626 -2.332  1.00 112.69 ? 55  PRO A O   1 
ATOM   265  C CB  . PRO A 1 38  ? -5.572  -22.534 -2.562  1.00 111.67 ? 55  PRO A CB  1 
ATOM   266  C CG  . PRO A 1 38  ? -4.842  -23.013 -1.352  1.00 116.14 ? 55  PRO A CG  1 
ATOM   267  C CD  . PRO A 1 38  ? -5.822  -22.799 -0.236  1.00 111.65 ? 55  PRO A CD  1 
ATOM   268  N N   . PRO A 1 39  ? -7.697  -20.348 -3.909  1.00 109.95 ? 56  PRO A N   1 
ATOM   269  C CA  . PRO A 1 39  ? -8.978  -20.089 -4.582  1.00 110.30 ? 56  PRO A CA  1 
ATOM   270  C C   . PRO A 1 39  ? -9.623  -21.300 -5.258  1.00 116.50 ? 56  PRO A C   1 
ATOM   271  O O   . PRO A 1 39  ? -10.857 -21.355 -5.314  1.00 116.62 ? 56  PRO A O   1 
ATOM   272  C CB  . PRO A 1 39  ? -8.633  -18.989 -5.585  1.00 111.83 ? 56  PRO A CB  1 
ATOM   273  C CG  . PRO A 1 39  ? -7.192  -19.174 -5.859  1.00 115.73 ? 56  PRO A CG  1 
ATOM   274  C CD  . PRO A 1 39  ? -6.582  -19.653 -4.584  1.00 111.04 ? 56  PRO A CD  1 
ATOM   275  N N   . ALA A 1 40  ? -8.800  -22.263 -5.759  1.00 113.85 ? 57  ALA A N   1 
ATOM   276  C CA  . ALA A 1 40  ? -9.225  -23.479 -6.479  1.00 114.47 ? 57  ALA A CA  1 
ATOM   277  C C   . ALA A 1 40  ? -10.184 -23.167 -7.675  1.00 119.26 ? 57  ALA A C   1 
ATOM   278  O O   . ALA A 1 40  ? -11.346 -23.597 -7.705  1.00 118.84 ? 57  ALA A O   1 
ATOM   279  C CB  . ALA A 1 40  ? -9.825  -24.505 -5.516  1.00 115.30 ? 57  ALA A CB  1 
ATOM   280  N N   . THR A 1 41  ? -9.668  -22.360 -8.634  1.00 115.22 ? 58  THR A N   1 
ATOM   281  C CA  . THR A 1 41  ? -10.351 -21.905 -9.848  1.00 114.33 ? 58  THR A CA  1 
ATOM   282  C C   . THR A 1 41  ? -9.322  -21.770 -11.008 1.00 116.19 ? 58  THR A C   1 
ATOM   283  O O   . THR A 1 41  ? -9.576  -21.078 -12.003 1.00 115.98 ? 58  THR A O   1 
ATOM   284  C CB  . THR A 1 41  ? -11.229 -20.653 -9.567  1.00 122.84 ? 58  THR A CB  1 
ATOM   285  O OG1 . THR A 1 41  ? -11.830 -20.201 -10.782 1.00 124.06 ? 58  THR A OG1 1 
ATOM   286  C CG2 . THR A 1 41  ? -10.463 -19.515 -8.906  1.00 121.53 ? 58  THR A CG2 1 
ATOM   287  N N   . ASP A 1 42  ? -8.177  -22.481 -10.871 1.00 110.62 ? 59  ASP A N   1 
ATOM   288  C CA  . ASP A 1 42  ? -7.073  -22.588 -11.835 1.00 109.47 ? 59  ASP A CA  1 
ATOM   289  C C   . ASP A 1 42  ? -6.369  -21.238 -12.123 1.00 108.13 ? 59  ASP A C   1 
ATOM   290  O O   . ASP A 1 42  ? -5.239  -21.025 -11.664 1.00 107.06 ? 59  ASP A O   1 
ATOM   291  C CB  . ASP A 1 42  ? -7.549  -23.292 -13.152 1.00 111.78 ? 59  ASP A CB  1 
ATOM   292  C CG  . ASP A 1 42  ? -6.475  -23.850 -14.088 1.00 124.39 ? 59  ASP A CG  1 
ATOM   293  O OD1 . ASP A 1 42  ? -6.658  -24.986 -14.597 1.00 125.38 ? 59  ASP A OD1 1 
ATOM   294  O OD2 . ASP A 1 42  ? -5.482  -23.127 -14.365 1.00 129.94 ? 59  ASP A OD2 1 
ATOM   295  N N   . LEU A 1 43  ? -7.018  -20.366 -12.919 1.00 100.90 ? 60  LEU A N   1 
ATOM   296  C CA  . LEU A 1 43  ? -6.480  -19.077 -13.344 1.00 98.80  ? 60  LEU A CA  1 
ATOM   297  C C   . LEU A 1 43  ? -7.050  -17.962 -12.483 1.00 99.62  ? 60  LEU A C   1 
ATOM   298  O O   . LEU A 1 43  ? -8.275  -17.860 -12.300 1.00 99.96  ? 60  LEU A O   1 
ATOM   299  C CB  . LEU A 1 43  ? -6.767  -18.845 -14.838 1.00 98.40  ? 60  LEU A CB  1 
ATOM   300  C CG  . LEU A 1 43  ? -5.900  -17.854 -15.612 1.00 102.84 ? 60  LEU A CG  1 
ATOM   301  C CD1 . LEU A 1 43  ? -4.438  -18.264 -15.620 1.00 103.04 ? 60  LEU A CD1 1 
ATOM   302  C CD2 . LEU A 1 43  ? -6.358  -17.774 -17.052 1.00 104.95 ? 60  LEU A CD2 1 
ATOM   303  N N   . PHE A 1 44  ? -6.130  -17.157 -11.922 1.00 91.57  ? 61  PHE A N   1 
ATOM   304  C CA  . PHE A 1 44  ? -6.365  -16.042 -11.010 1.00 89.02  ? 61  PHE A CA  1 
ATOM   305  C C   . PHE A 1 44  ? -5.032  -15.332 -10.822 1.00 84.74  ? 61  PHE A C   1 
ATOM   306  O O   . PHE A 1 44  ? -3.992  -15.969 -11.000 1.00 83.95  ? 61  PHE A O   1 
ATOM   307  C CB  . PHE A 1 44  ? -6.862  -16.571 -9.639  1.00 91.61  ? 61  PHE A CB  1 
ATOM   308  C CG  . PHE A 1 44  ? -5.889  -17.493 -8.934  1.00 94.03  ? 61  PHE A CG  1 
ATOM   309  C CD1 . PHE A 1 44  ? -5.014  -17.002 -7.973  1.00 97.43  ? 61  PHE A CD1 1 
ATOM   310  C CD2 . PHE A 1 44  ? -5.827  -18.841 -9.256  1.00 96.90  ? 61  PHE A CD2 1 
ATOM   311  C CE1 . PHE A 1 44  ? -4.083  -17.841 -7.358  1.00 98.37  ? 61  PHE A CE1 1 
ATOM   312  C CE2 . PHE A 1 44  ? -4.895  -19.680 -8.638  1.00 99.90  ? 61  PHE A CE2 1 
ATOM   313  C CZ  . PHE A 1 44  ? -4.032  -19.175 -7.692  1.00 97.70  ? 61  PHE A CZ  1 
ATOM   314  N N   . CYS A 1 45  ? -5.049  -14.032 -10.438 1.00 75.88  ? 62  CYS A N   1 
ATOM   315  C CA  . CYS A 1 45  ? -3.810  -13.311 -10.149 1.00 72.82  ? 62  CYS A CA  1 
ATOM   316  C C   . CYS A 1 45  ? -3.485  -13.624 -8.734  1.00 72.42  ? 62  CYS A C   1 
ATOM   317  O O   . CYS A 1 45  ? -4.401  -13.766 -7.927  1.00 70.17  ? 62  CYS A O   1 
ATOM   318  C CB  . CYS A 1 45  ? -3.948  -11.822 -10.382 1.00 72.53  ? 62  CYS A CB  1 
ATOM   319  S SG  . CYS A 1 45  ? -4.148  -11.374 -12.118 1.00 76.44  ? 62  CYS A SG  1 
ATOM   320  N N   . ASN A 1 46  ? -2.208  -13.867 -8.445  1.00 68.64  ? 63  ASN A N   1 
ATOM   321  C CA  . ASN A 1 46  ? -1.827  -14.334 -7.119  1.00 69.26  ? 63  ASN A CA  1 
ATOM   322  C C   . ASN A 1 46  ? -1.758  -13.231 -6.105  1.00 73.58  ? 63  ASN A C   1 
ATOM   323  O O   . ASN A 1 46  ? -1.328  -12.120 -6.416  1.00 73.06  ? 63  ASN A O   1 
ATOM   324  C CB  . ASN A 1 46  ? -0.506  -15.158 -7.127  1.00 74.06  ? 63  ASN A CB  1 
ATOM   325  C CG  . ASN A 1 46  ? -0.289  -16.105 -8.297  1.00 115.22 ? 63  ASN A CG  1 
ATOM   326  O OD1 . ASN A 1 46  ? -1.075  -17.034 -8.558  1.00 117.22 ? 63  ASN A OD1 1 
ATOM   327  N ND2 . ASN A 1 46  ? 0.816   -15.904 -9.012  1.00 107.43 ? 63  ASN A ND2 1 
ATOM   328  N N   . ARG A 1 47  ? -2.143  -13.565 -4.865  1.00 69.72  ? 64  ARG A N   1 
ATOM   329  C CA  . ARG A 1 47  ? -2.074  -12.693 -3.703  1.00 69.23  ? 64  ARG A CA  1 
ATOM   330  C C   . ARG A 1 47  ? -0.644  -12.175 -3.515  1.00 73.77  ? 64  ARG A C   1 
ATOM   331  O O   . ARG A 1 47  ? 0.297   -12.858 -3.930  1.00 75.30  ? 64  ARG A O   1 
ATOM   332  C CB  . ARG A 1 47  ? -2.544  -13.457 -2.467  1.00 70.06  ? 64  ARG A CB  1 
ATOM   333  C CG  . ARG A 1 47  ? -1.880  -14.813 -2.267  1.00 76.75  ? 64  ARG A CG  1 
ATOM   334  C CD  . ARG A 1 47  ? -2.354  -15.430 -0.980  1.00 85.95  ? 64  ARG A CD  1 
ATOM   335  N NE  . ARG A 1 47  ? -3.592  -16.193 -1.125  1.00 96.49  ? 64  ARG A NE  1 
ATOM   336  C CZ  . ARG A 1 47  ? -4.097  -16.969 -0.168  1.00 115.66 ? 64  ARG A CZ  1 
ATOM   337  N NH1 . ARG A 1 47  ? -3.475  -17.092 1.000   1.00 100.03 ? 64  ARG A NH1 1 
ATOM   338  N NH2 . ARG A 1 47  ? -5.228  -17.631 -0.372  1.00 103.46 ? 64  ARG A NH2 1 
ATOM   339  N N   . THR A 1 48  ? -0.477  -10.962 -2.933  1.00 68.80  ? 65  THR A N   1 
ATOM   340  C CA  . THR A 1 48  ? 0.835   -10.320 -2.728  1.00 67.56  ? 65  THR A CA  1 
ATOM   341  C C   . THR A 1 48  ? 0.790   -9.138  -1.735  1.00 70.31  ? 65  THR A C   1 
ATOM   342  O O   . THR A 1 48  ? -0.275  -8.573  -1.479  1.00 70.94  ? 65  THR A O   1 
ATOM   343  C CB  . THR A 1 48  ? 1.441   -9.892  -4.104  1.00 75.03  ? 65  THR A CB  1 
ATOM   344  O OG1 . THR A 1 48  ? 2.805   -9.499  -3.952  1.00 82.96  ? 65  THR A OG1 1 
ATOM   345  C CG2 . THR A 1 48  ? 0.665   -8.769  -4.789  1.00 72.29  ? 65  THR A CG2 1 
ATOM   346  N N   . PHE A 1 49  ? 1.960   -8.768  -1.200  1.00 65.09  ? 66  PHE A N   1 
ATOM   347  C CA  . PHE A 1 49  ? 2.203   -7.587  -0.373  1.00 64.55  ? 66  PHE A CA  1 
ATOM   348  C C   . PHE A 1 49  ? 3.332   -6.883  -1.073  1.00 65.67  ? 66  PHE A C   1 
ATOM   349  O O   . PHE A 1 49  ? 4.457   -7.386  -1.087  1.00 67.98  ? 66  PHE A O   1 
ATOM   350  C CB  . PHE A 1 49  ? 2.563   -7.908  1.088   1.00 67.10  ? 66  PHE A CB  1 
ATOM   351  C CG  . PHE A 1 49  ? 2.937   -6.674  1.884   1.00 70.12  ? 66  PHE A CG  1 
ATOM   352  C CD1 . PHE A 1 49  ? 1.968   -5.764  2.287   1.00 74.42  ? 66  PHE A CD1 1 
ATOM   353  C CD2 . PHE A 1 49  ? 4.263   -6.408  2.204   1.00 73.09  ? 66  PHE A CD2 1 
ATOM   354  C CE1 . PHE A 1 49  ? 2.318   -4.621  3.014   1.00 75.25  ? 66  PHE A CE1 1 
ATOM   355  C CE2 . PHE A 1 49  ? 4.607   -5.271  2.931   1.00 75.82  ? 66  PHE A CE2 1 
ATOM   356  C CZ  . PHE A 1 49  ? 3.633   -4.378  3.320   1.00 73.89  ? 66  PHE A CZ  1 
ATOM   357  N N   . ASP A 1 50  ? 3.009   -5.762  -1.717  1.00 57.57  ? 67  ASP A N   1 
ATOM   358  C CA  . ASP A 1 50  ? 3.880   -4.964  -2.543  1.00 55.25  ? 67  ASP A CA  1 
ATOM   359  C C   . ASP A 1 50  ? 4.644   -3.875  -1.793  1.00 60.59  ? 67  ASP A C   1 
ATOM   360  O O   . ASP A 1 50  ? 5.231   -3.017  -2.437  1.00 62.28  ? 67  ASP A O   1 
ATOM   361  C CB  . ASP A 1 50  ? 3.056   -4.373  -3.714  1.00 57.43  ? 67  ASP A CB  1 
ATOM   362  C CG  . ASP A 1 50  ? 2.025   -3.283  -3.391  1.00 73.53  ? 67  ASP A CG  1 
ATOM   363  O OD1 . ASP A 1 50  ? 1.815   -2.997  -2.206  1.00 75.86  ? 67  ASP A OD1 1 
ATOM   364  O OD2 . ASP A 1 50  ? 1.457   -2.699  -4.340  1.00 79.65  ? 67  ASP A OD2 1 
ATOM   365  N N   . GLU A 1 51  ? 4.660   -3.900  -0.449  1.00 57.78  ? 68  GLU A N   1 
ATOM   366  C CA  . GLU A 1 51  ? 5.297   -2.907  0.445   1.00 57.36  ? 68  GLU A CA  1 
ATOM   367  C C   . GLU A 1 51  ? 4.332   -1.851  0.925   1.00 62.95  ? 68  GLU A C   1 
ATOM   368  O O   . GLU A 1 51  ? 4.486   -1.354  2.032   1.00 62.72  ? 68  GLU A O   1 
ATOM   369  C CB  . GLU A 1 51  ? 6.558   -2.243  -0.116  1.00 58.68  ? 68  GLU A CB  1 
ATOM   370  C CG  . GLU A 1 51  ? 7.760   -3.158  -0.337  1.00 75.41  ? 68  GLU A CG  1 
ATOM   371  C CD  . GLU A 1 51  ? 7.996   -4.325  0.602   1.00 91.88  ? 68  GLU A CD  1 
ATOM   372  O OE1 . GLU A 1 51  ? 8.024   -4.121  1.839   1.00 69.94  ? 68  GLU A OE1 1 
ATOM   373  O OE2 . GLU A 1 51  ? 8.195   -5.446  0.081   1.00 94.59  ? 68  GLU A OE2 1 
ATOM   374  N N   . TYR A 1 52  ? 3.331   -1.516  0.095   1.00 60.61  ? 69  TYR A N   1 
ATOM   375  C CA  . TYR A 1 52  ? 2.310   -0.517  0.371   1.00 59.90  ? 69  TYR A CA  1 
ATOM   376  C C   . TYR A 1 52  ? 0.998   -1.169  0.755   1.00 65.90  ? 69  TYR A C   1 
ATOM   377  O O   . TYR A 1 52  ? 0.467   -0.853  1.808   1.00 68.05  ? 69  TYR A O   1 
ATOM   378  C CB  . TYR A 1 52  ? 2.151   0.419   -0.831  1.00 60.08  ? 69  TYR A CB  1 
ATOM   379  C CG  . TYR A 1 52  ? 1.042   1.429   -0.700  1.00 61.67  ? 69  TYR A CG  1 
ATOM   380  C CD1 . TYR A 1 52  ? 1.221   2.598   0.035   1.00 63.27  ? 69  TYR A CD1 1 
ATOM   381  C CD2 . TYR A 1 52  ? -0.167  1.257   -1.367  1.00 63.39  ? 69  TYR A CD2 1 
ATOM   382  C CE1 . TYR A 1 52  ? 0.215   3.557   0.130   1.00 63.16  ? 69  TYR A CE1 1 
ATOM   383  C CE2 . TYR A 1 52  ? -1.183  2.211   -1.284  1.00 64.51  ? 69  TYR A CE2 1 
ATOM   384  C CZ  . TYR A 1 52  ? -0.984  3.366   -0.540  1.00 69.00  ? 69  TYR A CZ  1 
ATOM   385  O OH  . TYR A 1 52  ? -1.988  4.296   -0.409  1.00 63.99  ? 69  TYR A OH  1 
ATOM   386  N N   . ALA A 1 53  ? 0.485   -2.099  -0.048  1.00 61.23  ? 70  ALA A N   1 
ATOM   387  C CA  . ALA A 1 53  ? -0.789  -2.734  0.256   1.00 60.77  ? 70  ALA A CA  1 
ATOM   388  C C   . ALA A 1 53  ? -0.800  -4.251  0.166   1.00 68.06  ? 70  ALA A C   1 
ATOM   389  O O   . ALA A 1 53  ? 0.066   -4.875  -0.457  1.00 64.95  ? 70  ALA A O   1 
ATOM   390  C CB  . ALA A 1 53  ? -1.887  -2.154  -0.630  1.00 60.95  ? 70  ALA A CB  1 
ATOM   391  N N   . CYS A 1 54  ? -1.825  -4.832  0.795   1.00 70.43  ? 71  CYS A N   1 
ATOM   392  C CA  . CYS A 1 54  ? -2.107  -6.242  0.760   1.00 73.21  ? 71  CYS A CA  1 
ATOM   393  C C   . CYS A 1 54  ? -3.108  -6.483  -0.363  1.00 75.87  ? 71  CYS A C   1 
ATOM   394  O O   . CYS A 1 54  ? -4.210  -5.938  -0.352  1.00 74.02  ? 71  CYS A O   1 
ATOM   395  C CB  . CYS A 1 54  ? -2.642  -6.731  2.100   1.00 75.82  ? 71  CYS A CB  1 
ATOM   396  S SG  . CYS A 1 54  ? -2.303  -8.483  2.423   1.00 81.18  ? 71  CYS A SG  1 
ATOM   397  N N   . TRP A 1 55  ? -2.708  -7.280  -1.339  1.00 72.96  ? 72  TRP A N   1 
ATOM   398  C CA  . TRP A 1 55  ? -3.551  -7.627  -2.467  1.00 72.70  ? 72  TRP A CA  1 
ATOM   399  C C   . TRP A 1 55  ? -4.038  -9.066  -2.342  1.00 77.23  ? 72  TRP A C   1 
ATOM   400  O O   . TRP A 1 55  ? -3.250  -9.936  -1.968  1.00 78.37  ? 72  TRP A O   1 
ATOM   401  C CB  . TRP A 1 55  ? -2.786  -7.420  -3.775  1.00 71.03  ? 72  TRP A CB  1 
ATOM   402  C CG  . TRP A 1 55  ? -2.429  -5.986  -4.017  1.00 71.43  ? 72  TRP A CG  1 
ATOM   403  C CD1 . TRP A 1 55  ? -1.210  -5.404  -3.842  1.00 74.33  ? 72  TRP A CD1 1 
ATOM   404  C CD2 . TRP A 1 55  ? -3.329  -4.935  -4.387  1.00 70.93  ? 72  TRP A CD2 1 
ATOM   405  N NE1 . TRP A 1 55  ? -1.282  -4.060  -4.116  1.00 73.49  ? 72  TRP A NE1 1 
ATOM   406  C CE2 . TRP A 1 55  ? -2.570  -3.744  -4.462  1.00 74.61  ? 72  TRP A CE2 1 
ATOM   407  C CE3 . TRP A 1 55  ? -4.701  -4.892  -4.718  1.00 71.37  ? 72  TRP A CE3 1 
ATOM   408  C CZ2 . TRP A 1 55  ? -3.133  -2.525  -4.859  1.00 73.37  ? 72  TRP A CZ2 1 
ATOM   409  C CZ3 . TRP A 1 55  ? -5.259  -3.682  -5.083  1.00 72.27  ? 72  TRP A CZ3 1 
ATOM   410  C CH2 . TRP A 1 55  ? -4.479  -2.519  -5.165  1.00 73.00  ? 72  TRP A CH2 1 
ATOM   411  N N   . PRO A 1 56  ? -5.321  -9.356  -2.628  1.00 72.38  ? 73  PRO A N   1 
ATOM   412  C CA  . PRO A 1 56  ? -5.778  -10.749 -2.571  1.00 71.83  ? 73  PRO A CA  1 
ATOM   413  C C   . PRO A 1 56  ? -5.559  -11.443 -3.931  1.00 76.52  ? 73  PRO A C   1 
ATOM   414  O O   . PRO A 1 56  ? -4.881  -10.891 -4.818  1.00 75.00  ? 73  PRO A O   1 
ATOM   415  C CB  . PRO A 1 56  ? -7.269  -10.591 -2.268  1.00 73.38  ? 73  PRO A CB  1 
ATOM   416  C CG  . PRO A 1 56  ? -7.653  -9.320  -2.992  1.00 77.75  ? 73  PRO A CG  1 
ATOM   417  C CD  . PRO A 1 56  ? -6.399  -8.466  -3.118  1.00 73.68  ? 73  PRO A CD  1 
ATOM   418  N N   . ASP A 1 57  ? -6.145  -12.652 -4.109  1.00 74.57  ? 74  ASP A N   1 
ATOM   419  C CA  . ASP A 1 57  ? -6.078  -13.339 -5.400  1.00 74.27  ? 74  ASP A CA  1 
ATOM   420  C C   . ASP A 1 57  ? -7.126  -12.661 -6.277  1.00 77.51  ? 74  ASP A C   1 
ATOM   421  O O   . ASP A 1 57  ? -8.267  -12.451 -5.825  1.00 77.99  ? 74  ASP A O   1 
ATOM   422  C CB  . ASP A 1 57  ? -6.359  -14.845 -5.277  1.00 76.16  ? 74  ASP A CB  1 
ATOM   423  C CG  . ASP A 1 57  ? -5.358  -15.620 -4.452  1.00 86.39  ? 74  ASP A CG  1 
ATOM   424  O OD1 . ASP A 1 57  ? -4.141  -15.539 -4.755  1.00 88.58  ? 74  ASP A OD1 1 
ATOM   425  O OD2 . ASP A 1 57  ? -5.789  -16.346 -3.534  1.00 88.78  ? 74  ASP A OD2 1 
ATOM   426  N N   . GLY A 1 58  ? -6.725  -12.278 -7.484  1.00 71.76  ? 75  GLY A N   1 
ATOM   427  C CA  . GLY A 1 58  ? -7.613  -11.577 -8.401  1.00 71.24  ? 75  GLY A CA  1 
ATOM   428  C C   . GLY A 1 58  ? -8.411  -12.441 -9.338  1.00 75.58  ? 75  GLY A C   1 
ATOM   429  O O   . GLY A 1 58  ? -8.003  -13.558 -9.632  1.00 76.06  ? 75  GLY A O   1 
ATOM   430  N N   . GLU A 1 59  ? -9.557  -11.932 -9.818  1.00 73.20  ? 76  GLU A N   1 
ATOM   431  C CA  . GLU A 1 59  ? -10.386 -12.639 -10.797 1.00 72.90  ? 76  GLU A CA  1 
ATOM   432  C C   . GLU A 1 59  ? -9.976  -12.126 -12.164 1.00 73.24  ? 76  GLU A C   1 
ATOM   433  O O   . GLU A 1 59  ? -10.030 -10.917 -12.363 1.00 72.33  ? 76  GLU A O   1 
ATOM   434  C CB  . GLU A 1 59  ? -11.894 -12.403 -10.558 1.00 75.12  ? 76  GLU A CB  1 
ATOM   435  C CG  . GLU A 1 59  ? -12.814 -13.470 -11.160 1.00 93.88  ? 76  GLU A CG  1 
ATOM   436  C CD  . GLU A 1 59  ? -13.737 -13.063 -12.301 1.00 129.80 ? 76  GLU A CD  1 
ATOM   437  O OE1 . GLU A 1 59  ? -14.630 -12.214 -12.073 1.00 122.35 ? 76  GLU A OE1 1 
ATOM   438  O OE2 . GLU A 1 59  ? -13.620 -13.653 -13.401 1.00 133.56 ? 76  GLU A OE2 1 
ATOM   439  N N   . PRO A 1 60  ? -9.543  -13.001 -13.110 1.00 69.37  ? 77  PRO A N   1 
ATOM   440  C CA  . PRO A 1 60  ? -9.116  -12.509 -14.449 1.00 68.73  ? 77  PRO A CA  1 
ATOM   441  C C   . PRO A 1 60  ? -10.103 -11.607 -15.208 1.00 73.30  ? 77  PRO A C   1 
ATOM   442  O O   . PRO A 1 60  ? -11.304 -11.885 -15.241 1.00 71.81  ? 77  PRO A O   1 
ATOM   443  C CB  . PRO A 1 60  ? -8.843  -13.797 -15.233 1.00 69.79  ? 77  PRO A CB  1 
ATOM   444  C CG  . PRO A 1 60  ? -8.537  -14.809 -14.198 1.00 74.45  ? 77  PRO A CG  1 
ATOM   445  C CD  . PRO A 1 60  ? -9.375  -14.468 -12.998 1.00 70.11  ? 77  PRO A CD  1 
ATOM   446  N N   . GLY A 1 61  ? -9.563  -10.535 -15.805 1.00 71.17  ? 78  GLY A N   1 
ATOM   447  C CA  . GLY A 1 61  ? -10.280 -9.545  -16.610 1.00 70.53  ? 78  GLY A CA  1 
ATOM   448  C C   . GLY A 1 61  ? -11.070 -8.550  -15.789 1.00 74.88  ? 78  GLY A C   1 
ATOM   449  O O   . GLY A 1 61  ? -12.031 -7.934  -16.274 1.00 75.02  ? 78  GLY A O   1 
ATOM   450  N N   . SER A 1 62  ? -10.669 -8.407  -14.526 1.00 70.37  ? 79  SER A N   1 
ATOM   451  C CA  . SER A 1 62  ? -11.322 -7.521  -13.587 1.00 69.48  ? 79  SER A CA  1 
ATOM   452  C C   . SER A 1 62  ? -10.340 -6.586  -12.861 1.00 70.52  ? 79  SER A C   1 
ATOM   453  O O   . SER A 1 62  ? -9.121  -6.814  -12.844 1.00 71.34  ? 79  SER A O   1 
ATOM   454  C CB  . SER A 1 62  ? -12.122 -8.349  -12.578 1.00 74.12  ? 79  SER A CB  1 
ATOM   455  O OG  . SER A 1 62  ? -11.377 -8.753  -11.435 1.00 83.88  ? 79  SER A OG  1 
ATOM   456  N N   . PHE A 1 63  ? -10.892 -5.546  -12.242 1.00 63.10  ? 80  PHE A N   1 
ATOM   457  C CA  . PHE A 1 63  ? -10.164 -4.621  -11.390 1.00 60.92  ? 80  PHE A CA  1 
ATOM   458  C C   . PHE A 1 63  ? -10.327 -5.156  -10.002 1.00 69.22  ? 80  PHE A C   1 
ATOM   459  O O   . PHE A 1 63  ? -11.419 -5.584  -9.623  1.00 70.53  ? 80  PHE A O   1 
ATOM   460  C CB  . PHE A 1 63  ? -10.756 -3.210  -11.458 1.00 60.02  ? 80  PHE A CB  1 
ATOM   461  C CG  . PHE A 1 63  ? -10.367 -2.406  -12.671 1.00 57.69  ? 80  PHE A CG  1 
ATOM   462  C CD1 . PHE A 1 63  ? -9.197  -1.661  -12.683 1.00 57.14  ? 80  PHE A CD1 1 
ATOM   463  C CD2 . PHE A 1 63  ? -11.190 -2.366  -13.788 1.00 57.07  ? 80  PHE A CD2 1 
ATOM   464  C CE1 . PHE A 1 63  ? -8.849  -0.904  -13.799 1.00 57.91  ? 80  PHE A CE1 1 
ATOM   465  C CE2 . PHE A 1 63  ? -10.840 -1.609  -14.907 1.00 58.98  ? 80  PHE A CE2 1 
ATOM   466  C CZ  . PHE A 1 63  ? -9.680  -0.872  -14.901 1.00 57.37  ? 80  PHE A CZ  1 
ATOM   467  N N   . VAL A 1 64  ? -9.245  -5.172  -9.250  1.00 67.67  ? 81  VAL A N   1 
ATOM   468  C CA  . VAL A 1 64  ? -9.242  -5.640  -7.856  1.00 66.96  ? 81  VAL A CA  1 
ATOM   469  C C   . VAL A 1 64  ? -8.925  -4.416  -6.984  1.00 66.54  ? 81  VAL A C   1 
ATOM   470  O O   . VAL A 1 64  ? -8.070  -3.594  -7.334  1.00 65.08  ? 81  VAL A O   1 
ATOM   471  C CB  . VAL A 1 64  ? -8.269  -6.844  -7.640  1.00 71.29  ? 81  VAL A CB  1 
ATOM   472  C CG1 . VAL A 1 64  ? -8.316  -7.365  -6.201  1.00 71.16  ? 81  VAL A CG1 1 
ATOM   473  C CG2 . VAL A 1 64  ? -8.592  -7.976  -8.615  1.00 71.20  ? 81  VAL A CG2 1 
ATOM   474  N N   . ASN A 1 65  ? -9.678  -4.253  -5.914  1.00 61.13  ? 82  ASN A N   1 
ATOM   475  C CA  . ASN A 1 65  ? -9.518  -3.120  -5.021  1.00 60.30  ? 82  ASN A CA  1 
ATOM   476  C C   . ASN A 1 65  ? -9.433  -3.586  -3.595  1.00 62.42  ? 82  ASN A C   1 
ATOM   477  O O   . ASN A 1 65  ? -10.018 -4.619  -3.248  1.00 61.03  ? 82  ASN A O   1 
ATOM   478  C CB  . ASN A 1 65  ? -10.675 -2.120  -5.177  1.00 61.09  ? 82  ASN A CB  1 
ATOM   479  C CG  . ASN A 1 65  ? -12.036 -2.617  -4.765  1.00 78.24  ? 82  ASN A CG  1 
ATOM   480  O OD1 . ASN A 1 65  ? -12.889 -2.935  -5.605  1.00 77.71  ? 82  ASN A OD1 1 
ATOM   481  N ND2 . ASN A 1 65  ? -12.289 -2.629  -3.464  1.00 65.96  ? 82  ASN A ND2 1 
ATOM   482  N N   . VAL A 1 66  ? -8.715  -2.797  -2.770  1.00 57.87  ? 83  VAL A N   1 
ATOM   483  C CA  . VAL A 1 66  ? -8.505  -2.976  -1.332  1.00 56.89  ? 83  VAL A CA  1 
ATOM   484  C C   . VAL A 1 66  ? -8.553  -1.577  -0.740  1.00 62.10  ? 83  VAL A C   1 
ATOM   485  O O   . VAL A 1 66  ? -8.213  -0.616  -1.446  1.00 60.82  ? 83  VAL A O   1 
ATOM   486  C CB  . VAL A 1 66  ? -7.191  -3.769  -0.960  1.00 59.77  ? 83  VAL A CB  1 
ATOM   487  C CG1 . VAL A 1 66  ? -7.213  -5.196  -1.511  1.00 59.38  ? 83  VAL A CG1 1 
ATOM   488  C CG2 . VAL A 1 66  ? -5.915  -3.058  -1.388  1.00 58.83  ? 83  VAL A CG2 1 
ATOM   489  N N   . SER A 1 67  ? -8.956  -1.452  0.550   1.00 60.35  ? 84  SER A N   1 
ATOM   490  C CA  . SER A 1 67  ? -9.051  -0.171  1.276   1.00 59.99  ? 84  SER A CA  1 
ATOM   491  C C   . SER A 1 67  ? -7.717  0.508   1.334   1.00 67.22  ? 84  SER A C   1 
ATOM   492  O O   . SER A 1 67  ? -6.690  -0.146  1.130   1.00 69.81  ? 84  SER A O   1 
ATOM   493  C CB  . SER A 1 67  ? -9.504  -0.410  2.709   1.00 62.76  ? 84  SER A CB  1 
ATOM   494  O OG  . SER A 1 67  ? -10.611 -1.288  2.782   1.00 75.95  ? 84  SER A OG  1 
ATOM   495  N N   . CYS A 1 68  ? -7.691  1.799   1.647   1.00 63.86  ? 85  CYS A N   1 
ATOM   496  C CA  . CYS A 1 68  ? -6.405  2.460   1.817   1.00 64.31  ? 85  CYS A CA  1 
ATOM   497  C C   . CYS A 1 68  ? -5.735  1.843   3.043   1.00 68.72  ? 85  CYS A C   1 
ATOM   498  O O   . CYS A 1 68  ? -6.446  1.518   4.000   1.00 67.34  ? 85  CYS A O   1 
ATOM   499  C CB  . CYS A 1 68  ? -6.583  3.962   1.966   1.00 65.33  ? 85  CYS A CB  1 
ATOM   500  S SG  . CYS A 1 68  ? -7.393  4.733   0.550   1.00 69.75  ? 85  CYS A SG  1 
ATOM   501  N N   . PRO A 1 69  ? -4.406  1.557   2.999   1.00 67.17  ? 86  PRO A N   1 
ATOM   502  C CA  . PRO A 1 69  ? -3.751  0.901   4.149   1.00 66.69  ? 86  PRO A CA  1 
ATOM   503  C C   . PRO A 1 69  ? -3.910  1.676   5.451   1.00 69.38  ? 86  PRO A C   1 
ATOM   504  O O   . PRO A 1 69  ? -3.551  2.842   5.525   1.00 68.50  ? 86  PRO A O   1 
ATOM   505  C CB  . PRO A 1 69  ? -2.309  0.760   3.691   1.00 68.35  ? 86  PRO A CB  1 
ATOM   506  C CG  . PRO A 1 69  ? -2.354  0.872   2.220   1.00 72.95  ? 86  PRO A CG  1 
ATOM   507  C CD  . PRO A 1 69  ? -3.426  1.845   1.935   1.00 68.70  ? 86  PRO A CD  1 
ATOM   508  N N   . TRP A 1 70  ? -4.511  1.029   6.461   1.00 67.32  ? 87  TRP A N   1 
ATOM   509  C CA  . TRP A 1 70  ? -4.871  1.639   7.746   1.00 68.29  ? 87  TRP A CA  1 
ATOM   510  C C   . TRP A 1 70  ? -3.715  2.312   8.508   1.00 71.64  ? 87  TRP A C   1 
ATOM   511  O O   . TRP A 1 70  ? -3.994  3.146   9.374   1.00 74.88  ? 87  TRP A O   1 
ATOM   512  C CB  . TRP A 1 70  ? -5.631  0.657   8.660   1.00 67.61  ? 87  TRP A CB  1 
ATOM   513  C CG  . TRP A 1 70  ? -4.896  -0.582  9.041   1.00 69.05  ? 87  TRP A CG  1 
ATOM   514  C CD1 . TRP A 1 70  ? -5.054  -1.824  8.507   1.00 71.89  ? 87  TRP A CD1 1 
ATOM   515  C CD2 . TRP A 1 70  ? -3.976  -0.726  10.133  1.00 69.47  ? 87  TRP A CD2 1 
ATOM   516  N NE1 . TRP A 1 70  ? -4.235  -2.723  9.151   1.00 71.57  ? 87  TRP A NE1 1 
ATOM   517  C CE2 . TRP A 1 70  ? -3.564  -2.077  10.156  1.00 73.03  ? 87  TRP A CE2 1 
ATOM   518  C CE3 . TRP A 1 70  ? -3.417  0.174   11.068  1.00 71.22  ? 87  TRP A CE3 1 
ATOM   519  C CZ2 . TRP A 1 70  ? -2.608  -2.553  11.061  1.00 72.65  ? 87  TRP A CZ2 1 
ATOM   520  C CZ3 . TRP A 1 70  ? -2.486  -0.301  11.979  1.00 72.88  ? 87  TRP A CZ3 1 
ATOM   521  C CH2 . TRP A 1 70  ? -2.090  -1.650  11.971  1.00 73.56  ? 87  TRP A CH2 1 
ATOM   522  N N   . TYR A 1 71  ? -2.452  2.020   8.159   1.00 62.75  ? 88  TYR A N   1 
ATOM   523  C CA  . TYR A 1 71  ? -1.282  2.612   8.800   1.00 60.63  ? 88  TYR A CA  1 
ATOM   524  C C   . TYR A 1 71  ? -0.981  4.013   8.290   1.00 65.50  ? 88  TYR A C   1 
ATOM   525  O O   . TYR A 1 71  ? -0.012  4.631   8.752   1.00 66.46  ? 88  TYR A O   1 
ATOM   526  C CB  . TYR A 1 71  ? -0.041  1.726   8.585   1.00 59.66  ? 88  TYR A CB  1 
ATOM   527  C CG  . TYR A 1 71  ? 0.363   1.564   7.135   1.00 56.70  ? 88  TYR A CG  1 
ATOM   528  C CD1 . TYR A 1 71  ? 1.144   2.524   6.496   1.00 58.51  ? 88  TYR A CD1 1 
ATOM   529  C CD2 . TYR A 1 71  ? 0.001   0.430   6.414   1.00 54.86  ? 88  TYR A CD2 1 
ATOM   530  C CE1 . TYR A 1 71  ? 1.458   2.411   5.145   1.00 59.55  ? 88  TYR A CE1 1 
ATOM   531  C CE2 . TYR A 1 71  ? 0.363   0.277   5.079   1.00 54.26  ? 88  TYR A CE2 1 
ATOM   532  C CZ  . TYR A 1 71  ? 1.065   1.281   4.445   1.00 59.90  ? 88  TYR A CZ  1 
ATOM   533  O OH  . TYR A 1 71  ? 1.434   1.131   3.146   1.00 59.33  ? 88  TYR A OH  1 
ATOM   534  N N   . LEU A 1 72  ? -1.715  4.478   7.275   1.00 61.56  ? 89  LEU A N   1 
ATOM   535  C CA  . LEU A 1 72  ? -1.434  5.794   6.687   1.00 61.69  ? 89  LEU A CA  1 
ATOM   536  C C   . LEU A 1 72  ? -1.626  6.908   7.727   1.00 65.84  ? 89  LEU A C   1 
ATOM   537  O O   . LEU A 1 72  ? -2.596  6.837   8.494   1.00 66.93  ? 89  LEU A O   1 
ATOM   538  C CB  . LEU A 1 72  ? -2.346  6.045   5.468   1.00 61.56  ? 89  LEU A CB  1 
ATOM   539  C CG  . LEU A 1 72  ? -2.084  5.257   4.194   1.00 65.55  ? 89  LEU A CG  1 
ATOM   540  C CD1 . LEU A 1 72  ? -3.137  5.581   3.167   1.00 65.97  ? 89  LEU A CD1 1 
ATOM   541  C CD2 . LEU A 1 72  ? -0.701  5.538   3.624   1.00 66.41  ? 89  LEU A CD2 1 
ATOM   542  N N   . PRO A 1 73  ? -0.739  7.919   7.806   1.00 61.33  ? 90  PRO A N   1 
ATOM   543  C CA  . PRO A 1 73  ? -0.952  9.006   8.792   1.00 61.40  ? 90  PRO A CA  1 
ATOM   544  C C   . PRO A 1 73  ? -2.358  9.614   8.651   1.00 69.60  ? 90  PRO A C   1 
ATOM   545  O O   . PRO A 1 73  ? -3.168  9.587   9.594   1.00 69.93  ? 90  PRO A O   1 
ATOM   546  C CB  . PRO A 1 73  ? 0.140   10.017  8.455   1.00 62.88  ? 90  PRO A CB  1 
ATOM   547  C CG  . PRO A 1 73  ? 1.159   9.254   7.696   1.00 67.44  ? 90  PRO A CG  1 
ATOM   548  C CD  . PRO A 1 73  ? 0.447   8.165   6.965   1.00 63.04  ? 90  PRO A CD  1 
ATOM   549  N N   . TRP A 1 74  ? -2.687  10.027  7.418   1.00 67.33  ? 91  TRP A N   1 
ATOM   550  C CA  . TRP A 1 74  ? -3.977  10.590  7.033   1.00 66.98  ? 91  TRP A CA  1 
ATOM   551  C C   . TRP A 1 74  ? -5.066  9.584   6.727   1.00 69.08  ? 91  TRP A C   1 
ATOM   552  O O   . TRP A 1 74  ? -5.960  9.926   5.969   1.00 68.44  ? 91  TRP A O   1 
ATOM   553  C CB  . TRP A 1 74  ? -3.781  11.466  5.808   1.00 66.31  ? 91  TRP A CB  1 
ATOM   554  C CG  . TRP A 1 74  ? -3.174  10.737  4.653   1.00 67.46  ? 91  TRP A CG  1 
ATOM   555  C CD1 . TRP A 1 74  ? -3.823  9.972   3.736   1.00 70.13  ? 91  TRP A CD1 1 
ATOM   556  C CD2 . TRP A 1 74  ? -1.779  10.705  4.296   1.00 67.29  ? 91  TRP A CD2 1 
ATOM   557  N NE1 . TRP A 1 74  ? -2.925  9.463   2.829   1.00 69.85  ? 91  TRP A NE1 1 
ATOM   558  C CE2 . TRP A 1 74  ? -1.663  9.891   3.150   1.00 70.66  ? 91  TRP A CE2 1 
ATOM   559  C CE3 . TRP A 1 74  ? -0.614  11.263  4.853   1.00 68.15  ? 91  TRP A CE3 1 
ATOM   560  C CZ2 . TRP A 1 74  ? -0.438  9.658   2.517   1.00 69.61  ? 91  TRP A CZ2 1 
ATOM   561  C CZ3 . TRP A 1 74  ? 0.600   11.047  4.216   1.00 69.45  ? 91  TRP A CZ3 1 
ATOM   562  C CH2 . TRP A 1 74  ? 0.683   10.243  3.068   1.00 70.06  ? 91  TRP A CH2 1 
ATOM   563  N N   . ALA A 1 75  ? -5.026  8.362   7.286   1.00 66.89  ? 92  ALA A N   1 
ATOM   564  C CA  . ALA A 1 75  ? -6.050  7.342   7.007   1.00 66.99  ? 92  ALA A CA  1 
ATOM   565  C C   . ALA A 1 75  ? -7.454  7.809   7.322   1.00 76.11  ? 92  ALA A C   1 
ATOM   566  O O   . ALA A 1 75  ? -8.366  7.511   6.552   1.00 77.64  ? 92  ALA A O   1 
ATOM   567  C CB  . ALA A 1 75  ? -5.747  6.060   7.738   1.00 67.33  ? 92  ALA A CB  1 
ATOM   568  N N   . SER A 1 76  ? -7.629  8.556   8.439   1.00 75.60  ? 93  SER A N   1 
ATOM   569  C CA  . SER A 1 76  ? -8.894  9.154   8.913   1.00 76.03  ? 93  SER A CA  1 
ATOM   570  C C   . SER A 1 76  ? -9.534  10.057  7.823   1.00 84.11  ? 93  SER A C   1 
ATOM   571  O O   . SER A 1 76  ? -10.749 10.011  7.619   1.00 85.20  ? 93  SER A O   1 
ATOM   572  C CB  . SER A 1 76  ? -8.641  9.972   10.172  1.00 76.54  ? 93  SER A CB  1 
ATOM   573  O OG  . SER A 1 76  ? -7.621  10.928  9.939   1.00 81.34  ? 93  SER A OG  1 
ATOM   574  N N   . SER A 1 77  ? -8.692  10.817  7.094   1.00 80.93  ? 94  SER A N   1 
ATOM   575  C CA  . SER A 1 77  ? -9.056  11.726  6.005   1.00 80.42  ? 94  SER A CA  1 
ATOM   576  C C   . SER A 1 77  ? -9.497  11.030  4.681   1.00 84.02  ? 94  SER A C   1 
ATOM   577  O O   . SER A 1 77  ? -10.053 11.716  3.819   1.00 83.94  ? 94  SER A O   1 
ATOM   578  C CB  . SER A 1 77  ? -7.904  12.689  5.732   1.00 83.83  ? 94  SER A CB  1 
ATOM   579  O OG  . SER A 1 77  ? -7.282  13.115  6.937   1.00 91.27  ? 94  SER A OG  1 
ATOM   580  N N   . VAL A 1 78  ? -9.246  9.688   4.516   1.00 79.48  ? 95  VAL A N   1 
ATOM   581  C CA  . VAL A 1 78  ? -9.560  8.884   3.299   1.00 77.74  ? 95  VAL A CA  1 
ATOM   582  C C   . VAL A 1 78  ? -10.307 7.545   3.654   1.00 82.23  ? 95  VAL A C   1 
ATOM   583  O O   . VAL A 1 78  ? -9.834  6.478   3.270   1.00 82.15  ? 95  VAL A O   1 
ATOM   584  C CB  . VAL A 1 78  ? -8.299  8.653   2.371   1.00 79.10  ? 95  VAL A CB  1 
ATOM   585  C CG1 . VAL A 1 78  ? -7.787  9.956   1.769   1.00 78.23  ? 95  VAL A CG1 1 
ATOM   586  C CG2 . VAL A 1 78  ? -7.163  7.930   3.095   1.00 78.57  ? 95  VAL A CG2 1 
ATOM   587  N N   . PRO A 1 79  ? -11.482 7.559   4.343   1.00 79.85  ? 96  PRO A N   1 
ATOM   588  C CA  . PRO A 1 79  ? -12.111 6.274   4.763   1.00 79.62  ? 96  PRO A CA  1 
ATOM   589  C C   . PRO A 1 79  ? -12.960 5.495   3.749   1.00 85.16  ? 96  PRO A C   1 
ATOM   590  O O   . PRO A 1 79  ? -13.344 4.365   4.043   1.00 86.48  ? 96  PRO A O   1 
ATOM   591  C CB  . PRO A 1 79  ? -12.972 6.675   5.956   1.00 81.04  ? 96  PRO A CB  1 
ATOM   592  C CG  . PRO A 1 79  ? -13.331 8.094   5.686   1.00 85.51  ? 96  PRO A CG  1 
ATOM   593  C CD  . PRO A 1 79  ? -12.205 8.720   4.904   1.00 81.08  ? 96  PRO A CD  1 
ATOM   594  N N   . GLN A 1 80  ? -13.289 6.078   2.599   1.00 81.70  ? 97  GLN A N   1 
ATOM   595  C CA  . GLN A 1 80  ? -14.079 5.394   1.564   1.00 80.97  ? 97  GLN A CA  1 
ATOM   596  C C   . GLN A 1 80  ? -13.179 5.106   0.370   1.00 81.87  ? 97  GLN A C   1 
ATOM   597  O O   . GLN A 1 80  ? -13.626 4.561   -0.643  1.00 80.55  ? 97  GLN A O   1 
ATOM   598  C CB  . GLN A 1 80  ? -15.280 6.257   1.143   1.00 82.84  ? 97  GLN A CB  1 
ATOM   599  C CG  . GLN A 1 80  ? -16.392 6.278   2.171   1.00 97.76  ? 97  GLN A CG  1 
ATOM   600  C CD  . GLN A 1 80  ? -17.550 7.093   1.693   1.00 119.34 ? 97  GLN A CD  1 
ATOM   601  O OE1 . GLN A 1 80  ? -17.391 8.231   1.227   1.00 116.38 ? 97  GLN A OE1 1 
ATOM   602  N NE2 . GLN A 1 80  ? -18.748 6.533   1.824   1.00 111.62 ? 97  GLN A NE2 1 
ATOM   603  N N   . GLY A 1 81  ? -11.908 5.468   0.531   1.00 77.66  ? 98  GLY A N   1 
ATOM   604  C CA  . GLY A 1 81  ? -10.848 5.288   -0.449  1.00 76.22  ? 98  GLY A CA  1 
ATOM   605  C C   . GLY A 1 81  ? -10.506 3.842   -0.710  1.00 76.97  ? 98  GLY A C   1 
ATOM   606  O O   . GLY A 1 81  ? -10.750 2.961   0.122   1.00 73.49  ? 98  GLY A O   1 
ATOM   607  N N   . HIS A 1 82  ? -9.957  3.608   -1.905  1.00 74.62  ? 99  HIS A N   1 
ATOM   608  C CA  . HIS A 1 82  ? -9.509  2.314   -2.385  1.00 74.28  ? 99  HIS A CA  1 
ATOM   609  C C   . HIS A 1 82  ? -8.298  2.497   -3.239  1.00 72.54  ? 99  HIS A C   1 
ATOM   610  O O   . HIS A 1 82  ? -8.160  3.503   -3.925  1.00 70.10  ? 99  HIS A O   1 
ATOM   611  C CB  . HIS A 1 82  ? -10.585 1.628   -3.229  1.00 77.11  ? 99  HIS A CB  1 
ATOM   612  C CG  . HIS A 1 82  ? -11.772 1.191   -2.451  1.00 82.63  ? 99  HIS A CG  1 
ATOM   613  N ND1 . HIS A 1 82  ? -12.992 1.837   -2.580  1.00 85.55  ? 99  HIS A ND1 1 
ATOM   614  C CD2 . HIS A 1 82  ? -11.888 0.196   -1.538  1.00 86.10  ? 99  HIS A CD2 1 
ATOM   615  C CE1 . HIS A 1 82  ? -13.811 1.214   -1.745  1.00 85.89  ? 99  HIS A CE1 1 
ATOM   616  N NE2 . HIS A 1 82  ? -13.187 0.229   -1.084  1.00 86.31  ? 99  HIS A NE2 1 
ATOM   617  N N   . VAL A 1 83  ? -7.430  1.502   -3.213  1.00 69.01  ? 100 VAL A N   1 
ATOM   618  C CA  . VAL A 1 83  ? -6.240  1.422   -4.054  1.00 68.55  ? 100 VAL A CA  1 
ATOM   619  C C   . VAL A 1 83  ? -6.553  0.280   -5.053  1.00 69.01  ? 100 VAL A C   1 
ATOM   620  O O   . VAL A 1 83  ? -7.217  -0.689  -4.661  1.00 68.50  ? 100 VAL A O   1 
ATOM   621  C CB  . VAL A 1 83  ? -4.922  1.291   -3.228  1.00 73.10  ? 100 VAL A CB  1 
ATOM   622  C CG1 . VAL A 1 83  ? -5.006  0.201   -2.171  1.00 72.90  ? 100 VAL A CG1 1 
ATOM   623  C CG2 . VAL A 1 83  ? -3.702  1.102   -4.116  1.00 73.13  ? 100 VAL A CG2 1 
ATOM   624  N N   . TYR A 1 84  ? -6.208  0.451   -6.351  1.00 62.58  ? 101 TYR A N   1 
ATOM   625  C CA  . TYR A 1 84  ? -6.604  -0.514  -7.388  1.00 61.20  ? 101 TYR A CA  1 
ATOM   626  C C   . TYR A 1 84  ? -5.497  -1.167  -8.197  1.00 61.67  ? 101 TYR A C   1 
ATOM   627  O O   . TYR A 1 84  ? -4.484  -0.546  -8.505  1.00 58.90  ? 101 TYR A O   1 
ATOM   628  C CB  . TYR A 1 84  ? -7.572  0.148   -8.408  1.00 62.75  ? 101 TYR A CB  1 
ATOM   629  C CG  . TYR A 1 84  ? -8.759  0.871   -7.814  1.00 64.49  ? 101 TYR A CG  1 
ATOM   630  C CD1 . TYR A 1 84  ? -9.965  0.216   -7.609  1.00 66.37  ? 101 TYR A CD1 1 
ATOM   631  C CD2 . TYR A 1 84  ? -8.704  2.232   -7.541  1.00 65.16  ? 101 TYR A CD2 1 
ATOM   632  C CE1 . TYR A 1 84  ? -11.063 0.878   -7.071  1.00 66.73  ? 101 TYR A CE1 1 
ATOM   633  C CE2 . TYR A 1 84  ? -9.796  2.905   -7.002  1.00 65.89  ? 101 TYR A CE2 1 
ATOM   634  C CZ  . TYR A 1 84  ? -10.977 2.225   -6.776  1.00 72.72  ? 101 TYR A CZ  1 
ATOM   635  O OH  . TYR A 1 84  ? -12.058 2.879   -6.230  1.00 75.28  ? 101 TYR A OH  1 
ATOM   636  N N   . ARG A 1 85  ? -5.799  -2.377  -8.677  1.00 59.74  ? 102 ARG A N   1 
ATOM   637  C CA  . ARG A 1 85  ? -5.010  -3.184  -9.609  1.00 60.21  ? 102 ARG A CA  1 
ATOM   638  C C   . ARG A 1 85  ? -5.964  -3.715  -10.659 1.00 66.01  ? 102 ARG A C   1 
ATOM   639  O O   . ARG A 1 85  ? -7.182  -3.730  -10.434 1.00 65.14  ? 102 ARG A O   1 
ATOM   640  C CB  . ARG A 1 85  ? -4.326  -4.368  -8.910  1.00 57.96  ? 102 ARG A CB  1 
ATOM   641  C CG  . ARG A 1 85  ? -2.824  -4.219  -8.801  1.00 63.16  ? 102 ARG A CG  1 
ATOM   642  C CD  . ARG A 1 85  ? -2.309  -5.071  -7.661  1.00 72.78  ? 102 ARG A CD  1 
ATOM   643  N NE  . ARG A 1 85  ? -0.952  -4.689  -7.274  1.00 83.52  ? 102 ARG A NE  1 
ATOM   644  C CZ  . ARG A 1 85  ? 0.152   -5.318  -7.671  1.00 89.29  ? 102 ARG A CZ  1 
ATOM   645  N NH1 . ARG A 1 85  ? 1.347   -4.873  -7.297  1.00 68.19  ? 102 ARG A NH1 1 
ATOM   646  N NH2 . ARG A 1 85  ? 0.069   -6.386  -8.455  1.00 65.05  ? 102 ARG A NH2 1 
ATOM   647  N N   . PHE A 1 86  ? -5.411  -4.153  -11.802 1.00 63.99  ? 103 PHE A N   1 
ATOM   648  C CA  . PHE A 1 86  ? -6.160  -4.807  -12.863 1.00 64.44  ? 103 PHE A CA  1 
ATOM   649  C C   . PHE A 1 86  ? -5.529  -6.168  -13.135 1.00 69.34  ? 103 PHE A C   1 
ATOM   650  O O   . PHE A 1 86  ? -4.360  -6.254  -13.512 1.00 67.33  ? 103 PHE A O   1 
ATOM   651  C CB  . PHE A 1 86  ? -6.247  -3.958  -14.136 1.00 66.88  ? 103 PHE A CB  1 
ATOM   652  C CG  . PHE A 1 86  ? -7.126  -4.597  -15.188 1.00 69.55  ? 103 PHE A CG  1 
ATOM   653  C CD1 . PHE A 1 86  ? -8.503  -4.428  -15.160 1.00 73.25  ? 103 PHE A CD1 1 
ATOM   654  C CD2 . PHE A 1 86  ? -6.581  -5.424  -16.170 1.00 71.55  ? 103 PHE A CD2 1 
ATOM   655  C CE1 . PHE A 1 86  ? -9.316  -5.066  -16.099 1.00 74.35  ? 103 PHE A CE1 1 
ATOM   656  C CE2 . PHE A 1 86  ? -7.393  -6.053  -17.108 1.00 73.66  ? 103 PHE A CE2 1 
ATOM   657  C CZ  . PHE A 1 86  ? -8.752  -5.869  -17.070 1.00 71.84  ? 103 PHE A CZ  1 
ATOM   658  N N   . CYS A 1 87  ? -6.310  -7.227  -12.929 1.00 69.03  ? 104 CYS A N   1 
ATOM   659  C CA  . CYS A 1 87  ? -5.907  -8.619  -13.148 1.00 69.97  ? 104 CYS A CA  1 
ATOM   660  C C   . CYS A 1 87  ? -6.294  -8.995  -14.588 1.00 72.99  ? 104 CYS A C   1 
ATOM   661  O O   . CYS A 1 87  ? -7.474  -8.925  -14.941 1.00 72.87  ? 104 CYS A O   1 
ATOM   662  C CB  . CYS A 1 87  ? -6.592  -9.511  -12.117 1.00 71.19  ? 104 CYS A CB  1 
ATOM   663  S SG  . CYS A 1 87  ? -6.186  -11.264 -12.249 1.00 76.08  ? 104 CYS A SG  1 
ATOM   664  N N   . THR A 1 88  ? -5.299  -9.300  -15.445 1.00 68.06  ? 105 THR A N   1 
ATOM   665  C CA  . THR A 1 88  ? -5.574  -9.624  -16.856 1.00 66.86  ? 105 THR A CA  1 
ATOM   666  C C   . THR A 1 88  ? -6.184  -11.010 -17.029 1.00 69.07  ? 105 THR A C   1 
ATOM   667  O O   . THR A 1 88  ? -6.181  -11.804 -16.099 1.00 67.80  ? 105 THR A O   1 
ATOM   668  C CB  . THR A 1 88  ? -4.338  -9.461  -17.741 1.00 71.72  ? 105 THR A CB  1 
ATOM   669  O OG1 . THR A 1 88  ? -3.366  -10.457 -17.397 1.00 71.44  ? 105 THR A OG1 1 
ATOM   670  C CG2 . THR A 1 88  ? -3.755  -8.055  -17.695 1.00 68.69  ? 105 THR A CG2 1 
ATOM   671  N N   . ALA A 1 89  ? -6.701  -11.297 -18.240 1.00 66.17  ? 106 ALA A N   1 
ATOM   672  C CA  . ALA A 1 89  ? -7.272  -12.593 -18.610 1.00 65.58  ? 106 ALA A CA  1 
ATOM   673  C C   . ALA A 1 89  ? -6.219  -13.718 -18.465 1.00 69.82  ? 106 ALA A C   1 
ATOM   674  O O   . ALA A 1 89  ? -6.568  -14.813 -18.039 1.00 69.19  ? 106 ALA A O   1 
ATOM   675  C CB  . ALA A 1 89  ? -7.783  -12.536 -20.033 1.00 66.12  ? 106 ALA A CB  1 
ATOM   676  N N   . GLU A 1 90  ? -4.919  -13.401 -18.731 1.00 65.80  ? 107 GLU A N   1 
ATOM   677  C CA  . GLU A 1 90  ? -3.766  -14.299 -18.632 1.00 64.63  ? 107 GLU A CA  1 
ATOM   678  C C   . GLU A 1 90  ? -3.349  -14.614 -17.212 1.00 70.86  ? 107 GLU A C   1 
ATOM   679  O O   . GLU A 1 90  ? -2.276  -15.175 -17.001 1.00 71.03  ? 107 GLU A O   1 
ATOM   680  C CB  . GLU A 1 90  ? -2.578  -13.760 -19.424 1.00 65.46  ? 107 GLU A CB  1 
ATOM   681  C CG  . GLU A 1 90  ? -2.886  -13.521 -20.891 1.00 72.24  ? 107 GLU A CG  1 
ATOM   682  C CD  . GLU A 1 90  ? -3.635  -12.243 -21.196 1.00 89.77  ? 107 GLU A CD  1 
ATOM   683  O OE1 . GLU A 1 90  ? -4.581  -12.295 -22.013 1.00 83.64  ? 107 GLU A OE1 1 
ATOM   684  O OE2 . GLU A 1 90  ? -3.281  -11.192 -20.612 1.00 95.08  ? 107 GLU A OE2 1 
ATOM   685  N N   . GLY A 1 91  ? -4.209  -14.278 -16.253 1.00 69.72  ? 108 GLY A N   1 
ATOM   686  C CA  . GLY A 1 91  ? -3.996  -14.527 -14.833 1.00 69.94  ? 108 GLY A CA  1 
ATOM   687  C C   . GLY A 1 91  ? -2.818  -13.757 -14.284 1.00 73.89  ? 108 GLY A C   1 
ATOM   688  O O   . GLY A 1 91  ? -2.235  -14.168 -13.269 1.00 74.35  ? 108 GLY A O   1 
ATOM   689  N N   . LEU A 1 92  ? -2.467  -12.628 -14.959 1.00 68.48  ? 109 LEU A N   1 
ATOM   690  C CA  . LEU A 1 92  ? -1.342  -11.761 -14.578 1.00 67.42  ? 109 LEU A CA  1 
ATOM   691  C C   . LEU A 1 92  ? -1.764  -10.337 -14.216 1.00 72.47  ? 109 LEU A C   1 
ATOM   692  O O   . LEU A 1 92  ? -2.514  -9.711  -14.964 1.00 72.50  ? 109 LEU A O   1 
ATOM   693  C CB  . LEU A 1 92  ? -0.302  -11.679 -15.709 1.00 66.01  ? 109 LEU A CB  1 
ATOM   694  C CG  . LEU A 1 92  ? 0.308   -12.968 -16.237 1.00 67.42  ? 109 LEU A CG  1 
ATOM   695  C CD1 . LEU A 1 92  ? 0.988   -12.711 -17.566 1.00 66.85  ? 109 LEU A CD1 1 
ATOM   696  C CD2 . LEU A 1 92  ? 1.250   -13.608 -15.226 1.00 62.63  ? 109 LEU A CD2 1 
ATOM   697  N N   . TRP A 1 93  ? -1.246  -9.810  -13.089 1.00 69.22  ? 110 TRP A N   1 
ATOM   698  C CA  . TRP A 1 93  ? -1.473  -8.411  -12.689 1.00 67.65  ? 110 TRP A CA  1 
ATOM   699  C C   . TRP A 1 93  ? -0.908  -7.534  -13.805 1.00 73.30  ? 110 TRP A C   1 
ATOM   700  O O   . TRP A 1 93  ? 0.211   -7.775  -14.251 1.00 73.57  ? 110 TRP A O   1 
ATOM   701  C CB  . TRP A 1 93  ? -0.751  -8.089  -11.368 1.00 64.55  ? 110 TRP A CB  1 
ATOM   702  C CG  . TRP A 1 93  ? -1.284  -8.806  -10.161 1.00 64.15  ? 110 TRP A CG  1 
ATOM   703  C CD1 . TRP A 1 93  ? -0.605  -9.678  -9.364  1.00 66.72  ? 110 TRP A CD1 1 
ATOM   704  C CD2 . TRP A 1 93  ? -2.586  -8.659  -9.573  1.00 63.13  ? 110 TRP A CD2 1 
ATOM   705  N NE1 . TRP A 1 93  ? -1.401  -10.086 -8.315  1.00 65.04  ? 110 TRP A NE1 1 
ATOM   706  C CE2 . TRP A 1 93  ? -2.626  -9.489  -8.426  1.00 66.14  ? 110 TRP A CE2 1 
ATOM   707  C CE3 . TRP A 1 93  ? -3.724  -7.907  -9.902  1.00 63.84  ? 110 TRP A CE3 1 
ATOM   708  C CZ2 . TRP A 1 93  ? -3.763  -9.609  -7.624  1.00 65.30  ? 110 TRP A CZ2 1 
ATOM   709  C CZ3 . TRP A 1 93  ? -4.844  -8.010  -9.088  1.00 65.35  ? 110 TRP A CZ3 1 
ATOM   710  C CH2 . TRP A 1 93  ? -4.859  -8.857  -7.968  1.00 65.75  ? 110 TRP A CH2 1 
ATOM   711  N N   . LEU A 1 94  ? -1.702  -6.584  -14.312 1.00 71.75  ? 111 LEU A N   1 
ATOM   712  C CA  . LEU A 1 94  ? -1.295  -5.689  -15.395 1.00 72.32  ? 111 LEU A CA  1 
ATOM   713  C C   . LEU A 1 94  ? -0.004  -4.918  -15.082 1.00 82.46  ? 111 LEU A C   1 
ATOM   714  O O   . LEU A 1 94  ? 0.258   -4.532  -13.942 1.00 82.81  ? 111 LEU A O   1 
ATOM   715  C CB  . LEU A 1 94  ? -2.426  -4.713  -15.752 1.00 71.28  ? 111 LEU A CB  1 
ATOM   716  C CG  . LEU A 1 94  ? -2.326  -4.004  -17.102 1.00 73.87  ? 111 LEU A CG  1 
ATOM   717  C CD1 . LEU A 1 94  ? -3.672  -3.905  -17.753 1.00 73.12  ? 111 LEU A CD1 1 
ATOM   718  C CD2 . LEU A 1 94  ? -1.761  -2.636  -16.954 1.00 74.30  ? 111 LEU A CD2 1 
ATOM   719  N N   . GLN A 1 95  ? 0.792   -4.722  -16.121 1.00 82.56  ? 112 GLN A N   1 
ATOM   720  C CA  . GLN A 1 95  ? 2.034   -3.982  -16.134 1.00 83.87  ? 112 GLN A CA  1 
ATOM   721  C C   . GLN A 1 95  ? 2.069   -3.270  -17.482 1.00 92.72  ? 112 GLN A C   1 
ATOM   722  O O   . GLN A 1 95  ? 2.060   -3.920  -18.536 1.00 90.67  ? 112 GLN A O   1 
ATOM   723  C CB  . GLN A 1 95  ? 3.225   -4.930  -16.001 1.00 85.14  ? 112 GLN A CB  1 
ATOM   724  C CG  . GLN A 1 95  ? 3.513   -5.366  -14.579 1.00 87.43  ? 112 GLN A CG  1 
ATOM   725  C CD  . GLN A 1 95  ? 4.865   -5.989  -14.469 1.00 104.45 ? 112 GLN A CD  1 
ATOM   726  O OE1 . GLN A 1 95  ? 5.715   -5.882  -15.382 1.00 94.34  ? 112 GLN A OE1 1 
ATOM   727  N NE2 . GLN A 1 95  ? 5.082   -6.665  -13.343 1.00 105.28 ? 112 GLN A NE2 1 
ATOM   728  N N   . LYS A 1 96  ? 2.043   -1.926  -17.434 1.00 94.92  ? 113 LYS A N   1 
ATOM   729  C CA  . LYS A 1 96  ? 2.007   -1.021  -18.586 1.00 96.41  ? 113 LYS A CA  1 
ATOM   730  C C   . LYS A 1 96  ? 3.344   -0.953  -19.348 1.00 107.19 ? 113 LYS A C   1 
ATOM   731  O O   . LYS A 1 96  ? 4.339   -1.520  -18.908 1.00 107.29 ? 113 LYS A O   1 
ATOM   732  C CB  . LYS A 1 96  ? 1.575   0.392   -18.127 1.00 96.84  ? 113 LYS A CB  1 
ATOM   733  C CG  . LYS A 1 96  ? 0.086   0.541   -17.848 1.00 85.30  ? 113 LYS A CG  1 
ATOM   734  C CD  . LYS A 1 96  ? -0.422  1.883   -18.321 1.00 88.59  ? 113 LYS A CD  1 
ATOM   735  C CE  . LYS A 1 96  ? -1.327  1.750   -19.521 1.00 101.04 ? 113 LYS A CE  1 
ATOM   736  N NZ  . LYS A 1 96  ? -1.188  2.909   -20.440 1.00 112.83 ? 113 LYS A NZ  1 
ATOM   737  N N   . ASP A 1 97  ? 3.346   -0.251  -20.498 1.00 108.79 ? 114 ASP A N   1 
ATOM   738  C CA  . ASP A 1 97  ? 4.503   0.026   -21.358 1.00 110.93 ? 114 ASP A CA  1 
ATOM   739  C C   . ASP A 1 97  ? 5.583   0.702   -20.498 1.00 115.13 ? 114 ASP A C   1 
ATOM   740  O O   . ASP A 1 97  ? 5.254   1.580   -19.681 1.00 114.89 ? 114 ASP A O   1 
ATOM   741  C CB  . ASP A 1 97  ? 4.071   0.991   -22.503 1.00 114.20 ? 114 ASP A CB  1 
ATOM   742  C CG  . ASP A 1 97  ? 4.849   0.910   -23.816 1.00 130.83 ? 114 ASP A CG  1 
ATOM   743  O OD1 . ASP A 1 97  ? 6.098   1.071   -23.783 1.00 132.57 ? 114 ASP A OD1 1 
ATOM   744  O OD2 . ASP A 1 97  ? 4.200   0.769   -24.887 1.00 136.86 ? 114 ASP A OD2 1 
ATOM   745  N N   . ASN A 1 98  ? 6.857   0.253   -20.659 1.00 110.83 ? 115 ASN A N   1 
ATOM   746  C CA  . ASN A 1 98  ? 8.048   0.759   -19.949 1.00 109.68 ? 115 ASN A CA  1 
ATOM   747  C C   . ASN A 1 98  ? 7.870   0.863   -18.412 1.00 109.30 ? 115 ASN A C   1 
ATOM   748  O O   . ASN A 1 98  ? 7.903   1.968   -17.864 1.00 109.86 ? 115 ASN A O   1 
ATOM   749  C CB  . ASN A 1 98  ? 8.522   2.109   -20.552 1.00 112.96 ? 115 ASN A CB  1 
ATOM   750  C CG  . ASN A 1 98  ? 9.211   2.035   -21.906 1.00 146.31 ? 115 ASN A CG  1 
ATOM   751  O OD1 . ASN A 1 98  ? 8.958   1.144   -22.735 1.00 144.93 ? 115 ASN A OD1 1 
ATOM   752  N ND2 . ASN A 1 98  ? 10.067  3.015   -22.178 1.00 136.66 ? 115 ASN A ND2 1 
ATOM   753  N N   . SER A 1 99  ? 7.659   -0.283  -17.728 1.00 101.53 ? 116 SER A N   1 
ATOM   754  C CA  . SER A 1 99  ? 7.513   -0.355  -16.264 1.00 99.56  ? 116 SER A CA  1 
ATOM   755  C C   . SER A 1 99  ? 7.941   -1.719  -15.698 1.00 100.28 ? 116 SER A C   1 
ATOM   756  O O   . SER A 1 99  ? 8.076   -2.666  -16.465 1.00 99.42  ? 116 SER A O   1 
ATOM   757  C CB  . SER A 1 99  ? 6.105   0.044   -15.808 1.00 101.88 ? 116 SER A CB  1 
ATOM   758  O OG  . SER A 1 99  ? 5.043   -0.588  -16.503 1.00 105.43 ? 116 SER A OG  1 
ATOM   759  N N   . SER A 1 100 ? 8.177   -1.806  -14.369 1.00 94.90  ? 117 SER A N   1 
ATOM   760  C CA  . SER A 1 100 ? 8.578   -3.028  -13.642 1.00 93.95  ? 117 SER A CA  1 
ATOM   761  C C   . SER A 1 100 ? 7.657   -3.268  -12.442 1.00 97.13  ? 117 SER A C   1 
ATOM   762  O O   . SER A 1 100 ? 7.424   -4.408  -12.030 1.00 96.87  ? 117 SER A O   1 
ATOM   763  C CB  . SER A 1 100 ? 10.022  -2.926  -13.157 1.00 96.77  ? 117 SER A CB  1 
ATOM   764  O OG  . SER A 1 100 ? 10.356  -4.013  -12.311 1.00 102.72 ? 117 SER A OG  1 
ATOM   765  N N   . LEU A 1 101 ? 7.224   -2.167  -11.832 1.00 92.49  ? 118 LEU A N   1 
ATOM   766  C CA  . LEU A 1 101 ? 6.279   -2.117  -10.737 1.00 91.19  ? 118 LEU A CA  1 
ATOM   767  C C   . LEU A 1 101 ? 4.904   -2.224  -11.499 1.00 93.42  ? 118 LEU A C   1 
ATOM   768  O O   . LEU A 1 101 ? 4.759   -1.639  -12.595 1.00 93.80  ? 118 LEU A O   1 
ATOM   769  C CB  . LEU A 1 101 ? 6.478   -0.756  -10.007 1.00 91.23  ? 118 LEU A CB  1 
ATOM   770  C CG  . LEU A 1 101 ? 5.800   -0.458  -8.636  1.00 96.18  ? 118 LEU A CG  1 
ATOM   771  C CD1 . LEU A 1 101 ? 6.343   -1.339  -7.504  1.00 96.61  ? 118 LEU A CD1 1 
ATOM   772  C CD2 . LEU A 1 101 ? 6.020   0.997   -8.232  1.00 96.62  ? 118 LEU A CD2 1 
ATOM   773  N N   . PRO A 1 102 ? 3.957   -3.078  -11.024 1.00 85.78  ? 119 PRO A N   1 
ATOM   774  C CA  . PRO A 1 102 ? 2.683   -3.243  -11.744 1.00 83.38  ? 119 PRO A CA  1 
ATOM   775  C C   . PRO A 1 102 ? 1.715   -2.067  -11.585 1.00 79.77  ? 119 PRO A C   1 
ATOM   776  O O   . PRO A 1 102 ? 1.781   -1.335  -10.582 1.00 79.44  ? 119 PRO A O   1 
ATOM   777  C CB  . PRO A 1 102 ? 2.091   -4.520  -11.124 1.00 85.54  ? 119 PRO A CB  1 
ATOM   778  C CG  . PRO A 1 102 ? 3.184   -5.095  -10.251 1.00 91.25  ? 119 PRO A CG  1 
ATOM   779  C CD  . PRO A 1 102 ? 3.966   -3.906  -9.807  1.00 87.21  ? 119 PRO A CD  1 
ATOM   780  N N   . TRP A 1 103 ? 0.795   -1.903  -12.578 1.00 68.79  ? 120 TRP A N   1 
ATOM   781  C CA  . TRP A 1 103 ? -0.244  -0.876  -12.572 1.00 64.19  ? 120 TRP A CA  1 
ATOM   782  C C   . TRP A 1 103 ? -1.027  -0.890  -11.288 1.00 63.94  ? 120 TRP A C   1 
ATOM   783  O O   . TRP A 1 103 ? -1.502  -1.928  -10.849 1.00 64.09  ? 120 TRP A O   1 
ATOM   784  C CB  . TRP A 1 103 ? -1.199  -0.981  -13.766 1.00 61.41  ? 120 TRP A CB  1 
ATOM   785  C CG  . TRP A 1 103 ? -2.201  0.135   -13.780 1.00 61.08  ? 120 TRP A CG  1 
ATOM   786  C CD1 . TRP A 1 103 ? -2.023  1.385   -14.289 1.00 63.59  ? 120 TRP A CD1 1 
ATOM   787  C CD2 . TRP A 1 103 ? -3.486  0.141   -13.141 1.00 60.16  ? 120 TRP A CD2 1 
ATOM   788  N NE1 . TRP A 1 103 ? -3.135  2.156   -14.051 1.00 62.12  ? 120 TRP A NE1 1 
ATOM   789  C CE2 . TRP A 1 103 ? -4.050  1.418   -13.347 1.00 62.68  ? 120 TRP A CE2 1 
ATOM   790  C CE3 . TRP A 1 103 ? -4.209  -0.804  -12.397 1.00 61.11  ? 120 TRP A CE3 1 
ATOM   791  C CZ2 . TRP A 1 103 ? -5.284  1.783   -12.821 1.00 61.40  ? 120 TRP A CZ2 1 
ATOM   792  C CZ3 . TRP A 1 103 ? -5.443  -0.441  -11.882 1.00 62.32  ? 120 TRP A CZ3 1 
ATOM   793  C CH2 . TRP A 1 103 ? -5.963  0.843   -12.090 1.00 62.61  ? 120 TRP A CH2 1 
ATOM   794  N N   . ARG A 1 104 ? -1.212  0.295   -10.737 1.00 58.86  ? 121 ARG A N   1 
ATOM   795  C CA  . ARG A 1 104 ? -1.910  0.543   -9.489  1.00 57.64  ? 121 ARG A CA  1 
ATOM   796  C C   . ARG A 1 104 ? -2.453  1.986   -9.469  1.00 59.97  ? 121 ARG A C   1 
ATOM   797  O O   . ARG A 1 104 ? -1.733  2.925   -9.856  1.00 57.13  ? 121 ARG A O   1 
ATOM   798  C CB  . ARG A 1 104 ? -0.872  0.359   -8.383  1.00 56.40  ? 121 ARG A CB  1 
ATOM   799  C CG  . ARG A 1 104 ? -1.324  0.283   -6.962  1.00 57.54  ? 121 ARG A CG  1 
ATOM   800  C CD  . ARG A 1 104 ? -0.094  -0.076  -6.162  1.00 70.20  ? 121 ARG A CD  1 
ATOM   801  N NE  . ARG A 1 104 ? 0.960   0.928   -6.323  1.00 74.05  ? 121 ARG A NE  1 
ATOM   802  C CZ  . ARG A 1 104 ? 2.160   0.868   -5.751  1.00 91.58  ? 121 ARG A CZ  1 
ATOM   803  N NH1 . ARG A 1 104 ? 2.474   -0.143  -4.943  1.00 75.93  ? 121 ARG A NH1 1 
ATOM   804  N NH2 . ARG A 1 104 ? 3.050   1.825   -5.967  1.00 78.06  ? 121 ARG A NH2 1 
ATOM   805  N N   . ASP A 1 105 ? -3.726  2.159   -9.026  1.00 57.65  ? 122 ASP A N   1 
ATOM   806  C CA  . ASP A 1 105 ? -4.334  3.494   -8.821  1.00 57.34  ? 122 ASP A CA  1 
ATOM   807  C C   . ASP A 1 105 ? -4.354  3.759   -7.304  1.00 61.42  ? 122 ASP A C   1 
ATOM   808  O O   . ASP A 1 105 ? -5.045  3.073   -6.546  1.00 62.71  ? 122 ASP A O   1 
ATOM   809  C CB  . ASP A 1 105 ? -5.732  3.664   -9.472  1.00 58.86  ? 122 ASP A CB  1 
ATOM   810  C CG  . ASP A 1 105 ? -6.249  5.102   -9.440  1.00 72.07  ? 122 ASP A CG  1 
ATOM   811  O OD1 . ASP A 1 105 ? -5.420  6.038   -9.543  1.00 73.27  ? 122 ASP A OD1 1 
ATOM   812  O OD2 . ASP A 1 105 ? -7.486  5.292   -9.349  1.00 78.83  ? 122 ASP A OD2 1 
ATOM   813  N N   . LEU A 1 106 ? -3.509  4.671   -6.872  1.00 57.35  ? 123 LEU A N   1 
ATOM   814  C CA  . LEU A 1 106 ? -3.282  5.064   -5.476  1.00 57.97  ? 123 LEU A CA  1 
ATOM   815  C C   . LEU A 1 106 ? -4.059  6.344   -5.112  1.00 60.62  ? 123 LEU A C   1 
ATOM   816  O O   . LEU A 1 106 ? -4.032  6.756   -3.954  1.00 59.45  ? 123 LEU A O   1 
ATOM   817  C CB  . LEU A 1 106 ? -1.791  5.436   -5.403  1.00 58.17  ? 123 LEU A CB  1 
ATOM   818  C CG  . LEU A 1 106 ? -0.892  4.768   -4.424  1.00 62.35  ? 123 LEU A CG  1 
ATOM   819  C CD1 . LEU A 1 106 ? -0.838  3.314   -4.644  1.00 61.99  ? 123 LEU A CD1 1 
ATOM   820  C CD2 . LEU A 1 106 ? 0.476   5.295   -4.603  1.00 65.70  ? 123 LEU A CD2 1 
ATOM   821  N N   . SER A 1 107 ? -4.648  6.997   -6.131  1.00 56.47  ? 124 SER A N   1 
ATOM   822  C CA  . SER A 1 107 ? -5.359  8.271   -6.140  1.00 56.58  ? 124 SER A CA  1 
ATOM   823  C C   . SER A 1 107 ? -6.253  8.585   -4.940  1.00 61.04  ? 124 SER A C   1 
ATOM   824  O O   . SER A 1 107 ? -6.107  9.647   -4.346  1.00 59.03  ? 124 SER A O   1 
ATOM   825  C CB  . SER A 1 107 ? -6.188  8.399   -7.410  1.00 60.21  ? 124 SER A CB  1 
ATOM   826  O OG  . SER A 1 107 ? -5.411  9.063   -8.389  1.00 72.03  ? 124 SER A OG  1 
ATOM   827  N N   . GLU A 1 108 ? -7.178  7.681   -4.599  1.00 58.89  ? 125 GLU A N   1 
ATOM   828  C CA  . GLU A 1 108 ? -8.170  7.862   -3.542  1.00 58.82  ? 125 GLU A CA  1 
ATOM   829  C C   . GLU A 1 108 ? -7.572  7.870   -2.165  1.00 66.08  ? 125 GLU A C   1 
ATOM   830  O O   . GLU A 1 108 ? -8.286  8.170   -1.207  1.00 66.24  ? 125 GLU A O   1 
ATOM   831  C CB  . GLU A 1 108 ? -9.238  6.753   -3.634  1.00 59.70  ? 125 GLU A CB  1 
ATOM   832  C CG  . GLU A 1 108 ? -10.024 6.757   -4.939  1.00 58.76  ? 125 GLU A CG  1 
ATOM   833  C CD  . GLU A 1 108 ? -11.089 5.684   -5.059  1.00 81.62  ? 125 GLU A CD  1 
ATOM   834  O OE1 . GLU A 1 108 ? -11.548 5.170   -4.007  1.00 60.28  ? 125 GLU A OE1 1 
ATOM   835  O OE2 . GLU A 1 108 ? -11.523 5.419   -6.207  1.00 75.86  ? 125 GLU A OE2 1 
ATOM   836  N N   . CYS A 1 109 ? -6.278  7.499   -2.070  1.00 64.36  ? 126 CYS A N   1 
ATOM   837  C CA  . CYS A 1 109 ? -5.516  7.295   -0.858  1.00 64.35  ? 126 CYS A CA  1 
ATOM   838  C C   . CYS A 1 109 ? -4.463  8.355   -0.639  1.00 71.06  ? 126 CYS A C   1 
ATOM   839  O O   . CYS A 1 109 ? -3.829  8.328   0.405   1.00 69.41  ? 126 CYS A O   1 
ATOM   840  C CB  . CYS A 1 109 ? -4.903  5.895   -0.844  1.00 65.00  ? 126 CYS A CB  1 
ATOM   841  S SG  . CYS A 1 109 ? -6.095  4.530   -1.000  1.00 69.66  ? 126 CYS A SG  1 
ATOM   842  N N   . GLU A 1 110 ? -4.251  9.288   -1.581  1.00 72.06  ? 127 GLU A N   1 
ATOM   843  C CA  . GLU A 1 110 ? -3.225  10.298  -1.333  1.00 74.38  ? 127 GLU A CA  1 
ATOM   844  C C   . GLU A 1 110 ? -3.737  11.397  -0.373  1.00 87.09  ? 127 GLU A C   1 
ATOM   845  O O   . GLU A 1 110 ? -4.925  11.419  -0.049  1.00 88.22  ? 127 GLU A O   1 
ATOM   846  C CB  . GLU A 1 110 ? -2.555  10.843  -2.602  1.00 75.48  ? 127 GLU A CB  1 
ATOM   847  C CG  . GLU A 1 110 ? -3.446  11.301  -3.729  1.00 84.84  ? 127 GLU A CG  1 
ATOM   848  C CD  . GLU A 1 110 ? -2.805  11.076  -5.083  1.00 107.92 ? 127 GLU A CD  1 
ATOM   849  O OE1 . GLU A 1 110 ? -3.053  11.887  -6.007  1.00 106.47 ? 127 GLU A OE1 1 
ATOM   850  O OE2 . GLU A 1 110 ? -2.028  10.101  -5.212  1.00 97.99  ? 127 GLU A OE2 1 
ATOM   851  N N   . GLU A 1 111 ? -2.821  12.232  0.159   1.00 89.71  ? 128 GLU A N   1 
ATOM   852  C CA  . GLU A 1 111 ? -3.094  13.205  1.209   1.00 92.59  ? 128 GLU A CA  1 
ATOM   853  C C   . GLU A 1 111 ? -4.046  14.371  0.848   1.00 105.41 ? 128 GLU A C   1 
ATOM   854  O O   . GLU A 1 111 ? -5.168  14.404  1.378   1.00 105.13 ? 128 GLU A O   1 
ATOM   855  C CB  . GLU A 1 111 ? -1.776  13.748  1.775   1.00 93.79  ? 128 GLU A CB  1 
ATOM   856  C CG  . GLU A 1 111 ? -1.873  14.196  3.228   1.00 101.08 ? 128 GLU A CG  1 
ATOM   857  C CD  . GLU A 1 111 ? -0.594  14.711  3.864   1.00 115.21 ? 128 GLU A CD  1 
ATOM   858  O OE1 . GLU A 1 111 ? -0.634  15.043  5.071   1.00 104.43 ? 128 GLU A OE1 1 
ATOM   859  O OE2 . GLU A 1 111 ? 0.445   14.782  3.165   1.00 106.41 ? 128 GLU A OE2 1 
ATOM   860  N N   . SER A 1 112 ? -3.575  15.342  0.019   1.00 108.73 ? 129 SER A N   1 
ATOM   861  C CA  . SER A 1 112 ? -4.226  16.615  -0.387  1.00 111.96 ? 129 SER A CA  1 
ATOM   862  C C   . SER A 1 112 ? -3.999  17.721  0.669   1.00 121.87 ? 129 SER A C   1 
ATOM   863  O O   . SER A 1 112 ? -4.110  17.462  1.874   1.00 121.10 ? 129 SER A O   1 
ATOM   864  C CB  . SER A 1 112 ? -5.703  16.459  -0.768  1.00 116.26 ? 129 SER A CB  1 
ATOM   865  O OG  . SER A 1 112 ? -6.185  17.556  -1.533  1.00 122.79 ? 129 SER A OG  1 
ATOM   866  N N   . LYS A 1 113 ? -3.665  18.949  0.191   1.00 123.09 ? 130 LYS A N   1 
ATOM   867  C CA  . LYS A 1 113 ? -3.302  20.152  0.959   1.00 124.72 ? 130 LYS A CA  1 
ATOM   868  C C   . LYS A 1 113 ? -4.454  20.832  1.782   1.00 133.30 ? 130 LYS A C   1 
ATOM   869  O O   . LYS A 1 113 ? -5.494  20.208  2.043   1.00 132.70 ? 130 LYS A O   1 
ATOM   870  C CB  . LYS A 1 113 ? -2.628  21.176  0.020   1.00 126.76 ? 130 LYS A CB  1 
ATOM   871  C CG  . LYS A 1 113 ? -1.206  21.547  0.437   1.00 139.56 ? 130 LYS A CG  1 
ATOM   872  C CD  . LYS A 1 113 ? -0.138  20.662  -0.218  1.00 146.06 ? 130 LYS A CD  1 
ATOM   873  C CE  . LYS A 1 113 ? 0.856   21.455  -1.037  1.00 150.33 ? 130 LYS A CE  1 
ATOM   874  N NZ  . LYS A 1 113 ? 1.796   22.233  -0.188  1.00 153.27 ? 130 LYS A NZ  1 
ATOM   875  N N   . ARG A 1 114 ? -4.214  22.110  2.216   1.00 133.01 ? 131 ARG A N   1 
ATOM   876  C CA  . ARG A 1 114 ? -5.068  22.971  3.056   1.00 133.98 ? 131 ARG A CA  1 
ATOM   877  C C   . ARG A 1 114 ? -6.493  23.250  2.507   1.00 140.07 ? 131 ARG A C   1 
ATOM   878  O O   . ARG A 1 114 ? -6.753  23.107  1.307   1.00 139.62 ? 131 ARG A O   1 
ATOM   879  C CB  . ARG A 1 114 ? -4.356  24.305  3.398   1.00 134.38 ? 131 ARG A CB  1 
ATOM   880  C CG  . ARG A 1 114 ? -4.171  25.290  2.242   1.00 143.58 ? 131 ARG A CG  1 
ATOM   881  C CD  . ARG A 1 114 ? -3.805  26.669  2.757   1.00 151.89 ? 131 ARG A CD  1 
ATOM   882  N N   . GLY A 1 115 ? -7.376  23.663  3.425   1.00 137.98 ? 132 GLY A N   1 
ATOM   883  C CA  . GLY A 1 115 ? -8.780  23.981  3.183   1.00 138.13 ? 132 GLY A CA  1 
ATOM   884  C C   . GLY A 1 115 ? -9.627  23.800  4.430   1.00 141.93 ? 132 GLY A C   1 
ATOM   885  O O   . GLY A 1 115 ? -10.054 24.789  5.038   1.00 141.39 ? 132 GLY A O   1 
ATOM   886  N N   . GLU A 1 116 ? -9.866  22.521  4.826   1.00 138.09 ? 133 GLU A N   1 
ATOM   887  C CA  . GLU A 1 116 ? -10.638 22.128  6.016   1.00 161.14 ? 133 GLU A CA  1 
ATOM   888  C C   . GLU A 1 116 ? -10.162 20.775  6.559   1.00 168.16 ? 133 GLU A C   1 
ATOM   889  O O   . GLU A 1 116 ? -10.006 20.601  7.771   1.00 117.71 ? 133 GLU A O   1 
ATOM   890  C CB  . GLU A 1 116 ? -12.126 22.066  5.692   1.00 161.83 ? 133 GLU A CB  1 
ATOM   891  N N   . ASP B 2 1   ? 6.753   22.340  16.603  1.00 157.72 ? 9   ASP B N   1 
ATOM   892  C CA  . ASP B 2 1   ? 6.729   23.321  15.514  1.00 157.65 ? 9   ASP B CA  1 
ATOM   893  C C   . ASP B 2 1   ? 7.838   23.089  14.471  1.00 161.38 ? 9   ASP B C   1 
ATOM   894  O O   . ASP B 2 1   ? 7.658   23.432  13.298  1.00 161.05 ? 9   ASP B O   1 
ATOM   895  C CB  . ASP B 2 1   ? 6.799   24.754  16.067  1.00 159.46 ? 9   ASP B CB  1 
ATOM   896  N N   . LEU B 2 2   ? 8.985   22.530  14.914  1.00 157.39 ? 10  LEU B N   1 
ATOM   897  C CA  . LEU B 2 2   ? 10.163  22.215  14.096  1.00 156.65 ? 10  LEU B CA  1 
ATOM   898  C C   . LEU B 2 2   ? 10.543  20.730  14.240  1.00 158.77 ? 10  LEU B C   1 
ATOM   899  O O   . LEU B 2 2   ? 10.806  20.070  13.232  1.00 158.32 ? 10  LEU B O   1 
ATOM   900  C CB  . LEU B 2 2   ? 11.345  23.117  14.483  1.00 156.73 ? 10  LEU B CB  1 
ATOM   901  N N   . SER B 2 3   ? 10.564  20.212  15.491  1.00 153.69 ? 11  SER B N   1 
ATOM   902  C CA  . SER B 2 3   ? 10.853  18.811  15.802  1.00 152.52 ? 11  SER B CA  1 
ATOM   903  C C   . SER B 2 3   ? 9.606   17.944  15.532  1.00 154.15 ? 11  SER B C   1 
ATOM   904  O O   . SER B 2 3   ? 9.743   16.833  15.012  1.00 153.71 ? 11  SER B O   1 
ATOM   905  C CB  . SER B 2 3   ? 11.313  18.665  17.249  1.00 155.83 ? 11  SER B CB  1 
ATOM   906  N N   . LYS B 2 4   ? 8.395   18.468  15.861  1.00 148.58 ? 12  LYS B N   1 
ATOM   907  C CA  . LYS B 2 4   ? 7.100   17.800  15.648  1.00 147.30 ? 12  LYS B CA  1 
ATOM   908  C C   . LYS B 2 4   ? 6.564   17.972  14.208  1.00 148.17 ? 12  LYS B C   1 
ATOM   909  O O   . LYS B 2 4   ? 5.620   17.276  13.825  1.00 148.00 ? 12  LYS B O   1 
ATOM   910  C CB  . LYS B 2 4   ? 6.061   18.277  16.677  1.00 149.80 ? 12  LYS B CB  1 
ATOM   911  N N   . GLN B 2 5   ? 7.169   18.901  13.423  1.00 141.73 ? 13  GLN B N   1 
ATOM   912  C CA  . GLN B 2 5   ? 6.835   19.193  12.020  1.00 139.98 ? 13  GLN B CA  1 
ATOM   913  C C   . GLN B 2 5   ? 7.791   18.467  11.060  1.00 140.25 ? 13  GLN B C   1 
ATOM   914  O O   . GLN B 2 5   ? 7.563   18.456  9.846   1.00 139.98 ? 13  GLN B O   1 
ATOM   915  C CB  . GLN B 2 5   ? 6.847   20.706  11.754  1.00 141.30 ? 13  GLN B CB  1 
ATOM   916  N N   . LEU B 2 6   ? 8.860   17.863  11.612  1.00 133.57 ? 14  LEU B N   1 
ATOM   917  C CA  . LEU B 2 6   ? 9.853   17.086  10.875  1.00 131.50 ? 14  LEU B CA  1 
ATOM   918  C C   . LEU B 2 6   ? 9.489   15.598  10.921  1.00 131.08 ? 14  LEU B C   1 
ATOM   919  O O   . LEU B 2 6   ? 9.864   14.860  10.006  1.00 130.48 ? 14  LEU B O   1 
ATOM   920  C CB  . LEU B 2 6   ? 11.254  17.312  11.451  1.00 131.49 ? 14  LEU B CB  1 
ATOM   921  C CG  . LEU B 2 6   ? 12.350  17.563  10.423  1.00 136.15 ? 14  LEU B CG  1 
ATOM   922  C CD1 . LEU B 2 6   ? 13.220  18.738  10.828  1.00 136.29 ? 14  LEU B CD1 1 
ATOM   923  C CD2 . LEU B 2 6   ? 13.190  16.315  10.194  1.00 137.89 ? 14  LEU B CD2 1 
ATOM   924  N N   . ASP B 2 7   ? 8.760   15.156  11.978  1.00 124.48 ? 15  ASP B N   1 
ATOM   925  C CA  . ASP B 2 7   ? 8.330   13.761  12.112  1.00 122.87 ? 15  ASP B CA  1 
ATOM   926  C C   . ASP B 2 7   ? 7.101   13.465  11.249  1.00 124.28 ? 15  ASP B C   1 
ATOM   927  O O   . ASP B 2 7   ? 6.983   12.354  10.733  1.00 124.27 ? 15  ASP B O   1 
ATOM   928  C CB  . ASP B 2 7   ? 8.145   13.332  13.578  1.00 124.20 ? 15  ASP B CB  1 
ATOM   929  C CG  . ASP B 2 7   ? 8.876   12.042  13.933  1.00 130.65 ? 15  ASP B CG  1 
ATOM   930  O OD1 . ASP B 2 7   ? 9.927   11.756  13.309  1.00 130.76 ? 15  ASP B OD1 1 
ATOM   931  O OD2 . ASP B 2 7   ? 8.423   11.342  14.858  1.00 135.03 ? 15  ASP B OD2 1 
ATOM   932  N N   . GLU B 2 8   ? 6.222   14.470  11.041  1.00 118.01 ? 16  GLU B N   1 
ATOM   933  C CA  . GLU B 2 8   ? 5.065   14.351  10.142  1.00 116.06 ? 16  GLU B CA  1 
ATOM   934  C C   . GLU B 2 8   ? 5.572   14.434  8.684   1.00 111.69 ? 16  GLU B C   1 
ATOM   935  O O   . GLU B 2 8   ? 4.923   13.923  7.772   1.00 111.20 ? 16  GLU B O   1 
ATOM   936  C CB  . GLU B 2 8   ? 3.994   15.432  10.433  1.00 118.19 ? 16  GLU B CB  1 
ATOM   937  C CG  . GLU B 2 8   ? 4.459   16.875  10.252  1.00 135.92 ? 16  GLU B CG  1 
ATOM   938  C CD  . GLU B 2 8   ? 3.388   17.942  10.376  1.00 165.67 ? 16  GLU B CD  1 
ATOM   939  O OE1 . GLU B 2 8   ? 2.968   18.231  11.521  1.00 165.77 ? 16  GLU B OE1 1 
ATOM   940  O OE2 . GLU B 2 8   ? 3.001   18.521  9.333   1.00 158.54 ? 16  GLU B OE2 1 
ATOM   941  N N   . GLN B 2 9   ? 6.736   15.088  8.489   1.00 101.46 ? 17  GLN B N   1 
ATOM   942  C CA  . GLN B 2 9   ? 7.416   15.230  7.210   1.00 98.45  ? 17  GLN B CA  1 
ATOM   943  C C   . GLN B 2 9   ? 8.116   13.914  6.884   1.00 96.18  ? 17  GLN B C   1 
ATOM   944  O O   . GLN B 2 9   ? 8.103   13.499  5.730   1.00 96.10  ? 17  GLN B O   1 
ATOM   945  C CB  . GLN B 2 9   ? 8.427   16.386  7.265   1.00 99.70  ? 17  GLN B CB  1 
ATOM   946  C CG  . GLN B 2 9   ? 8.399   17.285  6.031   1.00 114.91 ? 17  GLN B CG  1 
ATOM   947  C CD  . GLN B 2 9   ? 9.441   16.914  4.995   1.00 134.85 ? 17  GLN B CD  1 
ATOM   948  O OE1 . GLN B 2 9   ? 10.652  16.900  5.266   1.00 130.46 ? 17  GLN B OE1 1 
ATOM   949  N NE2 . GLN B 2 9   ? 8.998   16.673  3.762   1.00 124.17 ? 17  GLN B NE2 1 
ATOM   950  N N   . CYS B 2 10  ? 8.703   13.245  7.898   1.00 88.14  ? 18  CYS B N   1 
ATOM   951  C CA  . CYS B 2 10  ? 9.384   11.956  7.742   1.00 85.42  ? 18  CYS B CA  1 
ATOM   952  C C   . CYS B 2 10  ? 8.396   10.857  7.388   1.00 82.36  ? 18  CYS B C   1 
ATOM   953  O O   . CYS B 2 10  ? 8.715   10.006  6.564   1.00 80.40  ? 18  CYS B O   1 
ATOM   954  C CB  . CYS B 2 10  ? 10.182  11.604  8.989   1.00 86.13  ? 18  CYS B CB  1 
ATOM   955  S SG  . CYS B 2 10  ? 11.855  12.292  9.018   1.00 90.28  ? 18  CYS B SG  1 
ATOM   956  N N   . ALA B 2 11  ? 7.194   10.879  8.004   1.00 75.40  ? 19  ALA B N   1 
ATOM   957  C CA  . ALA B 2 11  ? 6.133   9.921   7.710   1.00 73.88  ? 19  ALA B CA  1 
ATOM   958  C C   . ALA B 2 11  ? 5.597   10.088  6.262   1.00 78.45  ? 19  ALA B C   1 
ATOM   959  O O   . ALA B 2 11  ? 5.297   9.082   5.630   1.00 78.24  ? 19  ALA B O   1 
ATOM   960  C CB  . ALA B 2 11  ? 5.022   10.024  8.732   1.00 74.15  ? 19  ALA B CB  1 
ATOM   961  N N   . LYS B 2 12  ? 5.551   11.336  5.707   1.00 75.96  ? 20  LYS B N   1 
ATOM   962  C CA  . LYS B 2 12  ? 5.175   11.582  4.292   1.00 75.36  ? 20  LYS B CA  1 
ATOM   963  C C   . LYS B 2 12  ? 6.299   10.978  3.442   1.00 77.17  ? 20  LYS B C   1 
ATOM   964  O O   . LYS B 2 12  ? 6.029   10.219  2.516   1.00 79.04  ? 20  LYS B O   1 
ATOM   965  C CB  . LYS B 2 12  ? 5.028   13.087  3.950   1.00 77.62  ? 20  LYS B CB  1 
ATOM   966  C CG  . LYS B 2 12  ? 3.788   13.762  4.531   1.00 99.38  ? 20  LYS B CG  1 
ATOM   967  C CD  . LYS B 2 12  ? 3.785   15.268  4.237   1.00 111.93 ? 20  LYS B CD  1 
ATOM   968  C CE  . LYS B 2 12  ? 3.544   16.118  5.469   1.00 119.78 ? 20  LYS B CE  1 
ATOM   969  N NZ  . LYS B 2 12  ? 4.423   17.325  5.494   1.00 124.64 ? 20  LYS B NZ  1 
ATOM   970  N N   . LEU B 2 13  ? 7.550   11.237  3.827   1.00 68.78  ? 21  LEU B N   1 
ATOM   971  C CA  . LEU B 2 13  ? 8.731   10.729  3.154   1.00 67.25  ? 21  LEU B CA  1 
ATOM   972  C C   . LEU B 2 13  ? 8.794   9.204   3.151   1.00 68.40  ? 21  LEU B C   1 
ATOM   973  O O   . LEU B 2 13  ? 9.230   8.623   2.157   1.00 68.48  ? 21  LEU B O   1 
ATOM   974  C CB  . LEU B 2 13  ? 9.960   11.324  3.830   1.00 67.65  ? 21  LEU B CB  1 
ATOM   975  C CG  . LEU B 2 13  ? 10.833  12.221  2.972   1.00 73.66  ? 21  LEU B CG  1 
ATOM   976  C CD1 . LEU B 2 13  ? 10.035  13.364  2.329   1.00 73.75  ? 21  LEU B CD1 1 
ATOM   977  C CD2 . LEU B 2 13  ? 12.003  12.737  3.768   1.00 78.11  ? 21  LEU B CD2 1 
ATOM   978  N N   . PHE B 2 14  ? 8.322   8.562   4.250   1.00 61.69  ? 22  PHE B N   1 
ATOM   979  C CA  . PHE B 2 14  ? 8.281   7.111   4.431   1.00 58.35  ? 22  PHE B CA  1 
ATOM   980  C C   . PHE B 2 14  ? 7.206   6.502   3.536   1.00 62.39  ? 22  PHE B C   1 
ATOM   981  O O   . PHE B 2 14  ? 7.492   5.532   2.836   1.00 62.86  ? 22  PHE B O   1 
ATOM   982  C CB  . PHE B 2 14  ? 8.082   6.735   5.924   1.00 57.85  ? 22  PHE B CB  1 
ATOM   983  C CG  . PHE B 2 14  ? 7.794   5.268   6.192   1.00 56.46  ? 22  PHE B CG  1 
ATOM   984  C CD1 . PHE B 2 14  ? 8.764   4.293   5.952   1.00 57.14  ? 22  PHE B CD1 1 
ATOM   985  C CD2 . PHE B 2 14  ? 6.540   4.859   6.635   1.00 55.12  ? 22  PHE B CD2 1 
ATOM   986  C CE1 . PHE B 2 14  ? 8.478   2.936   6.139   1.00 56.72  ? 22  PHE B CE1 1 
ATOM   987  C CE2 . PHE B 2 14  ? 6.259   3.504   6.835   1.00 56.87  ? 22  PHE B CE2 1 
ATOM   988  C CZ  . PHE B 2 14  ? 7.234   2.552   6.598   1.00 55.04  ? 22  PHE B CZ  1 
ATOM   989  N N   . ILE B 2 15  ? 5.982   7.075   3.546   1.00 58.11  ? 23  ILE B N   1 
ATOM   990  C CA  . ILE B 2 15  ? 4.875   6.618   2.687   1.00 57.51  ? 23  ILE B CA  1 
ATOM   991  C C   . ILE B 2 15  ? 5.239   6.717   1.195   1.00 62.85  ? 23  ILE B C   1 
ATOM   992  O O   . ILE B 2 15  ? 4.965   5.778   0.457   1.00 62.74  ? 23  ILE B O   1 
ATOM   993  C CB  . ILE B 2 15  ? 3.534   7.303   3.020   1.00 59.62  ? 23  ILE B CB  1 
ATOM   994  C CG1 . ILE B 2 15  ? 3.144   7.114   4.523   1.00 58.89  ? 23  ILE B CG1 1 
ATOM   995  C CG2 . ILE B 2 15  ? 2.431   6.813   2.075   1.00 60.05  ? 23  ILE B CG2 1 
ATOM   996  C CD1 . ILE B 2 15  ? 3.098   5.659   5.082   1.00 55.87  ? 23  ILE B CD1 1 
ATOM   997  N N   . GLU B 2 16  ? 5.903   7.816   0.780   1.00 60.88  ? 24  GLU B N   1 
ATOM   998  C CA  . GLU B 2 16  ? 6.415   8.057   -0.576  1.00 61.71  ? 24  GLU B CA  1 
ATOM   999  C C   . GLU B 2 16  ? 7.419   6.972   -1.005  1.00 68.38  ? 24  GLU B C   1 
ATOM   1000 O O   . GLU B 2 16  ? 7.354   6.488   -2.143  1.00 69.22  ? 24  GLU B O   1 
ATOM   1001 C CB  . GLU B 2 16  ? 7.084   9.437   -0.666  1.00 62.88  ? 24  GLU B CB  1 
ATOM   1002 C CG  . GLU B 2 16  ? 6.088   10.578  -0.807  1.00 74.75  ? 24  GLU B CG  1 
ATOM   1003 C CD  . GLU B 2 16  ? 6.684   11.960  -0.983  1.00 103.19 ? 24  GLU B CD  1 
ATOM   1004 O OE1 . GLU B 2 16  ? 5.890   12.926  -1.080  1.00 105.31 ? 24  GLU B OE1 1 
ATOM   1005 O OE2 . GLU B 2 16  ? 7.932   12.082  -1.035  1.00 98.09  ? 24  GLU B OE2 1 
ATOM   1006 N N   . TRP B 2 17  ? 8.336   6.594   -0.079  1.00 63.72  ? 25  TRP B N   1 
ATOM   1007 C CA  . TRP B 2 17  ? 9.334   5.539   -0.249  1.00 62.04  ? 25  TRP B CA  1 
ATOM   1008 C C   . TRP B 2 17  ? 8.653   4.184   -0.450  1.00 66.80  ? 25  TRP B C   1 
ATOM   1009 O O   . TRP B 2 17  ? 9.083   3.395   -1.290  1.00 68.36  ? 25  TRP B O   1 
ATOM   1010 C CB  . TRP B 2 17  ? 10.213  5.482   0.999   1.00 59.75  ? 25  TRP B CB  1 
ATOM   1011 C CG  . TRP B 2 17  ? 11.267  4.411   0.975   1.00 59.53  ? 25  TRP B CG  1 
ATOM   1012 C CD1 . TRP B 2 17  ? 12.417  4.407   0.239   1.00 62.29  ? 25  TRP B CD1 1 
ATOM   1013 C CD2 . TRP B 2 17  ? 11.316  3.240   1.805   1.00 58.39  ? 25  TRP B CD2 1 
ATOM   1014 N NE1 . TRP B 2 17  ? 13.134  3.260   0.493   1.00 61.54  ? 25  TRP B NE1 1 
ATOM   1015 C CE2 . TRP B 2 17  ? 12.513  2.558   1.500   1.00 62.40  ? 25  TRP B CE2 1 
ATOM   1016 C CE3 . TRP B 2 17  ? 10.465  2.698   2.775   1.00 58.21  ? 25  TRP B CE3 1 
ATOM   1017 C CZ2 . TRP B 2 17  ? 12.881  1.367   2.144   1.00 60.32  ? 25  TRP B CZ2 1 
ATOM   1018 C CZ3 . TRP B 2 17  ? 10.835  1.521   3.403   1.00 58.65  ? 25  TRP B CZ3 1 
ATOM   1019 C CH2 . TRP B 2 17  ? 12.041  0.883   3.100   1.00 58.73  ? 25  TRP B CH2 1 
ATOM   1020 N N   . LEU B 2 18  ? 7.610   3.912   0.338   1.00 62.24  ? 26  LEU B N   1 
ATOM   1021 C CA  . LEU B 2 18  ? 6.800   2.700   0.267   1.00 62.14  ? 26  LEU B CA  1 
ATOM   1022 C C   . LEU B 2 18  ? 6.096   2.675   -1.070  1.00 66.61  ? 26  LEU B C   1 
ATOM   1023 O O   . LEU B 2 18  ? 6.066   1.625   -1.699  1.00 66.38  ? 26  LEU B O   1 
ATOM   1024 C CB  . LEU B 2 18  ? 5.745   2.749   1.389   1.00 62.29  ? 26  LEU B CB  1 
ATOM   1025 C CG  . LEU B 2 18  ? 5.721   1.706   2.510   1.00 65.63  ? 26  LEU B CG  1 
ATOM   1026 C CD1 . LEU B 2 18  ? 7.102   1.205   2.900   1.00 64.35  ? 26  LEU B CD1 1 
ATOM   1027 C CD2 . LEU B 2 18  ? 4.924   2.230   3.684   1.00 65.66  ? 26  LEU B CD2 1 
HETATM 1028 N N   . AIB B 2 19  ? 5.545   3.848   -1.523  1.00 63.53  ? 27  AIB B N   1 
HETATM 1029 C CA  . AIB B 2 19  ? 4.823   4.030   -2.806  1.00 62.57  ? 27  AIB B CA  1 
HETATM 1030 C C   . AIB B 2 19  ? 5.735   3.646   -4.001  1.00 67.45  ? 27  AIB B C   1 
HETATM 1031 O O   . AIB B 2 19  ? 5.267   3.078   -4.984  1.00 67.73  ? 27  AIB B O   1 
HETATM 1032 C CB1 . AIB B 2 19  ? 3.504   3.199   -2.795  1.00 60.73  ? 27  AIB B CB1 1 
HETATM 1033 C CB2 . AIB B 2 19  ? 4.375   5.518   -2.959  1.00 61.68  ? 27  AIB B CB2 1 
ATOM   1034 N N   . ALA B 2 20  ? 7.045   3.965   -3.897  1.00 63.51  ? 28  ALA B N   1 
ATOM   1035 C CA  . ALA B 2 20  ? 8.072   3.708   -4.913  1.00 62.47  ? 28  ALA B CA  1 
ATOM   1036 C C   . ALA B 2 20  ? 8.522   2.275   -4.976  1.00 70.75  ? 28  ALA B C   1 
ATOM   1037 O O   . ALA B 2 20  ? 9.170   1.910   -5.956  1.00 72.20  ? 28  ALA B O   1 
ATOM   1038 C CB  . ALA B 2 20  ? 9.270   4.604   -4.690  1.00 62.23  ? 28  ALA B CB  1 
ATOM   1039 N N   . GLY B 2 21  ? 8.215   1.487   -3.939  1.00 68.85  ? 29  GLY B N   1 
ATOM   1040 C CA  . GLY B 2 21  ? 8.570   0.071   -3.849  1.00 68.67  ? 29  GLY B CA  1 
ATOM   1041 C C   . GLY B 2 21  ? 9.263   -0.363  -2.563  1.00 72.42  ? 29  GLY B C   1 
ATOM   1042 O O   . GLY B 2 21  ? 9.631   -1.534  -2.412  1.00 70.67  ? 29  GLY B O   1 
ATOM   1043 N N   . GLY B 2 22  ? 9.434   0.570   -1.633  1.00 70.18  ? 30  GLY B N   1 
ATOM   1044 C CA  . GLY B 2 22  ? 10.093  0.288   -0.361  1.00 70.44  ? 30  GLY B CA  1 
ATOM   1045 C C   . GLY B 2 22  ? 11.492  -0.234  -0.600  1.00 74.10  ? 30  GLY B C   1 
ATOM   1046 O O   . GLY B 2 22  ? 12.189  0.306   -1.460  1.00 73.47  ? 30  GLY B O   1 
ATOM   1047 N N   . PRO B 2 23  ? 11.889  -1.332  0.083   1.00 71.60  ? 31  PRO B N   1 
ATOM   1048 C CA  . PRO B 2 23  ? 13.230  -1.933  -0.159  1.00 71.67  ? 31  PRO B CA  1 
ATOM   1049 C C   . PRO B 2 23  ? 13.602  -2.138  -1.638  1.00 78.41  ? 31  PRO B C   1 
ATOM   1050 O O   . PRO B 2 23  ? 14.702  -1.742  -2.043  1.00 78.01  ? 31  PRO B O   1 
ATOM   1051 C CB  . PRO B 2 23  ? 13.154  -3.294  0.536   1.00 72.84  ? 31  PRO B CB  1 
ATOM   1052 C CG  . PRO B 2 23  ? 11.800  -3.389  1.143   1.00 77.39  ? 31  PRO B CG  1 
ATOM   1053 C CD  . PRO B 2 23  ? 11.144  -2.061  1.130   1.00 73.06  ? 31  PRO B CD  1 
ATOM   1054 N N   . SER B 2 24  ? 12.649  -2.695  -2.445  1.00 76.02  ? 32  SER B N   1 
ATOM   1055 C CA  . SER B 2 24  ? 12.730  -2.984  -3.896  1.00 75.91  ? 32  SER B CA  1 
ATOM   1056 C C   . SER B 2 24  ? 12.976  -1.769  -4.807  1.00 80.19  ? 32  SER B C   1 
ATOM   1057 O O   . SER B 2 24  ? 13.297  -1.968  -5.977  1.00 80.89  ? 32  SER B O   1 
ATOM   1058 C CB  . SER B 2 24  ? 11.460  -3.692  -4.375  1.00 79.83  ? 32  SER B CB  1 
ATOM   1059 O OG  . SER B 2 24  ? 10.651  -4.176  -3.311  1.00 94.66  ? 32  SER B OG  1 
ATOM   1060 N N   . SER B 2 25  ? 12.796  -0.529  -4.297  1.00 75.75  ? 33  SER B N   1 
ATOM   1061 C CA  . SER B 2 25  ? 12.905  0.716   -5.058  1.00 75.06  ? 33  SER B CA  1 
ATOM   1062 C C   . SER B 2 25  ? 14.308  1.147   -5.435  1.00 81.50  ? 33  SER B C   1 
ATOM   1063 O O   . SER B 2 25  ? 14.462  1.909   -6.397  1.00 82.18  ? 33  SER B O   1 
ATOM   1064 C CB  . SER B 2 25  ? 12.217  1.859   -4.318  1.00 77.45  ? 33  SER B CB  1 
ATOM   1065 O OG  . SER B 2 25  ? 12.940  2.288   -3.175  1.00 81.52  ? 33  SER B OG  1 
ATOM   1066 N N   . GLY B 2 26  ? 15.298  0.752   -4.631  1.00 78.29  ? 34  GLY B N   1 
ATOM   1067 C CA  . GLY B 2 26  ? 16.687  1.151   -4.838  1.00 77.96  ? 34  GLY B CA  1 
ATOM   1068 C C   . GLY B 2 26  ? 17.045  2.470   -4.180  1.00 82.74  ? 34  GLY B C   1 
ATOM   1069 O O   . GLY B 2 26  ? 18.231  2.808   -4.057  1.00 83.64  ? 34  GLY B O   1 
ATOM   1070 N N   . ALA B 2 27  ? 16.022  3.244   -3.776  1.00 78.09  ? 35  ALA B N   1 
ATOM   1071 C CA  . ALA B 2 27  ? 16.202  4.512   -3.081  1.00 77.38  ? 35  ALA B CA  1 
ATOM   1072 C C   . ALA B 2 27  ? 16.376  4.221   -1.588  1.00 78.69  ? 35  ALA B C   1 
ATOM   1073 O O   . ALA B 2 27  ? 15.664  3.374   -1.061  1.00 78.42  ? 35  ALA B O   1 
ATOM   1074 C CB  . ALA B 2 27  ? 14.994  5.406   -3.301  1.00 78.30  ? 35  ALA B CB  1 
ATOM   1075 N N   . PRO B 2 28  ? 17.315  4.877   -0.882  1.00 74.11  ? 36  PRO B N   1 
ATOM   1076 C CA  . PRO B 2 28  ? 17.479  4.584   0.563   1.00 74.00  ? 36  PRO B CA  1 
ATOM   1077 C C   . PRO B 2 28  ? 16.282  4.979   1.431   1.00 77.48  ? 36  PRO B C   1 
ATOM   1078 O O   . PRO B 2 28  ? 15.590  5.947   1.078   1.00 78.28  ? 36  PRO B O   1 
ATOM   1079 C CB  . PRO B 2 28  ? 18.720  5.389   0.958   1.00 75.43  ? 36  PRO B CB  1 
ATOM   1080 C CG  . PRO B 2 28  ? 18.813  6.464   -0.077  1.00 80.01  ? 36  PRO B CG  1 
ATOM   1081 C CD  . PRO B 2 28  ? 18.273  5.898   -1.346  1.00 75.15  ? 36  PRO B CD  1 
ATOM   1082 N N   . PRO B 2 29  ? 16.034  4.264   2.566   1.00 72.03  ? 37  PRO B N   1 
ATOM   1083 C CA  . PRO B 2 29  ? 14.931  4.667   3.471   1.00 72.05  ? 37  PRO B CA  1 
ATOM   1084 C C   . PRO B 2 29  ? 15.080  6.127   3.957   1.00 77.93  ? 37  PRO B C   1 
ATOM   1085 O O   . PRO B 2 29  ? 16.202  6.583   4.170   1.00 77.14  ? 37  PRO B O   1 
ATOM   1086 C CB  . PRO B 2 29  ? 15.023  3.651   4.615   1.00 73.72  ? 37  PRO B CB  1 
ATOM   1087 C CG  . PRO B 2 29  ? 15.828  2.489   4.075   1.00 76.93  ? 37  PRO B CG  1 
ATOM   1088 C CD  . PRO B 2 29  ? 16.782  3.108   3.108   1.00 72.52  ? 37  PRO B CD  1 
ATOM   1089 N N   . PRO B 2 30  ? 13.970  6.894   4.083   1.00 77.02  ? 38  PRO B N   1 
ATOM   1090 C CA  . PRO B 2 30  ? 14.061  8.337   4.384   1.00 78.03  ? 38  PRO B CA  1 
ATOM   1091 C C   . PRO B 2 30  ? 14.800  8.836   5.653   1.00 86.95  ? 38  PRO B C   1 
ATOM   1092 O O   . PRO B 2 30  ? 15.766  9.596   5.491   1.00 88.98  ? 38  PRO B O   1 
ATOM   1093 C CB  . PRO B 2 30  ? 12.594  8.762   4.440   1.00 79.03  ? 38  PRO B CB  1 
ATOM   1094 C CG  . PRO B 2 30  ? 11.838  7.507   4.647   1.00 82.38  ? 38  PRO B CG  1 
ATOM   1095 C CD  . PRO B 2 30  ? 12.571  6.527   3.817   1.00 78.06  ? 38  PRO B CD  1 
ATOM   1096 N N   . CYS B 2 31  ? 14.305  8.552   6.881   1.00 83.71  ? 39  CYS B N   1 
ATOM   1097 C CA  . CYS B 2 31  ? 14.911  9.092   8.106   1.00 83.77  ? 39  CYS B CA  1 
ATOM   1098 C C   . CYS B 2 31  ? 15.407  8.001   9.034   1.00 82.28  ? 39  CYS B C   1 
ATOM   1099 O O   . CYS B 2 31  ? 16.400  7.348   8.739   1.00 81.26  ? 39  CYS B O   1 
ATOM   1100 C CB  . CYS B 2 31  ? 13.958  10.047  8.835   1.00 85.65  ? 39  CYS B CB  1 
ATOM   1101 S SG  . CYS B 2 31  ? 12.962  11.118  7.761   1.00 90.35  ? 39  CYS B SG  1 
HETATM 1102 N N   . NH2 B 2 32  ? 14.870  7.962   10.244  1.00 76.80  ? 40  NH2 B N   1 
HETATM 1103 S S   . SO4 C 3 .   ? 7.104   -4.271  16.571  0.96 89.19  ? 201 SO4 A S   1 
HETATM 1104 O O1  . SO4 C 3 .   ? 5.869   -4.655  17.244  0.96 88.44  ? 201 SO4 A O1  1 
HETATM 1105 O O2  . SO4 C 3 .   ? 7.551   -2.978  17.099  0.96 87.14  ? 201 SO4 A O2  1 
HETATM 1106 O O3  . SO4 C 3 .   ? 8.175   -5.281  16.750  0.96 88.45  ? 201 SO4 A O3  1 
HETATM 1107 O O4  . SO4 C 3 .   ? 6.777   -4.165  15.151  0.96 90.61  ? 201 SO4 A O4  1 
HETATM 1108 S S   . SO4 D 3 .   ? -4.344  -6.534  6.411   0.80 140.94 ? 202 SO4 A S   1 
HETATM 1109 O O1  . SO4 D 3 .   ? -3.217  -5.758  6.926   0.80 140.42 ? 202 SO4 A O1  1 
HETATM 1110 O O2  . SO4 D 3 .   ? -5.559  -6.135  7.123   0.80 140.74 ? 202 SO4 A O2  1 
HETATM 1111 O O3  . SO4 D 3 .   ? -4.107  -7.960  6.607   0.80 141.84 ? 202 SO4 A O3  1 
HETATM 1112 O O4  . SO4 D 3 .   ? -4.493  -6.290  4.979   0.80 140.81 ? 202 SO4 A O4  1 
HETATM 1113 O O1  . HEZ E 4 .   ? -0.077  11.780  -0.614  0.99 87.14  ? 203 HEZ A O1  1 
HETATM 1114 C C1  . HEZ E 4 .   ? 1.325   11.687  -0.279  0.99 90.54  ? 203 HEZ A C1  1 
HETATM 1115 C C2  . HEZ E 4 .   ? 1.893   10.274  -0.471  0.99 89.59  ? 203 HEZ A C2  1 
HETATM 1116 C C3  . HEZ E 4 .   ? 1.814   9.821   -1.935  0.99 90.02  ? 203 HEZ A C3  1 
HETATM 1117 C C4  . HEZ E 4 .   ? 1.432   8.355   -2.158  0.99 88.79  ? 203 HEZ A C4  1 
HETATM 1118 C C5  . HEZ E 4 .   ? -0.043  8.061   -1.878  0.99 86.57  ? 203 HEZ A C5  1 
HETATM 1119 C C6  . HEZ E 4 .   ? -0.159  7.277   -0.571  0.99 84.55  ? 203 HEZ A C6  1 
HETATM 1120 O O6  . HEZ E 4 .   ? -1.524  7.066   -0.201  0.99 83.11  ? 203 HEZ A O6  1 
HETATM 1121 O O1  . HEZ F 4 .   ? 13.871  5.936   7.098   1.00 68.92  ? 101 HEZ B O1  1 
HETATM 1122 C C1  . HEZ F 4 .   ? 13.844  4.633   7.704   1.00 64.56  ? 101 HEZ B C1  1 
HETATM 1123 C C2  . HEZ F 4 .   ? 12.559  3.897   7.360   1.00 60.20  ? 101 HEZ B C2  1 
HETATM 1124 C C3  . HEZ F 4 .   ? 12.804  2.435   7.666   1.00 60.67  ? 101 HEZ B C3  1 
HETATM 1125 C C4  . HEZ F 4 .   ? 11.516  1.757   8.097   1.00 60.53  ? 101 HEZ B C4  1 
HETATM 1126 C C5  . HEZ F 4 .   ? 11.679  0.250   8.001   1.00 59.37  ? 101 HEZ B C5  1 
HETATM 1127 C C6  . HEZ F 4 .   ? 11.818  -0.352  9.387   1.00 59.49  ? 101 HEZ B C6  1 
HETATM 1128 O O6  . HEZ F 4 .   ? 10.927  -1.460  9.474   1.00 61.62  ? 101 HEZ B O6  1 
HETATM 1129 O O   . HOH G 5 .   ? -7.224  5.048   -5.934  1.00 60.25  ? 301 HOH A O   1 
HETATM 1130 O O   . HOH G 5 .   ? -5.520  -2.350  2.852   1.00 60.87  ? 302 HOH A O   1 
HETATM 1131 O O   . HOH G 5 .   ? 2.928   -1.023  -14.860 1.00 65.80  ? 303 HOH A O   1 
HETATM 1132 O O   . HOH G 5 .   ? -12.504 -2.978  -8.307  1.00 62.41  ? 304 HOH A O   1 
HETATM 1133 O O   . HOH G 5 .   ? -0.451  0.104   16.669  1.00 77.59  ? 305 HOH A O   1 
HETATM 1134 O O   . HOH G 5 .   ? 2.577   -1.477  -24.967 1.00 68.96  ? 306 HOH A O   1 
HETATM 1135 O O   . HOH G 5 .   ? -0.444  -13.949 -10.585 1.00 73.79  ? 307 HOH A O   1 
HETATM 1136 O O   . HOH G 5 .   ? -3.191  -19.134 -11.527 1.00 74.91  ? 308 HOH A O   1 
HETATM 1137 O O   . HOH G 5 .   ? 3.306   24.397  0.736   1.00 80.47  ? 309 HOH A O   1 
HETATM 1138 O O   . HOH G 5 .   ? -1.509  -16.736 -12.305 1.00 82.08  ? 310 HOH A O   1 
HETATM 1139 O O   . HOH G 5 .   ? 3.561   4.434   -7.118  1.00 72.34  ? 311 HOH A O   1 
HETATM 1140 O O   . HOH G 5 .   ? 2.465   -12.772 10.873  1.00 62.60  ? 312 HOH A O   1 
HETATM 1141 O O   . HOH G 5 .   ? 8.927   -5.961  3.990   1.00 71.39  ? 313 HOH A O   1 
HETATM 1142 O O   . HOH G 5 .   ? -10.534 -10.530 -6.107  1.00 69.42  ? 314 HOH A O   1 
HETATM 1143 O O   . HOH G 5 .   ? -5.755  -15.050 -22.373 1.00 72.23  ? 315 HOH A O   1 
HETATM 1144 O O   . HOH G 5 .   ? -5.755  8.584   10.901  1.00 70.34  ? 316 HOH A O   1 
HETATM 1145 O O   . HOH G 5 .   ? -5.611  -13.597 0.698   1.00 73.37  ? 317 HOH A O   1 
HETATM 1146 O O   . HOH G 5 .   ? 7.573   -4.617  -3.686  1.00 86.90  ? 318 HOH A O   1 
HETATM 1147 O O   . HOH G 5 .   ? -12.372 8.617   1.007   1.00 75.05  ? 319 HOH A O   1 
HETATM 1148 O O   . HOH G 5 .   ? -15.792 -14.234 -15.584 1.00 99.96  ? 320 HOH A O   1 
HETATM 1149 O O   . HOH G 5 .   ? 1.592   -21.069 2.111   1.00 84.15  ? 321 HOH A O   1 
HETATM 1150 O O   . HOH G 5 .   ? 10.534  -6.877  18.156  1.00 73.65  ? 322 HOH A O   1 
HETATM 1151 O O   . HOH G 5 .   ? 12.039  5.016   -23.845 1.00 75.97  ? 323 HOH A O   1 
HETATM 1152 O O   . HOH G 5 .   ? 7.782   -8.551  2.833   1.00 83.99  ? 324 HOH A O   1 
HETATM 1153 O O   . HOH G 5 .   ? 2.986   1.609   -9.345  1.00 77.53  ? 325 HOH A O   1 
HETATM 1154 O O   . HOH G 5 .   ? -2.950  18.242  5.049   1.00 95.37  ? 326 HOH A O   1 
HETATM 1155 O O   . HOH G 5 .   ? 4.864   -11.921 -5.449  1.00 75.78  ? 327 HOH A O   1 
HETATM 1156 O O   . HOH G 5 .   ? -10.403 -15.235 -6.323  1.00 77.80  ? 328 HOH A O   1 
HETATM 1157 O O   . HOH G 5 .   ? 2.495   -9.494  -12.091 1.00 69.41  ? 329 HOH A O   1 
HETATM 1158 O O   . HOH G 5 .   ? -15.150 -8.843  -14.634 1.00 76.59  ? 330 HOH A O   1 
HETATM 1159 O O   . HOH G 5 .   ? 0.449   -7.251  -18.854 0.50 108.48 ? 331 HOH A O   1 
HETATM 1160 O O   . HOH G 5 .   ? -8.607  11.946  -0.722  1.00 86.98  ? 332 HOH A O   1 
HETATM 1161 O O   . HOH G 5 .   ? 4.474   -13.130 -3.020  1.00 76.54  ? 333 HOH A O   1 
HETATM 1162 O O   . HOH G 5 .   ? -10.385 -26.028 -11.646 1.00 79.59  ? 334 HOH A O   1 
HETATM 1163 O O   . HOH G 5 .   ? -5.957  -10.347 1.502   1.00 76.15  ? 335 HOH A O   1 
HETATM 1164 O O   . HOH G 5 .   ? -7.482  -28.748 -16.625 1.00 74.99  ? 336 HOH A O   1 
HETATM 1165 O O   . HOH G 5 .   ? -7.060  -1.360  12.628  1.00 72.75  ? 337 HOH A O   1 
HETATM 1166 O O   . HOH G 5 .   ? -9.457  20.081  -4.424  1.00 89.82  ? 338 HOH A O   1 
HETATM 1167 O O   . HOH G 5 .   ? 2.455   6.073   -10.947 1.00 81.13  ? 339 HOH A O   1 
HETATM 1168 O O   . HOH H 5 .   ? 5.133   -0.422  -3.164  1.00 56.32  ? 201 HOH B O   1 
HETATM 1169 O O   . HOH H 5 .   ? 17.395  9.483   2.840   1.00 73.63  ? 202 HOH B O   1 
HETATM 1170 O O   . HOH H 5 .   ? 4.402   17.058  1.284   1.00 70.73  ? 203 HOH B O   1 
# 
